data_1J4A
#
_entry.id   1J4A
#
_cell.length_a   94.300
_cell.length_b   188.000
_cell.length_c   193.400
_cell.angle_alpha   90.00
_cell.angle_beta   90.00
_cell.angle_gamma   90.00
#
_symmetry.space_group_name_H-M   'C 2 2 21'
#
loop_
_entity.id
_entity.type
_entity.pdbx_description
1 polymer 'D-LACTATE DEHYDROGENASE'
2 non-polymer 'SULFATE ION'
3 water water
#
_entity_poly.entity_id   1
_entity_poly.type   'polypeptide(L)'
_entity_poly.pdbx_seq_one_letter_code
;MTKIFAYAIREDEKPFLKEWEDAHKDVEVEYTDKLLTPETVALAKGADGVVVYQQLDYIAETLQALADNGITKMSLRNVG
VDNIDMAKAKELGFQITNVPVYSPNAIAEHAAIQAARILRQDKAMDEKVARHDLRWAPTIGREVRDQVVGVVGTGHIGQV
FMQIMEGFGAKVITYDIFRNPELEKKGYYVDSLDDLYKQADVISLHVPDVPANVHMINDESIAKMKQDVVIVNVSRGPLV
DTDAVIRGLDSGKIFGYAMDVYEGEVGIFNEDWEGKEFPDARLADLIARPNVLVTPKTAFYTTHAVRNMVVKAFDNNLEL
VEGKEAETPVKVG
;
_entity_poly.pdbx_strand_id   A,B,C,D
#
# COMPACT_ATOMS: atom_id res chain seq x y z
N THR A 2 -23.63 -21.17 60.57
CA THR A 2 -23.15 -20.16 59.58
C THR A 2 -23.41 -20.61 58.15
N LYS A 3 -24.05 -19.77 57.36
CA LYS A 3 -24.39 -20.13 56.00
C LYS A 3 -24.03 -19.03 54.99
N ILE A 4 -23.50 -19.47 53.85
CA ILE A 4 -23.22 -18.57 52.72
C ILE A 4 -23.89 -19.09 51.46
N PHE A 5 -24.67 -18.29 50.75
CA PHE A 5 -25.28 -18.61 49.49
C PHE A 5 -24.58 -17.90 48.32
N ALA A 6 -24.21 -18.69 47.30
CA ALA A 6 -23.56 -18.10 46.11
C ALA A 6 -24.45 -18.07 44.89
N TYR A 7 -24.32 -17.03 44.08
CA TYR A 7 -25.01 -16.88 42.83
C TYR A 7 -24.09 -17.01 41.60
N ALA A 8 -24.69 -17.31 40.47
CA ALA A 8 -24.01 -17.41 39.18
C ALA A 8 -22.83 -18.35 39.19
N ILE A 9 -22.91 -19.42 39.98
CA ILE A 9 -21.82 -20.39 40.06
C ILE A 9 -21.75 -21.20 38.76
N ARG A 10 -20.54 -21.22 38.19
CA ARG A 10 -20.24 -21.94 36.96
C ARG A 10 -19.68 -23.32 37.28
N GLU A 11 -19.80 -24.22 36.32
CA GLU A 11 -19.19 -25.56 36.46
C GLU A 11 -17.72 -25.45 36.85
N ASP A 12 -17.04 -24.52 36.17
CA ASP A 12 -15.61 -24.32 36.35
C ASP A 12 -15.26 -23.75 37.71
N GLU A 13 -16.25 -23.19 38.43
CA GLU A 13 -15.99 -22.69 39.78
C GLU A 13 -16.24 -23.73 40.86
N LYS A 14 -16.94 -24.81 40.51
CA LYS A 14 -17.33 -25.84 41.47
C LYS A 14 -16.21 -26.48 42.23
N PRO A 15 -15.11 -26.86 41.60
CA PRO A 15 -13.97 -27.48 42.25
C PRO A 15 -13.39 -26.62 43.36
N PHE A 16 -13.38 -25.30 43.17
CA PHE A 16 -12.82 -24.37 44.15
C PHE A 16 -13.79 -24.12 45.31
N LEU A 17 -15.08 -24.09 45.04
CA LEU A 17 -16.12 -24.04 46.05
C LEU A 17 -15.98 -25.24 47.00
N LYS A 18 -15.77 -26.42 46.41
CA LYS A 18 -15.58 -27.63 47.20
C LYS A 18 -14.35 -27.47 48.08
N GLU A 19 -13.27 -26.98 47.47
CA GLU A 19 -12.04 -26.81 48.22
C GLU A 19 -12.27 -25.88 49.41
N TRP A 20 -13.00 -24.78 49.23
CA TRP A 20 -13.27 -23.90 50.36
C TRP A 20 -14.15 -24.60 51.41
N GLU A 21 -15.16 -25.31 50.95
CA GLU A 21 -16.05 -26.06 51.83
C GLU A 21 -15.27 -27.06 52.68
N ASP A 22 -14.49 -27.92 52.03
CA ASP A 22 -13.66 -28.88 52.75
C ASP A 22 -12.78 -28.22 53.81
N ALA A 23 -12.43 -26.95 53.64
CA ALA A 23 -11.60 -26.24 54.60
C ALA A 23 -12.38 -25.50 55.68
N HIS A 24 -13.70 -25.41 55.51
CA HIS A 24 -14.57 -24.72 56.46
C HIS A 24 -15.80 -25.59 56.74
N LYS A 25 -15.56 -26.81 57.19
CA LYS A 25 -16.62 -27.78 57.38
C LYS A 25 -17.72 -27.29 58.32
N ASP A 26 -17.41 -26.34 59.18
CA ASP A 26 -18.41 -25.76 60.07
C ASP A 26 -19.32 -24.73 59.40
N VAL A 27 -19.12 -24.47 58.11
CA VAL A 27 -19.94 -23.50 57.40
C VAL A 27 -20.79 -24.19 56.33
N GLU A 28 -22.06 -23.86 56.25
CA GLU A 28 -22.93 -24.42 55.23
C GLU A 28 -22.85 -23.57 53.96
N VAL A 29 -22.63 -24.22 52.81
CA VAL A 29 -22.62 -23.49 51.54
C VAL A 29 -23.64 -24.05 50.56
N GLU A 30 -24.53 -23.22 50.06
CA GLU A 30 -25.43 -23.58 48.98
C GLU A 30 -25.30 -22.56 47.87
N TYR A 31 -25.71 -22.93 46.66
CA TYR A 31 -25.61 -22.00 45.55
C TYR A 31 -26.59 -22.31 44.43
N THR A 32 -26.68 -21.38 43.49
CA THR A 32 -27.39 -21.54 42.24
C THR A 32 -26.57 -21.05 41.04
N ASP A 33 -26.98 -21.40 39.83
CA ASP A 33 -26.29 -20.94 38.62
C ASP A 33 -26.96 -19.68 38.10
N LYS A 34 -28.13 -19.38 38.66
CA LYS A 34 -28.86 -18.19 38.26
C LYS A 34 -28.16 -16.92 38.76
N LEU A 35 -28.45 -15.82 38.08
CA LEU A 35 -27.99 -14.51 38.50
C LEU A 35 -28.81 -14.03 39.69
N LEU A 36 -28.31 -13.01 40.38
CA LEU A 36 -29.03 -12.41 41.49
C LEU A 36 -29.95 -11.32 40.95
N THR A 37 -31.25 -11.54 41.11
CA THR A 37 -32.29 -10.59 40.70
C THR A 37 -33.25 -10.42 41.89
N PRO A 38 -34.24 -9.58 41.73
CA PRO A 38 -35.25 -9.36 42.76
C PRO A 38 -36.04 -10.65 42.98
N GLU A 39 -36.13 -11.47 41.93
CA GLU A 39 -36.83 -12.75 42.00
C GLU A 39 -35.98 -13.86 42.59
N THR A 40 -34.65 -13.79 42.47
CA THR A 40 -33.81 -14.87 42.98
C THR A 40 -33.24 -14.58 44.36
N VAL A 41 -33.48 -13.37 44.87
CA VAL A 41 -33.02 -13.02 46.21
C VAL A 41 -33.52 -13.95 47.30
N ALA A 42 -34.71 -14.55 47.17
CA ALA A 42 -35.26 -15.40 48.22
C ALA A 42 -34.46 -16.67 48.44
N LEU A 43 -33.73 -17.09 47.39
CA LEU A 43 -32.88 -18.28 47.54
C LEU A 43 -31.85 -18.07 48.63
N ALA A 44 -31.57 -16.80 48.96
CA ALA A 44 -30.60 -16.49 49.98
C ALA A 44 -31.19 -16.49 51.38
N LYS A 45 -32.51 -16.39 51.47
CA LYS A 45 -33.18 -16.39 52.77
C LYS A 45 -32.62 -17.47 53.68
N GLY A 46 -32.12 -17.07 54.84
CA GLY A 46 -31.54 -17.99 55.81
C GLY A 46 -30.03 -17.95 55.79
N ALA A 47 -29.44 -17.36 54.76
CA ALA A 47 -27.98 -17.23 54.71
C ALA A 47 -27.50 -15.99 55.46
N ASP A 48 -26.27 -16.03 55.94
CA ASP A 48 -25.69 -14.87 56.64
C ASP A 48 -25.07 -13.87 55.67
N GLY A 49 -24.79 -14.30 54.45
CA GLY A 49 -24.22 -13.43 53.42
C GLY A 49 -24.20 -14.14 52.06
N VAL A 50 -23.99 -13.35 50.99
CA VAL A 50 -23.94 -13.91 49.65
C VAL A 50 -22.64 -13.61 48.88
N VAL A 51 -22.32 -14.54 47.99
CA VAL A 51 -21.16 -14.43 47.11
C VAL A 51 -21.68 -14.30 45.68
N VAL A 52 -21.32 -13.23 44.98
CA VAL A 52 -21.90 -12.94 43.68
C VAL A 52 -20.83 -12.62 42.62
N TYR A 53 -21.27 -12.57 41.39
CA TYR A 53 -20.45 -12.24 40.22
C TYR A 53 -21.38 -12.12 39.02
N GLN A 54 -21.56 -10.92 38.49
CA GLN A 54 -22.43 -10.75 37.34
C GLN A 54 -22.26 -9.35 36.76
N GLN A 55 -22.62 -9.19 35.50
CA GLN A 55 -22.67 -7.88 34.87
C GLN A 55 -24.03 -7.24 35.10
N LEU A 56 -25.06 -8.08 35.17
CA LEU A 56 -26.41 -7.64 35.53
C LEU A 56 -26.34 -6.79 36.80
N ASP A 57 -26.75 -5.52 36.69
CA ASP A 57 -26.69 -4.58 37.79
C ASP A 57 -27.30 -5.02 39.11
N TYR A 58 -26.60 -4.66 40.19
CA TYR A 58 -27.11 -4.86 41.55
C TYR A 58 -28.00 -3.65 41.87
N ILE A 59 -29.21 -3.69 41.33
CA ILE A 59 -30.15 -2.59 41.45
C ILE A 59 -30.70 -2.39 42.86
N ALA A 60 -31.36 -1.24 43.05
CA ALA A 60 -31.97 -0.92 44.33
C ALA A 60 -32.98 -2.03 44.69
N GLU A 61 -33.82 -2.32 43.72
CA GLU A 61 -34.81 -3.39 43.90
C GLU A 61 -34.13 -4.67 44.38
N THR A 62 -33.05 -5.03 43.68
CA THR A 62 -32.32 -6.25 44.03
C THR A 62 -31.70 -6.15 45.40
N LEU A 63 -31.10 -5.01 45.73
CA LEU A 63 -30.53 -4.85 47.07
C LEU A 63 -31.62 -4.85 48.13
N GLN A 64 -32.79 -4.30 47.80
CA GLN A 64 -33.91 -4.32 48.73
C GLN A 64 -34.41 -5.76 48.93
N ALA A 65 -34.41 -6.51 47.84
CA ALA A 65 -34.92 -7.89 47.91
C ALA A 65 -34.01 -8.69 48.83
N LEU A 66 -32.70 -8.46 48.70
CA LEU A 66 -31.74 -9.12 49.57
C LEU A 66 -31.91 -8.68 51.02
N ALA A 67 -31.96 -7.37 51.25
CA ALA A 67 -32.15 -6.87 52.61
C ALA A 67 -33.40 -7.52 53.23
N ASP A 68 -34.47 -7.53 52.45
CA ASP A 68 -35.74 -8.11 52.88
C ASP A 68 -35.62 -9.58 53.22
N ASN A 69 -34.57 -10.22 52.72
CA ASN A 69 -34.36 -11.65 52.96
C ASN A 69 -33.23 -11.88 53.96
N GLY A 70 -32.89 -10.83 54.69
CA GLY A 70 -31.90 -10.90 55.74
C GLY A 70 -30.45 -10.87 55.29
N ILE A 71 -30.19 -10.38 54.09
CA ILE A 71 -28.82 -10.33 53.58
C ILE A 71 -28.31 -8.90 53.52
N THR A 72 -27.21 -8.65 54.23
CA THR A 72 -26.59 -7.32 54.19
C THR A 72 -25.08 -7.40 54.01
N LYS A 73 -24.61 -8.60 53.69
CA LYS A 73 -23.18 -8.88 53.49
C LYS A 73 -22.97 -9.52 52.12
N MET A 74 -22.39 -8.77 51.18
CA MET A 74 -22.29 -9.21 49.78
C MET A 74 -20.85 -9.15 49.26
N SER A 75 -20.33 -10.32 48.84
CA SER A 75 -18.94 -10.43 48.45
C SER A 75 -18.78 -10.82 46.98
N LEU A 76 -18.27 -9.89 46.19
CA LEU A 76 -18.08 -10.10 44.76
C LEU A 76 -16.86 -10.98 44.49
N ARG A 77 -16.98 -11.78 43.43
CA ARG A 77 -15.85 -12.63 43.02
C ARG A 77 -14.93 -11.90 42.03
N ASN A 78 -15.44 -10.83 41.45
CA ASN A 78 -14.71 -10.06 40.44
C ASN A 78 -14.25 -8.71 40.97
N VAL A 79 -13.73 -7.85 40.10
CA VAL A 79 -13.13 -6.60 40.53
C VAL A 79 -14.12 -5.43 40.57
N GLY A 80 -14.79 -5.21 39.47
CA GLY A 80 -15.65 -4.04 39.29
C GLY A 80 -16.84 -3.99 40.23
N VAL A 81 -17.02 -2.80 40.80
CA VAL A 81 -18.14 -2.51 41.70
C VAL A 81 -19.05 -1.43 41.12
N ASP A 82 -18.91 -1.14 39.83
CA ASP A 82 -19.60 -0.06 39.18
C ASP A 82 -21.06 -0.30 38.84
N ASN A 83 -21.51 -1.55 38.88
CA ASN A 83 -22.90 -1.84 38.51
C ASN A 83 -23.72 -2.06 39.78
N ILE A 84 -23.23 -1.50 40.89
CA ILE A 84 -23.94 -1.52 42.16
C ILE A 84 -24.52 -0.16 42.55
N ASP A 85 -25.82 -0.12 42.85
CA ASP A 85 -26.45 1.11 43.38
C ASP A 85 -25.90 1.40 44.77
N MET A 86 -24.88 2.25 44.85
CA MET A 86 -24.21 2.51 46.12
C MET A 86 -25.08 3.26 47.12
N ALA A 87 -25.89 4.19 46.65
CA ALA A 87 -26.77 4.95 47.54
C ALA A 87 -27.62 3.98 48.37
N LYS A 88 -28.35 3.14 47.64
CA LYS A 88 -29.25 2.17 48.25
C LYS A 88 -28.52 1.23 49.19
N ALA A 89 -27.31 0.84 48.77
CA ALA A 89 -26.52 -0.10 49.54
C ALA A 89 -26.18 0.50 50.91
N LYS A 90 -25.66 1.71 50.88
CA LYS A 90 -25.37 2.45 52.12
C LYS A 90 -26.67 2.69 52.88
N GLU A 91 -27.75 3.06 52.19
CA GLU A 91 -29.04 3.18 52.88
C GLU A 91 -29.36 1.94 53.73
N LEU A 92 -29.08 0.76 53.16
CA LEU A 92 -29.41 -0.50 53.80
C LEU A 92 -28.36 -1.07 54.72
N GLY A 93 -27.22 -0.40 54.89
CA GLY A 93 -26.19 -0.87 55.80
C GLY A 93 -25.36 -2.00 55.21
N PHE A 94 -25.25 -2.02 53.88
CA PHE A 94 -24.47 -3.08 53.23
C PHE A 94 -22.97 -2.97 53.53
N GLN A 95 -22.36 -4.14 53.69
CA GLN A 95 -20.93 -4.34 53.72
C GLN A 95 -20.59 -5.12 52.45
N ILE A 96 -19.77 -4.55 51.58
CA ILE A 96 -19.48 -5.18 50.29
C ILE A 96 -17.98 -5.38 50.10
N THR A 97 -17.60 -6.54 49.57
CA THR A 97 -16.21 -6.85 49.28
C THR A 97 -16.02 -7.26 47.82
N ASN A 98 -14.77 -7.26 47.38
CA ASN A 98 -14.48 -7.68 46.00
C ASN A 98 -13.16 -8.44 45.98
N VAL A 99 -12.74 -8.84 44.78
CA VAL A 99 -11.47 -9.57 44.65
C VAL A 99 -10.64 -8.84 43.60
N PRO A 100 -9.85 -7.90 44.07
CA PRO A 100 -9.11 -6.99 43.23
C PRO A 100 -7.98 -7.68 42.50
N VAL A 101 -7.37 -8.65 43.16
CA VAL A 101 -6.19 -9.34 42.62
C VAL A 101 -6.41 -10.85 42.67
N TYR A 102 -6.10 -11.54 41.56
CA TYR A 102 -6.30 -12.97 41.51
C TYR A 102 -5.28 -13.74 40.68
N SER A 103 -4.62 -13.11 39.72
CA SER A 103 -3.56 -13.71 38.92
C SER A 103 -3.11 -12.75 37.82
N PRO A 104 -2.10 -11.95 38.11
CA PRO A 104 -1.51 -11.04 37.12
C PRO A 104 -0.97 -11.86 35.95
N ASN A 105 -0.57 -13.08 36.24
CA ASN A 105 0.00 -13.99 35.24
C ASN A 105 -1.02 -14.41 34.20
N ALA A 106 -2.25 -14.66 34.60
CA ALA A 106 -3.34 -14.94 33.66
C ALA A 106 -3.34 -13.96 32.50
N ILE A 107 -3.33 -12.67 32.87
CA ILE A 107 -3.39 -11.61 31.88
C ILE A 107 -2.08 -11.45 31.12
N ALA A 108 -0.95 -11.46 31.80
CA ALA A 108 0.34 -11.27 31.16
C ALA A 108 0.63 -12.43 30.20
N GLU A 109 0.29 -13.65 30.62
CA GLU A 109 0.51 -14.82 29.76
C GLU A 109 -0.30 -14.72 28.49
N HIS A 110 -1.55 -14.26 28.58
CA HIS A 110 -2.40 -14.10 27.41
C HIS A 110 -1.77 -13.07 26.46
N ALA A 111 -1.30 -11.96 26.98
CA ALA A 111 -0.64 -10.95 26.15
C ALA A 111 0.59 -11.51 25.45
N ALA A 112 1.46 -12.22 26.15
CA ALA A 112 2.65 -12.81 25.61
C ALA A 112 2.37 -13.85 24.53
N ILE A 113 1.43 -14.74 24.81
CA ILE A 113 1.06 -15.78 23.85
C ILE A 113 0.55 -15.13 22.56
N GLN A 114 -0.38 -14.19 22.68
CA GLN A 114 -0.95 -13.56 21.51
C GLN A 114 0.09 -12.80 20.70
N ALA A 115 1.02 -12.11 21.38
CA ALA A 115 2.07 -11.37 20.71
C ALA A 115 2.96 -12.33 19.92
N ALA A 116 3.34 -13.42 20.57
CA ALA A 116 4.22 -14.40 19.95
C ALA A 116 3.55 -15.03 18.73
N ARG A 117 2.24 -15.21 18.78
CA ARG A 117 1.49 -15.80 17.67
C ARG A 117 1.41 -14.84 16.49
N ILE A 118 1.18 -13.56 16.80
CA ILE A 118 1.14 -12.54 15.74
C ILE A 118 2.50 -12.49 15.06
N LEU A 119 3.60 -12.37 15.81
CA LEU A 119 4.93 -12.42 15.26
C LEU A 119 5.21 -13.65 14.39
N ARG A 120 4.67 -14.79 14.78
CA ARG A 120 4.93 -16.03 14.03
C ARG A 120 4.10 -16.08 12.75
N GLN A 121 3.05 -15.29 12.65
CA GLN A 121 2.04 -15.40 11.60
C GLN A 121 1.36 -16.77 11.73
N ASP A 122 1.15 -17.23 12.96
CA ASP A 122 0.57 -18.50 13.26
C ASP A 122 -0.85 -18.60 12.73
N LYS A 123 -1.67 -17.55 12.78
CA LYS A 123 -3.04 -17.64 12.24
C LYS A 123 -3.06 -17.78 10.72
N ALA A 124 -2.21 -17.07 10.00
CA ALA A 124 -2.07 -17.24 8.55
C ALA A 124 -1.68 -18.69 8.22
N MET A 125 -0.76 -19.24 9.02
CA MET A 125 -0.34 -20.63 8.79
C MET A 125 -1.51 -21.56 9.06
N ASP A 126 -2.22 -21.37 10.16
CA ASP A 126 -3.34 -22.23 10.53
C ASP A 126 -4.45 -22.17 9.47
N GLU A 127 -4.69 -20.99 8.92
CA GLU A 127 -5.76 -20.88 7.91
C GLU A 127 -5.39 -21.64 6.64
N LYS A 128 -4.13 -21.60 6.26
CA LYS A 128 -3.61 -22.34 5.11
C LYS A 128 -3.75 -23.84 5.34
N VAL A 129 -3.24 -24.28 6.48
CA VAL A 129 -3.27 -25.70 6.82
C VAL A 129 -4.69 -26.24 6.91
N ALA A 130 -5.63 -25.43 7.40
CA ALA A 130 -7.01 -25.91 7.55
C ALA A 130 -7.67 -26.09 6.17
N ARG A 131 -7.19 -25.37 5.19
CA ARG A 131 -7.64 -25.42 3.79
C ARG A 131 -6.86 -26.49 3.02
N HIS A 132 -5.84 -27.06 3.65
CA HIS A 132 -4.97 -28.07 3.12
C HIS A 132 -3.88 -27.59 2.17
N ASP A 133 -3.52 -26.31 2.31
CA ASP A 133 -2.30 -25.78 1.72
C ASP A 133 -1.21 -25.97 2.76
N LEU A 134 -0.40 -27.00 2.61
CA LEU A 134 0.65 -27.30 3.58
C LEU A 134 2.01 -26.78 3.18
N ARG A 135 2.12 -25.83 2.28
CA ARG A 135 3.36 -25.15 1.96
C ARG A 135 3.75 -24.19 3.10
N TRP A 136 4.97 -24.23 3.61
CA TRP A 136 5.32 -23.25 4.66
C TRP A 136 5.53 -21.85 4.09
N ALA A 137 6.24 -21.75 2.96
CA ALA A 137 6.47 -20.43 2.35
C ALA A 137 5.19 -19.87 1.77
N PRO A 138 5.02 -18.57 1.83
CA PRO A 138 5.96 -17.57 2.29
C PRO A 138 5.63 -16.98 3.68
N THR A 139 4.99 -17.79 4.48
CA THR A 139 4.46 -17.44 5.79
C THR A 139 5.49 -17.53 6.88
N ILE A 140 6.53 -16.70 6.77
CA ILE A 140 7.71 -16.83 7.61
C ILE A 140 7.52 -16.21 8.99
N GLY A 141 8.08 -16.82 10.02
CA GLY A 141 7.89 -16.33 11.39
C GLY A 141 8.95 -15.32 11.82
N ARG A 142 8.56 -14.46 12.77
CA ARG A 142 9.51 -13.58 13.45
C ARG A 142 9.68 -14.03 14.89
N GLU A 143 10.89 -14.41 15.26
CA GLU A 143 11.23 -14.86 16.60
C GLU A 143 11.04 -13.77 17.65
N VAL A 144 10.49 -14.14 18.80
CA VAL A 144 10.32 -13.23 19.93
C VAL A 144 11.69 -12.68 20.34
N ARG A 145 12.71 -13.53 20.40
CA ARG A 145 14.04 -13.09 20.80
C ARG A 145 14.64 -12.04 19.88
N ASP A 146 14.14 -11.83 18.67
CA ASP A 146 14.70 -10.84 17.77
C ASP A 146 14.08 -9.46 17.98
N GLN A 147 13.07 -9.34 18.84
CA GLN A 147 12.29 -8.12 18.89
C GLN A 147 12.70 -7.20 20.05
N VAL A 148 12.41 -5.92 19.89
CA VAL A 148 12.46 -4.99 21.01
C VAL A 148 11.02 -4.90 21.50
N VAL A 149 10.77 -5.36 22.71
CA VAL A 149 9.39 -5.32 23.24
C VAL A 149 9.22 -4.13 24.19
N GLY A 150 8.23 -3.33 23.90
CA GLY A 150 7.88 -2.13 24.64
C GLY A 150 6.63 -2.38 25.51
N VAL A 151 6.81 -2.21 26.81
CA VAL A 151 5.72 -2.44 27.76
C VAL A 151 5.23 -1.10 28.31
N VAL A 152 3.99 -0.77 28.03
CA VAL A 152 3.35 0.46 28.47
C VAL A 152 2.54 0.16 29.74
N GLY A 153 3.16 0.49 30.87
CA GLY A 153 2.54 0.26 32.17
C GLY A 153 3.37 -0.79 32.91
N THR A 154 3.92 -0.42 34.05
CA THR A 154 4.78 -1.28 34.81
C THR A 154 4.19 -1.60 36.19
N GLY A 155 2.90 -1.88 36.19
CA GLY A 155 2.23 -2.41 37.38
C GLY A 155 2.50 -3.91 37.52
N HIS A 156 1.69 -4.64 38.26
CA HIS A 156 1.88 -6.07 38.50
C HIS A 156 1.82 -6.88 37.19
N ILE A 157 0.80 -6.59 36.39
CA ILE A 157 0.67 -7.30 35.10
C ILE A 157 1.79 -6.98 34.13
N GLY A 158 2.08 -5.71 33.91
CA GLY A 158 3.19 -5.31 33.05
C GLY A 158 4.51 -5.94 33.46
N GLN A 159 4.80 -6.02 34.76
CA GLN A 159 6.05 -6.65 35.20
C GLN A 159 6.10 -8.14 34.92
N VAL A 160 4.98 -8.85 35.05
CA VAL A 160 4.99 -10.27 34.66
C VAL A 160 5.19 -10.38 33.14
N PHE A 161 4.57 -9.51 32.34
CA PHE A 161 4.80 -9.55 30.90
C PHE A 161 6.26 -9.31 30.57
N MET A 162 6.92 -8.36 31.24
CA MET A 162 8.35 -8.12 31.07
C MET A 162 9.16 -9.37 31.33
N GLN A 163 8.87 -10.12 32.38
CA GLN A 163 9.56 -11.34 32.77
C GLN A 163 9.44 -12.44 31.69
N ILE A 164 8.22 -12.60 31.20
CA ILE A 164 7.99 -13.60 30.15
C ILE A 164 8.76 -13.22 28.90
N MET A 165 8.71 -11.97 28.46
CA MET A 165 9.43 -11.58 27.24
C MET A 165 10.93 -11.72 27.39
N GLU A 166 11.46 -11.41 28.57
CA GLU A 166 12.89 -11.58 28.82
C GLU A 166 13.25 -13.05 28.83
N GLY A 167 12.35 -13.92 29.21
CA GLY A 167 12.62 -15.37 29.23
C GLY A 167 12.84 -15.85 27.81
N PHE A 168 12.18 -15.20 26.84
CA PHE A 168 12.31 -15.56 25.44
C PHE A 168 13.63 -15.00 24.90
N GLY A 169 14.21 -14.03 25.59
CA GLY A 169 15.46 -13.43 25.16
C GLY A 169 15.27 -12.11 24.43
N ALA A 170 14.07 -11.56 24.42
CA ALA A 170 13.77 -10.31 23.77
C ALA A 170 14.40 -9.17 24.60
N LYS A 171 14.68 -8.07 23.91
CA LYS A 171 15.09 -6.86 24.64
C LYS A 171 13.83 -6.19 25.16
N VAL A 172 13.69 -5.91 26.44
CA VAL A 172 12.46 -5.31 26.96
C VAL A 172 12.72 -3.87 27.41
N ILE A 173 11.89 -2.96 26.98
CA ILE A 173 11.94 -1.57 27.42
C ILE A 173 10.54 -1.23 27.92
N THR A 174 10.42 -0.15 28.69
CA THR A 174 9.11 0.16 29.26
C THR A 174 8.89 1.66 29.46
N TYR A 175 7.62 2.04 29.51
CA TYR A 175 7.22 3.39 29.82
C TYR A 175 6.09 3.41 30.83
N ASP A 176 6.19 4.27 31.85
CA ASP A 176 5.11 4.46 32.78
C ASP A 176 5.28 5.93 33.31
N ILE A 177 4.24 6.71 33.40
CA ILE A 177 4.38 8.05 33.96
C ILE A 177 4.76 7.98 35.45
N PHE A 178 4.49 6.85 36.08
CA PHE A 178 4.98 6.58 37.42
C PHE A 178 6.13 5.60 37.39
N ARG A 179 7.31 5.99 37.83
CA ARG A 179 8.49 5.15 37.70
C ARG A 179 8.87 4.32 38.91
N ASN A 180 8.69 3.01 38.73
CA ASN A 180 9.15 2.08 39.76
C ASN A 180 10.66 2.21 39.88
N PRO A 181 11.13 2.57 41.06
CA PRO A 181 12.53 2.78 41.38
C PRO A 181 13.41 1.59 41.07
N GLU A 182 12.95 0.37 41.35
CA GLU A 182 13.74 -0.82 41.02
C GLU A 182 13.89 -1.01 39.51
N LEU A 183 12.80 -0.81 38.77
CA LEU A 183 12.87 -0.99 37.32
C LEU A 183 13.74 0.09 36.69
N GLU A 184 13.66 1.29 37.27
CA GLU A 184 14.46 2.41 36.82
C GLU A 184 15.94 2.13 37.01
N LYS A 185 16.31 1.58 38.15
CA LYS A 185 17.68 1.20 38.45
C LYS A 185 18.25 0.22 37.43
N LYS A 186 17.41 -0.75 37.05
CA LYS A 186 17.82 -1.75 36.06
C LYS A 186 17.86 -1.16 34.66
N GLY A 187 17.38 0.05 34.45
CA GLY A 187 17.45 0.72 33.16
C GLY A 187 16.37 0.35 32.15
N TYR A 188 15.18 -0.05 32.61
CA TYR A 188 14.13 -0.47 31.70
C TYR A 188 13.38 0.66 31.03
N TYR A 189 13.34 1.82 31.68
CA TYR A 189 12.53 2.93 31.22
C TYR A 189 13.15 3.76 30.11
N VAL A 190 12.35 4.05 29.09
CA VAL A 190 12.72 4.97 28.04
C VAL A 190 12.28 6.37 28.49
N ASP A 191 12.82 7.36 27.79
CA ASP A 191 12.71 8.75 28.23
C ASP A 191 11.32 9.32 28.03
N SER A 192 10.58 8.75 27.07
CA SER A 192 9.24 9.19 26.75
C SER A 192 8.47 8.07 26.04
N LEU A 193 7.16 8.24 25.98
CA LEU A 193 6.30 7.34 25.22
C LEU A 193 6.70 7.36 23.75
N ASP A 194 6.93 8.56 23.21
CA ASP A 194 7.38 8.66 21.81
C ASP A 194 8.67 7.89 21.60
N ASP A 195 9.54 7.82 22.60
CA ASP A 195 10.79 7.06 22.49
C ASP A 195 10.54 5.55 22.43
N LEU A 196 9.49 5.13 23.11
CA LEU A 196 9.12 3.70 23.10
C LEU A 196 8.55 3.37 21.71
N TYR A 197 7.74 4.24 21.16
CA TYR A 197 7.19 4.07 19.82
C TYR A 197 8.29 3.98 18.75
N LYS A 198 9.34 4.77 18.96
CA LYS A 198 10.49 4.76 18.07
C LYS A 198 11.28 3.47 18.13
N GLN A 199 11.40 2.81 19.25
CA GLN A 199 12.26 1.67 19.48
C GLN A 199 11.55 0.32 19.41
N ALA A 200 10.23 0.27 19.64
CA ALA A 200 9.60 -1.04 19.81
C ALA A 200 9.05 -1.72 18.56
N ASP A 201 9.32 -3.02 18.47
CA ASP A 201 8.74 -3.85 17.42
C ASP A 201 7.37 -4.40 17.85
N VAL A 202 7.23 -4.56 19.17
CA VAL A 202 6.03 -5.06 19.80
C VAL A 202 5.62 -4.07 20.90
N ILE A 203 4.35 -3.68 20.94
CA ILE A 203 3.86 -2.83 22.03
C ILE A 203 2.67 -3.50 22.70
N SER A 204 2.76 -3.68 24.00
CA SER A 204 1.69 -4.28 24.80
C SER A 204 1.23 -3.29 25.88
N LEU A 205 -0.06 -3.00 25.92
CA LEU A 205 -0.61 -2.03 26.84
C LEU A 205 -1.07 -2.68 28.14
N HIS A 206 -0.60 -2.12 29.24
CA HIS A 206 -0.92 -2.57 30.60
C HIS A 206 -1.18 -1.34 31.50
N VAL A 207 -1.96 -0.37 31.03
CA VAL A 207 -2.28 0.83 31.80
C VAL A 207 -3.79 0.96 31.86
N PRO A 208 -4.32 1.67 32.85
CA PRO A 208 -5.77 1.93 32.94
C PRO A 208 -6.22 2.95 31.92
N ASP A 209 -7.48 2.95 31.50
CA ASP A 209 -8.00 3.95 30.59
C ASP A 209 -8.48 5.22 31.32
N VAL A 210 -7.54 5.89 31.96
CA VAL A 210 -7.82 7.21 32.53
C VAL A 210 -7.90 8.16 31.34
N PRO A 211 -8.60 9.27 31.52
CA PRO A 211 -8.82 10.26 30.48
C PRO A 211 -7.61 10.50 29.62
N ALA A 212 -6.41 10.64 30.18
CA ALA A 212 -5.24 10.92 29.35
C ALA A 212 -4.87 9.76 28.43
N ASN A 213 -5.32 8.55 28.73
CA ASN A 213 -4.90 7.36 27.97
C ASN A 213 -5.96 6.95 26.96
N VAL A 214 -7.08 7.68 26.94
CA VAL A 214 -8.14 7.32 26.00
C VAL A 214 -7.69 7.60 24.57
N HIS A 215 -7.77 6.56 23.74
CA HIS A 215 -7.35 6.61 22.35
C HIS A 215 -5.90 7.04 22.24
N MET A 216 -5.07 6.59 23.16
CA MET A 216 -3.63 6.83 23.11
C MET A 216 -3.04 6.17 21.87
N ILE A 217 -3.65 5.08 21.41
CA ILE A 217 -3.30 4.41 20.17
C ILE A 217 -4.23 4.96 19.07
N ASN A 218 -3.63 5.85 18.24
CA ASN A 218 -4.43 6.59 17.27
C ASN A 218 -3.59 6.85 16.03
N ASP A 219 -4.11 7.61 15.07
CA ASP A 219 -3.39 7.87 13.84
C ASP A 219 -1.99 8.39 14.08
N GLU A 220 -1.85 9.34 15.00
CA GLU A 220 -0.56 9.98 15.27
C GLU A 220 0.45 9.11 15.99
N SER A 221 -0.02 8.32 16.98
CA SER A 221 0.97 7.39 17.57
C SER A 221 1.32 6.23 16.65
N ILE A 222 0.42 5.71 15.84
CA ILE A 222 0.76 4.62 14.90
C ILE A 222 1.74 5.10 13.84
N ALA A 223 1.57 6.38 13.45
CA ALA A 223 2.53 6.97 12.53
C ALA A 223 3.89 7.06 13.17
N LYS A 224 4.04 7.24 14.49
CA LYS A 224 5.35 7.24 15.13
C LYS A 224 5.99 5.88 15.32
N MET A 225 5.16 4.84 15.34
CA MET A 225 5.68 3.49 15.58
C MET A 225 6.56 3.00 14.44
N LYS A 226 7.28 1.93 14.71
CA LYS A 226 8.11 1.21 13.75
C LYS A 226 7.28 0.49 12.72
N GLN A 227 7.85 0.42 11.52
CA GLN A 227 7.25 -0.39 10.45
C GLN A 227 7.18 -1.82 11.01
N ASP A 228 6.12 -2.53 10.70
CA ASP A 228 5.83 -3.90 11.10
C ASP A 228 5.65 -4.07 12.59
N VAL A 229 5.17 -3.01 13.25
CA VAL A 229 4.91 -3.07 14.68
C VAL A 229 3.74 -4.00 14.97
N VAL A 230 3.88 -4.75 16.06
CA VAL A 230 2.83 -5.61 16.59
C VAL A 230 2.23 -4.97 17.84
N ILE A 231 0.94 -4.70 17.78
CA ILE A 231 0.21 -4.08 18.90
C ILE A 231 -0.63 -5.09 19.64
N VAL A 232 -0.51 -5.09 20.97
CA VAL A 232 -1.30 -5.95 21.84
C VAL A 232 -2.05 -5.14 22.90
N ASN A 233 -3.35 -5.40 23.04
CA ASN A 233 -4.15 -4.78 24.06
C ASN A 233 -5.05 -5.80 24.77
N VAL A 234 -4.64 -6.15 26.00
CA VAL A 234 -5.41 -6.99 26.89
C VAL A 234 -5.86 -6.20 28.13
N SER A 235 -5.69 -4.88 28.06
CA SER A 235 -5.97 -4.04 29.22
C SER A 235 -7.34 -3.37 29.18
N ARG A 236 -7.56 -2.35 28.37
CA ARG A 236 -8.88 -1.69 28.39
C ARG A 236 -9.27 -1.26 26.99
N GLY A 237 -10.51 -1.47 26.59
CA GLY A 237 -11.00 -1.08 25.27
C GLY A 237 -10.70 0.31 24.78
N PRO A 238 -11.05 1.33 25.57
CA PRO A 238 -10.94 2.73 25.19
C PRO A 238 -9.52 3.20 24.97
N LEU A 239 -8.51 2.38 25.34
CA LEU A 239 -7.12 2.78 25.07
C LEU A 239 -6.81 2.92 23.58
N VAL A 240 -7.54 2.19 22.77
CA VAL A 240 -7.32 2.07 21.35
C VAL A 240 -8.47 2.67 20.54
N ASP A 241 -8.13 3.54 19.62
CA ASP A 241 -9.02 4.00 18.56
C ASP A 241 -8.99 2.91 17.50
N THR A 242 -10.00 2.08 17.51
CA THR A 242 -10.07 0.91 16.64
C THR A 242 -9.97 1.27 15.17
N ASP A 243 -10.58 2.38 14.78
CA ASP A 243 -10.51 2.74 13.35
C ASP A 243 -9.08 3.07 12.98
N ALA A 244 -8.31 3.66 13.87
CA ALA A 244 -6.91 3.97 13.60
C ALA A 244 -6.07 2.72 13.47
N VAL A 245 -6.32 1.70 14.31
CA VAL A 245 -5.60 0.45 14.18
C VAL A 245 -6.00 -0.22 12.87
N ILE A 246 -7.29 -0.16 12.51
CA ILE A 246 -7.67 -0.78 11.23
C ILE A 246 -7.03 -0.07 10.06
N ARG A 247 -6.86 1.26 10.13
CA ARG A 247 -6.15 1.97 9.07
C ARG A 247 -4.68 1.56 9.04
N GLY A 248 -4.08 1.31 10.20
CA GLY A 248 -2.68 0.90 10.26
C GLY A 248 -2.48 -0.50 9.66
N LEU A 249 -3.45 -1.38 9.89
CA LEU A 249 -3.43 -2.74 9.34
C LEU A 249 -3.63 -2.72 7.80
N ASP A 250 -4.63 -1.95 7.40
CA ASP A 250 -4.97 -1.81 5.98
C ASP A 250 -3.80 -1.23 5.20
N SER A 251 -3.12 -0.24 5.77
CA SER A 251 -1.97 0.38 5.11
C SER A 251 -0.72 -0.46 5.11
N GLY A 252 -0.65 -1.47 5.99
CA GLY A 252 0.50 -2.33 6.14
C GLY A 252 1.54 -1.83 7.11
N LYS A 253 1.26 -0.70 7.77
CA LYS A 253 2.20 -0.17 8.77
C LYS A 253 2.24 -1.13 9.98
N ILE A 254 1.11 -1.62 10.40
CA ILE A 254 1.00 -2.50 11.57
C ILE A 254 0.95 -3.94 11.09
N PHE A 255 1.88 -4.74 11.61
CA PHE A 255 2.01 -6.13 11.15
C PHE A 255 0.85 -6.99 11.62
N GLY A 256 0.32 -6.69 12.81
CA GLY A 256 -0.80 -7.45 13.35
C GLY A 256 -1.26 -6.81 14.68
N TYR A 257 -2.37 -7.33 15.19
CA TYR A 257 -3.02 -6.76 16.36
C TYR A 257 -3.74 -7.85 17.15
N ALA A 258 -3.46 -7.93 18.44
CA ALA A 258 -4.14 -8.85 19.35
C ALA A 258 -4.96 -8.01 20.31
N MET A 259 -6.26 -8.26 20.33
CA MET A 259 -7.16 -7.51 21.20
C MET A 259 -8.04 -8.46 22.01
N ASP A 260 -7.99 -8.32 23.32
CA ASP A 260 -8.80 -9.08 24.25
C ASP A 260 -9.88 -8.14 24.83
N VAL A 261 -9.80 -6.89 24.41
CA VAL A 261 -10.72 -5.83 24.82
C VAL A 261 -11.11 -4.97 23.63
N TYR A 262 -12.25 -4.32 23.74
CA TYR A 262 -12.79 -3.57 22.59
C TYR A 262 -13.80 -2.50 23.01
N GLU A 263 -13.53 -1.26 22.61
CA GLU A 263 -14.47 -0.16 22.86
C GLU A 263 -15.72 -0.52 22.08
N GLY A 264 -16.79 -0.93 22.74
CA GLY A 264 -17.97 -1.41 22.02
C GLY A 264 -18.21 -2.87 22.37
N GLU A 265 -17.37 -3.37 23.28
CA GLU A 265 -17.53 -4.75 23.74
C GLU A 265 -18.80 -4.99 24.56
N VAL A 266 -19.29 -3.99 25.30
CA VAL A 266 -20.38 -4.20 26.24
C VAL A 266 -21.65 -4.64 25.54
N GLY A 267 -22.24 -5.74 25.97
CA GLY A 267 -23.41 -6.31 25.32
C GLY A 267 -23.11 -7.16 24.11
N ILE A 268 -21.84 -7.32 23.76
CA ILE A 268 -21.46 -8.09 22.57
C ILE A 268 -20.57 -9.26 22.97
N PHE A 269 -19.46 -8.89 23.62
CA PHE A 269 -18.59 -9.90 24.22
C PHE A 269 -19.41 -10.70 25.23
N ASN A 270 -19.07 -11.95 25.45
CA ASN A 270 -19.69 -12.88 26.36
C ASN A 270 -21.17 -13.07 26.07
N GLU A 271 -21.55 -12.91 24.82
CA GLU A 271 -22.86 -13.27 24.33
C GLU A 271 -22.71 -14.19 23.11
N ASP A 272 -23.69 -15.07 22.95
CA ASP A 272 -23.70 -16.00 21.83
C ASP A 272 -24.48 -15.39 20.67
N TRP A 273 -23.80 -15.10 19.57
CA TRP A 273 -24.40 -14.55 18.38
C TRP A 273 -24.46 -15.58 17.25
N GLU A 274 -24.19 -16.83 17.61
CA GLU A 274 -24.12 -17.86 16.56
C GLU A 274 -25.51 -18.13 16.00
N GLY A 275 -25.67 -17.92 14.71
CA GLY A 275 -26.97 -18.19 14.08
C GLY A 275 -27.87 -16.96 14.13
N LYS A 276 -27.34 -15.89 14.70
CA LYS A 276 -28.06 -14.63 14.78
C LYS A 276 -27.34 -13.59 13.94
N GLU A 277 -27.96 -12.42 13.80
CA GLU A 277 -27.31 -11.36 13.01
C GLU A 277 -26.31 -10.64 13.92
N PHE A 278 -25.05 -10.55 13.48
CA PHE A 278 -23.98 -9.99 14.29
C PHE A 278 -24.13 -8.46 14.42
N PRO A 279 -24.14 -8.00 15.63
CA PRO A 279 -24.38 -6.61 16.00
C PRO A 279 -23.41 -5.58 15.48
N ASP A 280 -22.16 -5.99 15.18
CA ASP A 280 -21.12 -5.00 14.93
C ASP A 280 -20.26 -5.50 13.79
N ALA A 281 -20.38 -4.85 12.64
CA ALA A 281 -19.67 -5.29 11.45
C ALA A 281 -18.16 -5.12 11.60
N ARG A 282 -17.77 -4.05 12.28
CA ARG A 282 -16.35 -3.74 12.42
C ARG A 282 -15.66 -4.85 13.22
N LEU A 283 -16.28 -5.28 14.31
CA LEU A 283 -15.80 -6.37 15.13
C LEU A 283 -15.79 -7.68 14.35
N ALA A 284 -16.82 -7.94 13.54
CA ALA A 284 -16.86 -9.19 12.78
C ALA A 284 -15.70 -9.26 11.79
N ASP A 285 -15.39 -8.09 11.21
CA ASP A 285 -14.29 -8.01 10.27
C ASP A 285 -12.94 -8.25 10.95
N LEU A 286 -12.75 -7.64 12.12
CA LEU A 286 -11.54 -7.86 12.89
C LEU A 286 -11.36 -9.32 13.24
N ILE A 287 -12.44 -9.98 13.64
CA ILE A 287 -12.39 -11.38 14.06
C ILE A 287 -11.76 -12.25 12.97
N ALA A 288 -12.18 -11.98 11.74
CA ALA A 288 -11.80 -12.80 10.59
C ALA A 288 -10.45 -12.47 9.97
N ARG A 289 -9.79 -11.38 10.31
CA ARG A 289 -8.52 -11.02 9.66
C ARG A 289 -7.44 -12.02 10.04
N PRO A 290 -6.50 -12.28 9.13
CA PRO A 290 -5.47 -13.29 9.29
C PRO A 290 -4.39 -12.83 10.26
N ASN A 291 -4.30 -11.53 10.49
CA ASN A 291 -3.27 -10.94 11.34
C ASN A 291 -3.89 -10.25 12.55
N VAL A 292 -5.09 -10.65 12.91
CA VAL A 292 -5.73 -10.13 14.12
C VAL A 292 -6.24 -11.31 14.95
N LEU A 293 -6.01 -11.22 16.26
CA LEU A 293 -6.51 -12.21 17.19
C LEU A 293 -7.49 -11.53 18.15
N VAL A 294 -8.77 -11.85 17.98
CA VAL A 294 -9.78 -11.30 18.90
C VAL A 294 -10.16 -12.35 19.92
N THR A 295 -10.14 -12.01 21.19
CA THR A 295 -10.72 -12.82 22.26
C THR A 295 -11.66 -11.90 23.06
N PRO A 296 -12.71 -12.45 23.61
CA PRO A 296 -13.81 -11.71 24.22
C PRO A 296 -13.63 -11.42 25.68
N LYS A 297 -12.55 -10.73 26.03
CA LYS A 297 -12.15 -10.41 27.39
C LYS A 297 -12.02 -11.65 28.25
N THR A 298 -11.12 -12.54 27.80
CA THR A 298 -10.84 -13.81 28.48
C THR A 298 -9.45 -13.86 29.07
N ALA A 299 -8.72 -12.74 29.08
CA ALA A 299 -7.36 -12.77 29.64
C ALA A 299 -7.40 -13.25 31.08
N PHE A 300 -8.45 -12.92 31.84
CA PHE A 300 -8.49 -13.34 33.23
C PHE A 300 -8.73 -14.83 33.39
N TYR A 301 -9.30 -15.45 32.37
CA TYR A 301 -10.01 -16.72 32.48
C TYR A 301 -9.12 -17.94 32.45
N THR A 302 -8.48 -18.18 33.57
CA THR A 302 -7.70 -19.37 33.86
C THR A 302 -8.13 -20.02 35.16
N THR A 303 -7.68 -21.27 35.38
CA THR A 303 -7.99 -21.98 36.61
C THR A 303 -7.33 -21.39 37.84
N HIS A 304 -6.10 -20.89 37.75
CA HIS A 304 -5.46 -20.20 38.84
C HIS A 304 -6.29 -18.98 39.25
N ALA A 305 -6.65 -18.16 38.26
CA ALA A 305 -7.43 -16.96 38.52
C ALA A 305 -8.79 -17.28 39.16
N VAL A 306 -9.53 -18.14 38.50
CA VAL A 306 -10.87 -18.51 38.95
C VAL A 306 -10.85 -19.09 40.35
N ARG A 307 -9.85 -19.88 40.71
CA ARG A 307 -9.73 -20.42 42.06
C ARG A 307 -9.63 -19.29 43.07
N ASN A 308 -8.80 -18.30 42.75
CA ASN A 308 -8.62 -17.16 43.64
C ASN A 308 -9.87 -16.28 43.69
N MET A 309 -10.67 -16.21 42.63
CA MET A 309 -11.87 -15.39 42.65
C MET A 309 -12.91 -16.01 43.59
N VAL A 310 -12.94 -17.34 43.58
CA VAL A 310 -13.85 -18.10 44.42
C VAL A 310 -13.45 -18.07 45.89
N VAL A 311 -12.25 -18.52 46.15
CA VAL A 311 -11.72 -18.63 47.50
C VAL A 311 -11.58 -17.28 48.21
N LYS A 312 -11.15 -16.25 47.48
CA LYS A 312 -10.98 -14.95 48.12
C LYS A 312 -12.33 -14.35 48.49
N ALA A 313 -13.32 -14.48 47.62
CA ALA A 313 -14.64 -13.92 47.86
C ALA A 313 -15.32 -14.62 49.04
N PHE A 314 -15.21 -15.93 49.15
CA PHE A 314 -15.78 -16.66 50.28
C PHE A 314 -15.08 -16.27 51.58
N ASP A 315 -13.76 -16.16 51.57
CA ASP A 315 -12.99 -15.75 52.73
C ASP A 315 -13.45 -14.38 53.21
N ASN A 316 -13.61 -13.44 52.27
CA ASN A 316 -14.08 -12.11 52.61
C ASN A 316 -15.50 -12.20 53.20
N ASN A 317 -16.34 -13.02 52.57
CA ASN A 317 -17.72 -13.12 53.02
C ASN A 317 -17.80 -13.69 54.43
N LEU A 318 -17.06 -14.76 54.70
CA LEU A 318 -16.99 -15.32 56.04
C LEU A 318 -16.46 -14.30 57.05
N GLU A 319 -15.53 -13.45 56.60
CA GLU A 319 -14.98 -12.42 57.47
C GLU A 319 -16.07 -11.46 57.89
N LEU A 320 -16.79 -10.90 56.92
CA LEU A 320 -17.93 -10.04 57.25
C LEU A 320 -18.83 -10.73 58.28
N VAL A 321 -19.33 -11.91 57.95
CA VAL A 321 -20.21 -12.71 58.80
C VAL A 321 -19.65 -12.82 60.21
N GLU A 322 -18.40 -13.16 60.44
CA GLU A 322 -17.80 -13.39 61.74
C GLU A 322 -17.36 -12.11 62.44
N GLY A 323 -17.71 -10.97 61.87
CA GLY A 323 -17.33 -9.68 62.44
C GLY A 323 -15.81 -9.47 62.37
N LYS A 324 -15.18 -10.15 61.42
CA LYS A 324 -13.75 -10.00 61.22
C LYS A 324 -13.48 -8.94 60.16
N GLU A 325 -12.32 -8.31 60.23
CA GLU A 325 -11.96 -7.26 59.27
C GLU A 325 -11.82 -7.89 57.88
N ALA A 326 -12.56 -7.39 56.91
CA ALA A 326 -12.45 -7.92 55.55
C ALA A 326 -11.06 -7.73 54.94
N GLU A 327 -10.64 -8.67 54.09
CA GLU A 327 -9.34 -8.59 53.44
C GLU A 327 -9.32 -7.51 52.36
N THR A 328 -10.34 -7.50 51.52
CA THR A 328 -10.47 -6.55 50.43
C THR A 328 -11.86 -5.96 50.37
N PRO A 329 -12.11 -5.01 51.27
CA PRO A 329 -13.38 -4.33 51.40
C PRO A 329 -13.59 -3.33 50.28
N VAL A 330 -14.86 -3.11 49.99
CA VAL A 330 -15.28 -2.11 49.02
C VAL A 330 -15.90 -0.94 49.78
N LYS A 331 -15.74 0.26 49.25
CA LYS A 331 -16.27 1.45 49.89
C LYS A 331 -17.73 1.67 49.50
N VAL A 332 -18.63 1.58 50.46
CA VAL A 332 -20.05 1.75 50.12
C VAL A 332 -20.59 3.09 50.62
N THR B 2 35.95 -14.22 -8.44
CA THR B 2 35.12 -15.25 -7.78
C THR B 2 33.64 -15.01 -8.00
N LYS B 3 32.94 -16.11 -8.32
CA LYS B 3 31.51 -16.05 -8.58
C LYS B 3 30.81 -17.26 -7.94
N ILE B 4 29.66 -16.98 -7.36
CA ILE B 4 28.84 -17.99 -6.68
C ILE B 4 27.44 -17.92 -7.27
N PHE B 5 26.89 -19.06 -7.71
CA PHE B 5 25.57 -19.10 -8.31
C PHE B 5 24.66 -19.93 -7.39
N ALA B 6 23.47 -19.41 -7.11
CA ALA B 6 22.56 -20.04 -6.17
C ALA B 6 21.25 -20.43 -6.85
N TYR B 7 20.68 -21.54 -6.37
CA TYR B 7 19.44 -22.06 -6.91
C TYR B 7 18.36 -22.07 -5.81
N ALA B 8 17.14 -22.09 -6.28
CA ALA B 8 15.91 -22.18 -5.53
C ALA B 8 15.76 -21.05 -4.53
N ILE B 9 16.20 -19.86 -4.93
CA ILE B 9 16.14 -18.69 -4.05
C ILE B 9 14.73 -18.19 -3.88
N ARG B 10 14.29 -18.07 -2.63
CA ARG B 10 12.94 -17.59 -2.38
C ARG B 10 12.95 -16.08 -2.13
N GLU B 11 11.80 -15.46 -2.25
CA GLU B 11 11.62 -14.04 -1.92
C GLU B 11 12.10 -13.74 -0.51
N ASP B 12 11.83 -14.61 0.46
CA ASP B 12 12.20 -14.35 1.85
C ASP B 12 13.68 -14.48 2.11
N GLU B 13 14.39 -15.11 1.17
CA GLU B 13 15.84 -15.28 1.29
C GLU B 13 16.59 -14.11 0.65
N LYS B 14 15.94 -13.30 -0.18
CA LYS B 14 16.61 -12.23 -0.90
C LYS B 14 17.32 -11.20 -0.04
N PRO B 15 16.73 -10.74 1.03
CA PRO B 15 17.31 -9.76 1.93
C PRO B 15 18.64 -10.21 2.48
N PHE B 16 18.79 -11.50 2.79
CA PHE B 16 19.99 -12.04 3.39
C PHE B 16 21.05 -12.33 2.32
N LEU B 17 20.62 -12.55 1.10
CA LEU B 17 21.57 -12.71 -0.02
C LEU B 17 22.17 -11.33 -0.31
N LYS B 18 21.37 -10.29 -0.23
CA LYS B 18 21.80 -8.90 -0.38
C LYS B 18 22.83 -8.54 0.69
N GLU B 19 22.56 -8.97 1.92
CA GLU B 19 23.45 -8.69 3.04
C GLU B 19 24.79 -9.39 2.91
N TRP B 20 24.75 -10.63 2.42
CA TRP B 20 26.01 -11.34 2.19
C TRP B 20 26.81 -10.65 1.08
N GLU B 21 26.19 -10.27 -0.01
CA GLU B 21 26.87 -9.54 -1.08
C GLU B 21 27.60 -8.30 -0.58
N ASP B 22 26.86 -7.44 0.13
CA ASP B 22 27.39 -6.20 0.66
C ASP B 22 28.59 -6.44 1.56
N ALA B 23 28.70 -7.60 2.18
CA ALA B 23 29.86 -7.89 3.02
C ALA B 23 31.01 -8.54 2.26
N HIS B 24 30.78 -8.89 1.00
CA HIS B 24 31.75 -9.59 0.16
C HIS B 24 31.66 -9.01 -1.26
N LYS B 25 32.02 -7.73 -1.35
CA LYS B 25 31.89 -6.97 -2.58
C LYS B 25 32.78 -7.49 -3.71
N ASP B 26 33.83 -8.22 -3.35
CA ASP B 26 34.74 -8.82 -4.29
C ASP B 26 34.15 -10.05 -4.98
N VAL B 27 33.10 -10.64 -4.39
CA VAL B 27 32.47 -11.82 -4.99
C VAL B 27 31.27 -11.45 -5.86
N GLU B 28 31.14 -12.05 -7.04
CA GLU B 28 29.95 -11.85 -7.85
C GLU B 28 28.93 -12.94 -7.49
N VAL B 29 27.68 -12.54 -7.29
CA VAL B 29 26.61 -13.46 -6.94
C VAL B 29 25.46 -13.33 -7.92
N GLU B 30 25.00 -14.46 -8.43
CA GLU B 30 23.83 -14.47 -9.29
C GLU B 30 22.94 -15.63 -8.83
N TYR B 31 21.66 -15.62 -9.19
CA TYR B 31 20.80 -16.71 -8.73
C TYR B 31 19.60 -16.87 -9.64
N THR B 32 18.88 -17.96 -9.36
CA THR B 32 17.62 -18.27 -10.00
C THR B 32 16.65 -18.78 -8.92
N ASP B 33 15.37 -18.74 -9.20
CA ASP B 33 14.39 -19.40 -8.32
C ASP B 33 14.17 -20.85 -8.74
N LYS B 34 14.73 -21.22 -9.89
CA LYS B 34 14.62 -22.57 -10.42
C LYS B 34 15.39 -23.56 -9.57
N LEU B 35 14.93 -24.81 -9.60
CA LEU B 35 15.65 -25.91 -8.94
C LEU B 35 16.87 -26.30 -9.76
N LEU B 36 17.81 -27.02 -9.16
CA LEU B 36 18.98 -27.49 -9.87
C LEU B 36 18.68 -28.85 -10.51
N THR B 37 18.67 -28.86 -11.84
CA THR B 37 18.47 -30.05 -12.65
C THR B 37 19.60 -30.15 -13.67
N PRO B 38 19.65 -31.22 -14.42
CA PRO B 38 20.65 -31.47 -15.43
C PRO B 38 20.73 -30.31 -16.40
N GLU B 39 19.59 -29.77 -16.79
CA GLU B 39 19.47 -28.70 -17.74
C GLU B 39 19.68 -27.32 -17.12
N THR B 40 19.34 -27.12 -15.85
CA THR B 40 19.57 -25.81 -15.22
C THR B 40 20.99 -25.69 -14.68
N VAL B 41 21.71 -26.80 -14.64
CA VAL B 41 23.10 -26.80 -14.19
C VAL B 41 23.91 -25.80 -15.03
N ALA B 42 23.53 -25.63 -16.29
CA ALA B 42 24.20 -24.75 -17.22
C ALA B 42 24.23 -23.31 -16.72
N LEU B 43 23.20 -22.98 -15.92
CA LEU B 43 23.09 -21.63 -15.37
C LEU B 43 24.29 -21.28 -14.52
N ALA B 44 25.01 -22.26 -13.97
CA ALA B 44 26.16 -21.98 -13.13
C ALA B 44 27.48 -21.89 -13.89
N LYS B 45 27.49 -22.10 -15.19
CA LYS B 45 28.76 -22.03 -15.93
C LYS B 45 29.41 -20.67 -15.73
N GLY B 46 30.67 -20.65 -15.31
CA GLY B 46 31.38 -19.39 -15.08
C GLY B 46 31.58 -19.16 -13.59
N ALA B 47 30.72 -19.83 -12.81
CA ALA B 47 30.78 -19.73 -11.36
C ALA B 47 31.82 -20.68 -10.81
N ASP B 48 32.30 -20.45 -9.60
CA ASP B 48 33.24 -21.30 -8.91
C ASP B 48 32.56 -22.23 -7.92
N GLY B 49 31.31 -21.94 -7.57
CA GLY B 49 30.64 -22.77 -6.55
C GLY B 49 29.14 -22.58 -6.66
N VAL B 50 28.35 -23.53 -6.13
CA VAL B 50 26.91 -23.31 -6.17
C VAL B 50 26.29 -23.41 -4.77
N VAL B 51 25.22 -22.65 -4.60
CA VAL B 51 24.47 -22.68 -3.32
C VAL B 51 23.08 -23.21 -3.61
N VAL B 52 22.68 -24.29 -2.93
CA VAL B 52 21.43 -24.96 -3.29
C VAL B 52 20.55 -25.28 -2.09
N TYR B 53 19.31 -25.63 -2.38
CA TYR B 53 18.31 -26.01 -1.37
C TYR B 53 17.11 -26.62 -2.09
N GLN B 54 16.97 -27.94 -2.02
CA GLN B 54 15.83 -28.60 -2.65
C GLN B 54 15.65 -30.05 -2.23
N GLN B 55 14.42 -30.55 -2.37
CA GLN B 55 14.04 -31.93 -2.17
C GLN B 55 14.33 -32.81 -3.39
N LEU B 56 14.13 -32.24 -4.57
CA LEU B 56 14.48 -32.85 -5.85
C LEU B 56 15.91 -33.40 -5.84
N ASP B 57 16.04 -34.69 -6.06
CA ASP B 57 17.29 -35.39 -5.89
C ASP B 57 18.43 -34.76 -6.72
N TYR B 58 19.60 -34.81 -6.12
CA TYR B 58 20.83 -34.42 -6.79
C TYR B 58 21.46 -35.70 -7.37
N ILE B 59 20.91 -36.09 -8.49
CA ILE B 59 21.26 -37.34 -9.15
C ILE B 59 22.68 -37.34 -9.73
N ALA B 60 23.07 -38.52 -10.21
CA ALA B 60 24.35 -38.68 -10.89
C ALA B 60 24.40 -37.78 -12.11
N GLU B 61 23.28 -37.60 -12.79
CA GLU B 61 23.17 -36.75 -13.97
C GLU B 61 23.34 -35.28 -13.61
N THR B 62 22.75 -34.89 -12.49
CA THR B 62 22.83 -33.47 -12.06
C THR B 62 24.25 -33.15 -11.64
N LEU B 63 24.91 -34.00 -10.86
CA LEU B 63 26.27 -33.79 -10.43
C LEU B 63 27.22 -33.80 -11.63
N GLN B 64 26.95 -34.71 -12.58
CA GLN B 64 27.76 -34.79 -13.79
C GLN B 64 27.69 -33.47 -14.57
N ALA B 65 26.47 -32.96 -14.73
CA ALA B 65 26.23 -31.73 -15.46
C ALA B 65 26.83 -30.51 -14.75
N LEU B 66 26.89 -30.54 -13.42
CA LEU B 66 27.52 -29.44 -12.70
C LEU B 66 29.02 -29.49 -13.04
N ALA B 67 29.60 -30.68 -12.86
CA ALA B 67 31.01 -30.88 -13.17
C ALA B 67 31.32 -30.51 -14.62
N ASP B 68 30.41 -30.78 -15.55
CA ASP B 68 30.62 -30.38 -16.93
C ASP B 68 30.60 -28.86 -17.11
N ASN B 69 30.00 -28.13 -16.18
CA ASN B 69 29.96 -26.67 -16.32
C ASN B 69 30.98 -26.01 -15.40
N GLY B 70 31.88 -26.83 -14.87
CA GLY B 70 32.98 -26.40 -14.04
C GLY B 70 32.71 -26.31 -12.56
N ILE B 71 31.61 -26.90 -12.08
CA ILE B 71 31.27 -26.83 -10.65
C ILE B 71 31.44 -28.16 -9.93
N THR B 72 32.24 -28.20 -8.89
CA THR B 72 32.39 -29.37 -8.03
C THR B 72 32.30 -28.92 -6.56
N LYS B 73 31.78 -27.72 -6.35
CA LYS B 73 31.70 -27.15 -4.99
C LYS B 73 30.28 -26.68 -4.74
N MET B 74 29.59 -27.43 -3.86
CA MET B 74 28.16 -27.33 -3.63
C MET B 74 27.82 -27.17 -2.15
N SER B 75 27.07 -26.11 -1.86
CA SER B 75 26.79 -25.70 -0.49
C SER B 75 25.28 -25.62 -0.24
N LEU B 76 24.78 -26.52 0.60
CA LEU B 76 23.35 -26.59 0.90
C LEU B 76 23.01 -25.53 1.96
N ARG B 77 21.85 -24.91 1.83
CA ARG B 77 21.33 -24.02 2.87
C ARG B 77 20.56 -24.77 3.94
N ASN B 78 20.21 -26.03 3.61
CA ASN B 78 19.51 -26.88 4.55
C ASN B 78 20.41 -27.92 5.20
N VAL B 79 19.79 -28.81 5.97
CA VAL B 79 20.53 -29.81 6.71
C VAL B 79 20.69 -31.12 5.92
N GLY B 80 19.60 -31.66 5.42
CA GLY B 80 19.55 -33.00 4.87
C GLY B 80 20.45 -33.23 3.64
N VAL B 81 21.13 -34.36 3.66
CA VAL B 81 21.97 -34.81 2.57
C VAL B 81 21.59 -36.20 2.08
N ASP B 82 20.40 -36.69 2.41
CA ASP B 82 19.99 -38.02 1.96
C ASP B 82 19.53 -38.05 0.52
N ASN B 83 19.34 -36.92 -0.15
CA ASN B 83 18.89 -36.89 -1.52
C ASN B 83 20.07 -36.58 -2.48
N ILE B 84 21.26 -36.95 -2.08
CA ILE B 84 22.47 -36.74 -2.88
C ILE B 84 23.08 -38.08 -3.28
N ASP B 85 23.44 -38.20 -4.55
CA ASP B 85 24.12 -39.40 -5.04
C ASP B 85 25.59 -39.30 -4.66
N MET B 86 25.92 -39.75 -3.48
CA MET B 86 27.25 -39.62 -2.90
C MET B 86 28.34 -40.40 -3.63
N ALA B 87 28.00 -41.58 -4.15
CA ALA B 87 28.99 -42.37 -4.87
C ALA B 87 29.46 -41.61 -6.11
N LYS B 88 28.53 -40.96 -6.79
CA LYS B 88 28.89 -40.14 -7.94
C LYS B 88 29.63 -38.89 -7.49
N ALA B 89 29.21 -38.31 -6.35
CA ALA B 89 29.84 -37.07 -5.90
C ALA B 89 31.32 -37.32 -5.62
N LYS B 90 31.59 -38.39 -4.89
CA LYS B 90 32.96 -38.77 -4.55
C LYS B 90 33.75 -39.03 -5.84
N GLU B 91 33.14 -39.76 -6.77
CA GLU B 91 33.80 -40.05 -8.04
C GLU B 91 34.19 -38.77 -8.75
N LEU B 92 33.27 -37.80 -8.77
CA LEU B 92 33.51 -36.53 -9.45
C LEU B 92 34.33 -35.55 -8.64
N GLY B 93 34.85 -35.92 -7.48
CA GLY B 93 35.68 -35.05 -6.66
C GLY B 93 34.95 -33.92 -5.97
N PHE B 94 33.65 -34.04 -5.75
CA PHE B 94 32.85 -33.00 -5.11
C PHE B 94 33.22 -32.67 -3.68
N GLN B 95 33.09 -31.35 -3.39
CA GLN B 95 33.19 -30.86 -2.02
C GLN B 95 31.80 -30.29 -1.68
N ILE B 96 31.23 -30.77 -0.59
CA ILE B 96 29.85 -30.41 -0.24
C ILE B 96 29.76 -29.91 1.19
N THR B 97 28.94 -28.89 1.39
CA THR B 97 28.68 -28.41 2.75
C THR B 97 27.17 -28.32 2.96
N ASN B 98 26.79 -28.16 4.22
CA ASN B 98 25.38 -27.92 4.59
C ASN B 98 25.31 -26.91 5.73
N VAL B 99 24.13 -26.73 6.32
CA VAL B 99 23.98 -25.80 7.44
C VAL B 99 23.22 -26.51 8.56
N PRO B 100 23.93 -27.17 9.44
CA PRO B 100 23.37 -28.04 10.45
C PRO B 100 22.76 -27.27 11.62
N VAL B 101 23.21 -26.05 11.83
CA VAL B 101 22.78 -25.18 12.90
C VAL B 101 22.39 -23.81 12.37
N TYR B 102 21.20 -23.30 12.74
CA TYR B 102 20.78 -22.00 12.24
C TYR B 102 20.01 -21.13 13.24
N SER B 103 19.31 -21.74 14.19
CA SER B 103 18.57 -20.99 15.22
C SER B 103 17.82 -21.98 16.09
N PRO B 104 18.38 -22.36 17.21
CA PRO B 104 17.74 -23.26 18.15
C PRO B 104 16.43 -22.63 18.63
N ASN B 105 16.46 -21.31 18.79
CA ASN B 105 15.31 -20.54 19.25
C ASN B 105 14.10 -20.67 18.33
N ALA B 106 14.32 -20.73 17.02
CA ALA B 106 13.22 -20.93 16.09
C ALA B 106 12.38 -22.11 16.58
N ILE B 107 13.07 -23.21 16.80
CA ILE B 107 12.41 -24.46 17.13
C ILE B 107 11.86 -24.46 18.55
N ALA B 108 12.66 -24.03 19.51
CA ALA B 108 12.21 -23.96 20.89
C ALA B 108 11.03 -23.00 21.08
N GLU B 109 11.04 -21.87 20.40
CA GLU B 109 9.94 -20.92 20.51
C GLU B 109 8.64 -21.50 19.94
N HIS B 110 8.77 -22.29 18.86
CA HIS B 110 7.55 -22.88 18.28
C HIS B 110 6.94 -23.87 19.28
N ALA B 111 7.80 -24.72 19.87
CA ALA B 111 7.33 -25.64 20.89
C ALA B 111 6.65 -24.93 22.05
N ALA B 112 7.25 -23.84 22.55
CA ALA B 112 6.73 -23.10 23.67
C ALA B 112 5.41 -22.40 23.34
N ILE B 113 5.32 -21.79 22.17
CA ILE B 113 4.11 -21.15 21.74
C ILE B 113 2.98 -22.17 21.56
N GLN B 114 3.26 -23.30 20.93
CA GLN B 114 2.19 -24.29 20.73
C GLN B 114 1.71 -24.86 22.06
N ALA B 115 2.64 -25.17 22.94
CA ALA B 115 2.33 -25.71 24.27
C ALA B 115 1.40 -24.77 25.04
N ALA B 116 1.78 -23.50 25.10
CA ALA B 116 1.02 -22.47 25.78
C ALA B 116 -0.38 -22.36 25.21
N ARG B 117 -0.51 -22.48 23.88
CA ARG B 117 -1.77 -22.39 23.19
C ARG B 117 -2.66 -23.58 23.56
N ILE B 118 -2.11 -24.78 23.56
CA ILE B 118 -2.90 -25.98 23.92
C ILE B 118 -3.41 -25.86 25.36
N LEU B 119 -2.53 -25.45 26.27
CA LEU B 119 -2.90 -25.20 27.66
C LEU B 119 -4.03 -24.21 27.83
N ARG B 120 -3.98 -23.12 27.05
CA ARG B 120 -4.96 -22.07 27.11
C ARG B 120 -6.31 -22.45 26.53
N GLN B 121 -6.36 -23.50 25.72
CA GLN B 121 -7.49 -23.88 24.90
C GLN B 121 -7.78 -22.78 23.88
N ASP B 122 -6.71 -22.16 23.36
CA ASP B 122 -6.84 -21.03 22.49
C ASP B 122 -7.58 -21.39 21.21
N LYS B 123 -7.33 -22.54 20.62
CA LYS B 123 -7.96 -22.98 19.38
C LYS B 123 -9.46 -23.21 19.56
N ALA B 124 -9.89 -23.73 20.69
CA ALA B 124 -11.31 -23.91 21.02
C ALA B 124 -12.03 -22.57 21.19
N MET B 125 -11.37 -21.59 21.79
CA MET B 125 -11.87 -20.22 21.89
C MET B 125 -11.95 -19.55 20.53
N ASP B 126 -10.90 -19.68 19.72
CA ASP B 126 -10.87 -19.12 18.39
C ASP B 126 -12.01 -19.70 17.53
N GLU B 127 -12.24 -21.00 17.64
CA GLU B 127 -13.32 -21.60 16.85
C GLU B 127 -14.68 -21.05 17.25
N LYS B 128 -14.91 -20.84 18.55
CA LYS B 128 -16.16 -20.25 19.04
C LYS B 128 -16.32 -18.81 18.56
N VAL B 129 -15.26 -18.02 18.71
CA VAL B 129 -15.25 -16.63 18.27
C VAL B 129 -15.48 -16.52 16.77
N ALA B 130 -14.85 -17.41 16.00
CA ALA B 130 -15.08 -17.39 14.55
C ALA B 130 -16.55 -17.66 14.20
N ARG B 131 -17.26 -18.49 14.94
CA ARG B 131 -18.68 -18.77 14.72
C ARG B 131 -19.58 -17.75 15.44
N HIS B 132 -18.98 -16.76 16.09
CA HIS B 132 -19.70 -15.67 16.72
C HIS B 132 -20.27 -15.99 18.08
N ASP B 133 -19.79 -17.07 18.68
CA ASP B 133 -20.11 -17.38 20.07
C ASP B 133 -19.00 -16.73 20.92
N LEU B 134 -19.33 -15.54 21.44
CA LEU B 134 -18.35 -14.79 22.20
C LEU B 134 -18.40 -15.01 23.70
N ARG B 135 -19.01 -16.09 24.13
CA ARG B 135 -19.01 -16.48 25.54
C ARG B 135 -17.69 -17.15 25.90
N TRP B 136 -17.07 -16.72 26.98
CA TRP B 136 -15.79 -17.32 27.35
C TRP B 136 -15.97 -18.67 28.00
N ALA B 137 -16.94 -18.83 28.90
CA ALA B 137 -17.15 -20.12 29.54
C ALA B 137 -17.68 -21.14 28.54
N PRO B 138 -17.35 -22.40 28.72
CA PRO B 138 -16.54 -22.96 29.76
C PRO B 138 -15.07 -23.20 29.35
N THR B 139 -14.60 -22.49 28.33
CA THR B 139 -13.28 -22.74 27.73
C THR B 139 -12.15 -22.13 28.51
N ILE B 140 -11.94 -22.62 29.72
CA ILE B 140 -11.03 -22.05 30.69
C ILE B 140 -9.58 -22.42 30.37
N GLY B 141 -8.67 -21.47 30.58
CA GLY B 141 -7.27 -21.69 30.29
C GLY B 141 -6.47 -22.23 31.47
N ARG B 142 -5.37 -22.92 31.15
CA ARG B 142 -4.40 -23.38 32.14
C ARG B 142 -3.16 -22.53 31.99
N GLU B 143 -2.74 -21.85 33.06
CA GLU B 143 -1.53 -21.03 32.97
C GLU B 143 -0.27 -21.87 32.80
N VAL B 144 0.67 -21.34 32.02
CA VAL B 144 1.94 -22.07 31.88
C VAL B 144 2.63 -22.18 33.24
N ARG B 145 2.53 -21.12 34.05
CA ARG B 145 3.24 -21.09 35.32
C ARG B 145 2.70 -22.13 36.29
N ASP B 146 1.54 -22.71 36.04
CA ASP B 146 0.95 -23.69 36.92
C ASP B 146 1.41 -25.10 36.59
N GLN B 147 2.18 -25.24 35.50
CA GLN B 147 2.57 -26.57 35.09
C GLN B 147 3.96 -27.00 35.53
N VAL B 148 4.12 -28.32 35.61
CA VAL B 148 5.42 -28.96 35.61
C VAL B 148 5.74 -29.33 34.15
N VAL B 149 6.82 -28.79 33.61
CA VAL B 149 7.15 -29.00 32.20
C VAL B 149 8.33 -29.94 32.09
N GLY B 150 8.11 -31.08 31.43
CA GLY B 150 9.18 -32.05 31.23
C GLY B 150 9.80 -32.00 29.86
N VAL B 151 11.12 -31.78 29.82
CA VAL B 151 11.88 -31.62 28.59
C VAL B 151 12.72 -32.85 28.27
N VAL B 152 12.36 -33.53 27.20
CA VAL B 152 13.07 -34.77 26.82
C VAL B 152 14.18 -34.41 25.84
N GLY B 153 15.41 -34.36 26.32
CA GLY B 153 16.56 -33.91 25.52
C GLY B 153 16.99 -32.51 25.94
N THR B 154 18.26 -32.40 26.35
CA THR B 154 18.84 -31.15 26.81
C THR B 154 20.03 -30.73 25.97
N GLY B 155 19.90 -30.81 24.65
CA GLY B 155 20.84 -30.24 23.70
C GLY B 155 20.51 -28.74 23.57
N HIS B 156 20.94 -28.06 22.51
CA HIS B 156 20.74 -26.62 22.44
C HIS B 156 19.26 -26.24 22.42
N ILE B 157 18.48 -26.93 21.59
CA ILE B 157 17.06 -26.58 21.50
C ILE B 157 16.34 -26.78 22.81
N GLY B 158 16.53 -27.95 23.42
CA GLY B 158 15.92 -28.29 24.69
C GLY B 158 16.22 -27.23 25.75
N GLN B 159 17.45 -26.76 25.77
CA GLN B 159 17.89 -25.75 26.73
C GLN B 159 17.25 -24.39 26.50
N VAL B 160 17.01 -23.97 25.27
CA VAL B 160 16.24 -22.76 25.05
C VAL B 160 14.80 -22.91 25.50
N PHE B 161 14.21 -24.09 25.25
CA PHE B 161 12.82 -24.35 25.64
C PHE B 161 12.72 -24.29 27.15
N MET B 162 13.73 -24.83 27.85
CA MET B 162 13.76 -24.79 29.30
C MET B 162 13.77 -23.33 29.79
N GLN B 163 14.56 -22.50 29.13
CA GLN B 163 14.69 -21.09 29.47
C GLN B 163 13.39 -20.35 29.28
N ILE B 164 12.68 -20.62 28.18
CA ILE B 164 11.41 -19.96 27.95
C ILE B 164 10.37 -20.35 28.97
N MET B 165 10.23 -21.65 29.22
CA MET B 165 9.25 -22.17 30.15
C MET B 165 9.54 -21.67 31.57
N GLU B 166 10.80 -21.57 31.94
CA GLU B 166 11.17 -21.00 33.24
C GLU B 166 10.84 -19.51 33.32
N GLY B 167 10.93 -18.79 32.22
CA GLY B 167 10.57 -17.38 32.17
C GLY B 167 9.08 -17.16 32.43
N PHE B 168 8.25 -18.14 32.09
CA PHE B 168 6.84 -18.15 32.39
C PHE B 168 6.62 -18.47 33.87
N GLY B 169 7.57 -19.12 34.52
CA GLY B 169 7.42 -19.43 35.94
C GLY B 169 7.04 -20.88 36.19
N ALA B 170 7.00 -21.71 35.14
CA ALA B 170 6.76 -23.13 35.28
C ALA B 170 7.93 -23.81 36.00
N LYS B 171 7.65 -24.95 36.60
CA LYS B 171 8.72 -25.78 37.14
C LYS B 171 9.26 -26.67 36.00
N VAL B 172 10.55 -26.65 35.74
CA VAL B 172 11.08 -27.41 34.60
C VAL B 172 11.86 -28.64 35.05
N ILE B 173 11.52 -29.78 34.50
CA ILE B 173 12.28 -31.01 34.79
C ILE B 173 12.75 -31.54 33.45
N THR B 174 13.82 -32.34 33.44
CA THR B 174 14.39 -32.78 32.18
C THR B 174 14.90 -34.23 32.26
N TYR B 175 15.11 -34.79 31.07
CA TYR B 175 15.70 -36.12 30.93
C TYR B 175 16.61 -36.11 29.70
N ASP B 176 17.84 -36.57 29.88
CA ASP B 176 18.75 -36.74 28.76
C ASP B 176 19.67 -37.91 29.10
N ILE B 177 20.00 -38.75 28.12
CA ILE B 177 20.87 -39.89 28.45
C ILE B 177 22.26 -39.42 28.82
N PHE B 178 22.70 -38.31 28.27
CA PHE B 178 23.95 -37.66 28.57
C PHE B 178 23.77 -36.29 29.24
N ARG B 179 23.72 -36.27 30.56
CA ARG B 179 23.44 -35.06 31.32
C ARG B 179 24.45 -33.94 31.13
N ASN B 180 23.94 -32.74 30.92
CA ASN B 180 24.77 -31.52 30.90
C ASN B 180 25.17 -31.21 32.35
N PRO B 181 26.45 -31.12 32.62
CA PRO B 181 26.99 -30.93 33.96
C PRO B 181 26.39 -29.76 34.71
N GLU B 182 26.24 -28.61 34.07
CA GLU B 182 25.65 -27.46 34.77
C GLU B 182 24.19 -27.69 35.12
N LEU B 183 23.42 -28.29 34.20
CA LEU B 183 22.01 -28.56 34.48
C LEU B 183 21.89 -29.57 35.62
N GLU B 184 22.81 -30.53 35.58
CA GLU B 184 22.87 -31.57 36.63
C GLU B 184 23.07 -30.90 37.99
N LYS B 185 24.07 -30.05 38.07
CA LYS B 185 24.33 -29.25 39.27
C LYS B 185 23.01 -28.68 39.80
N LYS B 186 22.30 -27.99 38.90
CA LYS B 186 21.06 -27.30 39.25
C LYS B 186 19.89 -28.18 39.59
N GLY B 187 19.99 -29.50 39.51
CA GLY B 187 18.93 -30.40 39.91
C GLY B 187 17.80 -30.60 38.89
N TYR B 188 18.00 -30.32 37.61
CA TYR B 188 16.91 -30.42 36.65
C TYR B 188 16.50 -31.84 36.31
N TYR B 189 17.45 -32.77 36.33
CA TYR B 189 17.24 -34.11 35.81
C TYR B 189 16.48 -35.06 36.72
N VAL B 190 15.63 -35.88 36.10
CA VAL B 190 14.96 -36.98 36.77
C VAL B 190 15.71 -38.24 36.34
N ASP B 191 15.55 -39.34 37.06
CA ASP B 191 16.39 -40.51 36.81
C ASP B 191 15.92 -41.38 35.65
N SER B 192 14.63 -41.31 35.34
CA SER B 192 14.12 -42.12 34.23
C SER B 192 12.98 -41.42 33.52
N LEU B 193 12.75 -41.83 32.26
CA LEU B 193 11.62 -41.27 31.53
C LEU B 193 10.36 -41.56 32.33
N ASP B 194 10.27 -42.73 32.97
CA ASP B 194 9.08 -43.02 33.76
C ASP B 194 8.82 -41.96 34.84
N ASP B 195 9.87 -41.41 35.43
CA ASP B 195 9.75 -40.36 36.42
C ASP B 195 9.24 -39.06 35.77
N LEU B 196 9.76 -38.77 34.58
CA LEU B 196 9.33 -37.57 33.84
C LEU B 196 7.86 -37.67 33.47
N TYR B 197 7.41 -38.84 33.03
CA TYR B 197 6.01 -39.08 32.71
C TYR B 197 5.10 -38.94 33.92
N LYS B 198 5.55 -39.43 35.07
CA LYS B 198 4.74 -39.38 36.29
C LYS B 198 4.58 -37.92 36.74
N GLN B 199 5.63 -37.13 36.55
CA GLN B 199 5.60 -35.76 37.07
C GLN B 199 5.11 -34.66 36.15
N ALA B 200 5.24 -34.80 34.84
CA ALA B 200 5.01 -33.70 33.91
C ALA B 200 3.58 -33.49 33.45
N ASP B 201 3.16 -32.22 33.39
CA ASP B 201 1.88 -31.80 32.87
C ASP B 201 2.00 -31.53 31.36
N VAL B 202 3.20 -31.15 30.97
CA VAL B 202 3.60 -30.86 29.60
C VAL B 202 4.87 -31.66 29.30
N ILE B 203 4.86 -32.36 28.18
CA ILE B 203 6.03 -33.07 27.67
C ILE B 203 6.40 -32.55 26.28
N SER B 204 7.64 -32.12 26.09
CA SER B 204 8.08 -31.62 24.79
C SER B 204 9.36 -32.39 24.43
N LEU B 205 9.36 -32.97 23.23
CA LEU B 205 10.42 -33.79 22.71
C LEU B 205 11.48 -33.02 21.94
N HIS B 206 12.73 -33.07 22.41
CA HIS B 206 13.87 -32.41 21.81
C HIS B 206 15.07 -33.37 21.72
N VAL B 207 14.78 -34.55 21.16
CA VAL B 207 15.75 -35.61 20.94
C VAL B 207 15.67 -36.08 19.48
N PRO B 208 16.77 -36.61 18.97
CA PRO B 208 16.83 -37.13 17.63
C PRO B 208 16.09 -38.47 17.50
N ASP B 209 15.83 -38.78 16.25
CA ASP B 209 15.21 -39.97 15.71
C ASP B 209 16.07 -41.24 15.68
N VAL B 210 16.89 -41.50 16.66
CA VAL B 210 17.73 -42.70 16.71
C VAL B 210 16.91 -43.89 17.14
N PRO B 211 17.42 -45.07 16.84
CA PRO B 211 16.69 -46.33 16.99
C PRO B 211 16.05 -46.46 18.33
N ALA B 212 16.72 -46.15 19.43
CA ALA B 212 16.13 -46.28 20.76
C ALA B 212 14.93 -45.38 21.02
N ASN B 213 14.72 -44.37 20.19
CA ASN B 213 13.66 -43.39 20.40
C ASN B 213 12.49 -43.56 19.45
N VAL B 214 12.52 -44.54 18.55
CA VAL B 214 11.40 -44.84 17.68
C VAL B 214 10.15 -45.25 18.43
N HIS B 215 9.06 -44.54 18.20
CA HIS B 215 7.80 -44.78 18.90
C HIS B 215 7.97 -44.76 20.40
N MET B 216 8.81 -43.84 20.93
CA MET B 216 8.93 -43.68 22.37
C MET B 216 7.63 -43.18 22.99
N ILE B 217 6.83 -42.43 22.22
CA ILE B 217 5.48 -42.07 22.69
C ILE B 217 4.52 -43.11 22.09
N ASN B 218 3.97 -43.96 22.93
CA ASN B 218 3.16 -45.10 22.52
C ASN B 218 2.12 -45.41 23.60
N ASP B 219 1.30 -46.44 23.41
CA ASP B 219 0.22 -46.69 24.37
C ASP B 219 0.73 -46.86 25.80
N GLU B 220 1.83 -47.57 25.97
CA GLU B 220 2.44 -47.79 27.26
C GLU B 220 2.94 -46.49 27.90
N SER B 221 3.72 -45.71 27.15
CA SER B 221 4.24 -44.47 27.75
C SER B 221 3.11 -43.48 28.03
N ILE B 222 2.08 -43.39 27.19
CA ILE B 222 0.98 -42.47 27.46
C ILE B 222 0.16 -42.91 28.67
N ALA B 223 0.06 -44.22 28.92
CA ALA B 223 -0.63 -44.69 30.14
C ALA B 223 0.13 -44.28 31.40
N LYS B 224 1.43 -44.05 31.34
CA LYS B 224 2.21 -43.63 32.50
C LYS B 224 2.10 -42.12 32.72
N MET B 225 1.72 -41.40 31.67
CA MET B 225 1.66 -39.94 31.75
C MET B 225 0.53 -39.51 32.70
N LYS B 226 0.59 -38.25 33.11
CA LYS B 226 -0.43 -37.63 33.93
C LYS B 226 -1.71 -37.41 33.17
N GLN B 227 -2.84 -37.50 33.87
CA GLN B 227 -4.11 -37.09 33.30
C GLN B 227 -3.97 -35.63 32.83
N ASP B 228 -4.58 -35.31 31.70
CA ASP B 228 -4.56 -33.98 31.10
C ASP B 228 -3.18 -33.52 30.65
N VAL B 229 -2.29 -34.46 30.35
CA VAL B 229 -0.99 -34.16 29.77
C VAL B 229 -1.12 -33.51 28.40
N VAL B 230 -0.22 -32.54 28.17
CA VAL B 230 -0.08 -31.87 26.89
C VAL B 230 1.22 -32.35 26.24
N ILE B 231 1.10 -32.89 25.03
CA ILE B 231 2.25 -33.46 24.33
C ILE B 231 2.63 -32.58 23.13
N VAL B 232 3.89 -32.26 23.03
CA VAL B 232 4.49 -31.43 21.99
C VAL B 232 5.66 -32.17 21.32
N ASN B 233 5.61 -32.25 20.01
CA ASN B 233 6.66 -32.85 19.19
C ASN B 233 6.97 -31.96 17.99
N VAL B 234 8.01 -31.15 18.12
CA VAL B 234 8.53 -30.38 16.99
C VAL B 234 9.87 -30.95 16.54
N SER B 235 10.19 -32.17 16.95
CA SER B 235 11.47 -32.79 16.68
C SER B 235 11.47 -33.73 15.46
N ARG B 236 10.96 -34.94 15.59
CA ARG B 236 10.99 -35.92 14.49
C ARG B 236 9.73 -36.77 14.51
N GLY B 237 9.17 -37.05 13.34
CA GLY B 237 7.95 -37.81 13.19
C GLY B 237 7.95 -39.16 13.89
N PRO B 238 9.00 -39.95 13.70
CA PRO B 238 9.05 -41.33 14.18
C PRO B 238 9.16 -41.46 15.68
N LEU B 239 9.35 -40.35 16.41
CA LEU B 239 9.35 -40.44 17.86
C LEU B 239 7.99 -40.88 18.38
N VAL B 240 6.95 -40.60 17.60
CA VAL B 240 5.58 -40.71 18.09
C VAL B 240 4.73 -41.66 17.27
N ASP B 241 4.08 -42.58 17.98
CA ASP B 241 3.11 -43.50 17.37
C ASP B 241 1.82 -42.67 17.28
N THR B 242 1.51 -42.15 16.11
CA THR B 242 0.38 -41.23 15.94
C THR B 242 -0.94 -41.82 16.43
N ASP B 243 -1.24 -43.07 16.09
CA ASP B 243 -2.48 -43.70 16.55
C ASP B 243 -2.58 -43.78 18.05
N ALA B 244 -1.46 -43.98 18.76
CA ALA B 244 -1.46 -44.03 20.20
C ALA B 244 -1.82 -42.66 20.78
N VAL B 245 -1.34 -41.59 20.12
CA VAL B 245 -1.75 -40.26 20.57
C VAL B 245 -3.24 -40.04 20.30
N ILE B 246 -3.73 -40.44 19.14
CA ILE B 246 -5.15 -40.31 18.81
C ILE B 246 -6.00 -41.04 19.84
N ARG B 247 -5.58 -42.24 20.25
CA ARG B 247 -6.34 -42.97 21.28
C ARG B 247 -6.38 -42.19 22.58
N GLY B 248 -5.29 -41.61 23.01
CA GLY B 248 -5.17 -40.79 24.21
C GLY B 248 -6.02 -39.52 24.12
N LEU B 249 -6.09 -38.92 22.94
CA LEU B 249 -6.96 -37.76 22.72
C LEU B 249 -8.44 -38.16 22.79
N ASP B 250 -8.78 -39.24 22.11
CA ASP B 250 -10.15 -39.74 22.05
C ASP B 250 -10.66 -40.17 23.42
N SER B 251 -9.79 -40.70 24.27
CA SER B 251 -10.21 -41.11 25.62
C SER B 251 -10.27 -39.95 26.59
N GLY B 252 -9.66 -38.81 26.21
CA GLY B 252 -9.65 -37.67 27.12
C GLY B 252 -8.47 -37.72 28.06
N LYS B 253 -7.60 -38.71 27.95
CA LYS B 253 -6.37 -38.77 28.75
C LYS B 253 -5.41 -37.62 28.45
N ILE B 254 -5.16 -37.41 27.17
CA ILE B 254 -4.27 -36.36 26.65
C ILE B 254 -5.11 -35.13 26.38
N PHE B 255 -4.75 -34.03 27.06
CA PHE B 255 -5.51 -32.78 26.93
C PHE B 255 -5.37 -32.20 25.53
N GLY B 256 -4.18 -32.35 24.95
CA GLY B 256 -3.97 -31.77 23.62
C GLY B 256 -2.60 -32.13 23.05
N TYR B 257 -2.43 -31.95 21.75
CA TYR B 257 -1.23 -32.36 21.04
C TYR B 257 -0.78 -31.31 20.04
N ALA B 258 0.49 -30.91 20.12
CA ALA B 258 1.07 -30.02 19.10
C ALA B 258 2.11 -30.82 18.30
N MET B 259 1.89 -30.93 17.00
CA MET B 259 2.78 -31.67 16.12
C MET B 259 3.27 -30.82 14.95
N ASP B 260 4.57 -30.65 14.81
CA ASP B 260 5.12 -29.95 13.65
C ASP B 260 5.75 -31.01 12.71
N VAL B 261 5.71 -32.25 13.13
CA VAL B 261 6.24 -33.40 12.41
C VAL B 261 5.27 -34.58 12.46
N TYR B 262 5.37 -35.46 11.47
CA TYR B 262 4.36 -36.51 11.29
C TYR B 262 4.92 -37.68 10.50
N GLU B 263 4.96 -38.84 11.13
CA GLU B 263 5.44 -40.04 10.46
C GLU B 263 4.65 -40.24 9.17
N GLY B 264 5.34 -40.18 8.02
CA GLY B 264 4.64 -40.32 6.75
C GLY B 264 4.05 -39.01 6.22
N GLU B 265 4.69 -37.91 6.58
CA GLU B 265 4.37 -36.58 6.10
C GLU B 265 5.05 -36.26 4.79
N VAL B 266 6.17 -36.94 4.46
CA VAL B 266 6.89 -36.60 3.23
C VAL B 266 6.00 -36.81 2.02
N GLY B 267 5.99 -35.84 1.12
CA GLY B 267 5.10 -35.85 -0.03
C GLY B 267 3.74 -35.23 0.28
N ILE B 268 3.35 -35.11 1.55
CA ILE B 268 2.09 -34.46 1.89
C ILE B 268 2.33 -33.04 2.42
N PHE B 269 3.19 -32.97 3.44
CA PHE B 269 3.65 -31.66 3.93
C PHE B 269 4.32 -30.92 2.78
N ASN B 270 4.27 -29.59 2.81
CA ASN B 270 4.89 -28.70 1.87
C ASN B 270 4.35 -28.87 0.46
N GLU B 271 3.09 -29.24 0.37
CA GLU B 271 2.40 -29.31 -0.91
C GLU B 271 1.03 -28.66 -0.74
N ASP B 272 0.53 -28.09 -1.82
CA ASP B 272 -0.80 -27.50 -1.82
C ASP B 272 -1.87 -28.49 -2.30
N TRP B 273 -2.78 -28.87 -1.41
CA TRP B 273 -3.86 -29.78 -1.74
C TRP B 273 -5.21 -29.09 -1.73
N GLU B 274 -5.20 -27.75 -1.59
CA GLU B 274 -6.44 -27.00 -1.52
C GLU B 274 -7.30 -27.15 -2.77
N GLY B 275 -8.56 -27.50 -2.55
CA GLY B 275 -9.50 -27.71 -3.66
C GLY B 275 -9.19 -28.99 -4.42
N LYS B 276 -8.34 -29.84 -3.85
CA LYS B 276 -7.92 -31.08 -4.50
C LYS B 276 -8.14 -32.24 -3.54
N GLU B 277 -7.80 -33.45 -3.96
CA GLU B 277 -8.02 -34.62 -3.10
C GLU B 277 -6.89 -34.76 -2.09
N PHE B 278 -7.18 -34.87 -0.82
CA PHE B 278 -6.16 -35.06 0.23
C PHE B 278 -5.81 -36.52 0.44
N PRO B 279 -4.54 -36.88 0.38
CA PRO B 279 -4.05 -38.22 0.44
C PRO B 279 -4.03 -38.82 1.83
N ASP B 280 -4.33 -38.09 2.90
CA ASP B 280 -4.24 -38.77 4.21
C ASP B 280 -5.39 -38.38 5.14
N ALA B 281 -6.34 -39.27 5.34
CA ALA B 281 -7.53 -39.03 6.14
C ALA B 281 -7.24 -38.83 7.62
N ARG B 282 -6.22 -39.53 8.12
CA ARG B 282 -5.83 -39.38 9.50
C ARG B 282 -5.27 -37.96 9.71
N LEU B 283 -4.42 -37.51 8.79
CA LEU B 283 -3.87 -36.16 8.96
C LEU B 283 -4.95 -35.10 8.83
N ALA B 284 -5.91 -35.27 7.91
CA ALA B 284 -6.96 -34.28 7.76
C ALA B 284 -7.75 -34.15 9.06
N ASP B 285 -8.00 -35.26 9.73
CA ASP B 285 -8.72 -35.23 11.01
C ASP B 285 -7.90 -34.58 12.12
N LEU B 286 -6.60 -34.85 12.17
CA LEU B 286 -5.72 -34.22 13.15
C LEU B 286 -5.67 -32.71 12.96
N ILE B 287 -5.62 -32.23 11.73
CA ILE B 287 -5.57 -30.81 11.44
C ILE B 287 -6.78 -30.08 12.05
N ALA B 288 -7.95 -30.72 11.96
CA ALA B 288 -9.21 -30.12 12.33
C ALA B 288 -9.64 -30.35 13.77
N ARG B 289 -8.90 -31.11 14.59
CA ARG B 289 -9.31 -31.21 15.99
C ARG B 289 -9.06 -29.91 16.74
N PRO B 290 -9.91 -29.57 17.67
CA PRO B 290 -9.83 -28.34 18.46
C PRO B 290 -8.69 -28.32 19.46
N ASN B 291 -8.19 -29.48 19.83
CA ASN B 291 -7.07 -29.61 20.76
C ASN B 291 -5.82 -30.20 20.11
N VAL B 292 -5.70 -30.05 18.81
CA VAL B 292 -4.51 -30.43 18.07
C VAL B 292 -4.08 -29.26 17.18
N LEU B 293 -2.78 -28.96 17.23
CA LEU B 293 -2.19 -27.92 16.37
C LEU B 293 -1.16 -28.59 15.45
N VAL B 294 -1.54 -28.70 14.20
CA VAL B 294 -0.69 -29.27 13.17
C VAL B 294 -0.04 -28.12 12.39
N THR B 295 1.27 -28.17 12.26
CA THR B 295 2.02 -27.28 11.40
C THR B 295 2.95 -28.14 10.55
N PRO B 296 3.20 -27.78 9.31
CA PRO B 296 3.85 -28.64 8.32
C PRO B 296 5.36 -28.51 8.29
N LYS B 297 6.01 -28.86 9.39
CA LYS B 297 7.43 -28.77 9.58
C LYS B 297 7.93 -27.35 9.33
N THR B 298 7.36 -26.43 10.09
CA THR B 298 7.69 -25.01 9.96
C THR B 298 8.41 -24.48 11.18
N ALA B 299 8.75 -25.33 12.14
CA ALA B 299 9.48 -24.84 13.32
C ALA B 299 10.77 -24.09 12.97
N PHE B 300 11.47 -24.51 11.92
CA PHE B 300 12.67 -23.84 11.46
C PHE B 300 12.41 -22.48 10.82
N TYR B 301 11.20 -22.20 10.36
CA TYR B 301 10.92 -21.15 9.40
C TYR B 301 10.67 -19.77 9.97
N THR B 302 11.80 -19.16 10.34
CA THR B 302 11.80 -17.81 10.87
C THR B 302 12.84 -16.96 10.12
N THR B 303 12.75 -15.65 10.26
CA THR B 303 13.73 -14.77 9.59
C THR B 303 15.13 -14.92 10.15
N HIS B 304 15.26 -15.24 11.43
CA HIS B 304 16.58 -15.46 12.01
C HIS B 304 17.21 -16.73 11.41
N ALA B 305 16.43 -17.80 11.37
CA ALA B 305 16.93 -19.07 10.82
C ALA B 305 17.32 -18.96 9.34
N VAL B 306 16.45 -18.38 8.56
CA VAL B 306 16.61 -18.28 7.13
C VAL B 306 17.80 -17.40 6.77
N ARG B 307 17.97 -16.33 7.53
CA ARG B 307 19.15 -15.48 7.37
C ARG B 307 20.41 -16.31 7.57
N ASN B 308 20.44 -17.13 8.61
CA ASN B 308 21.60 -18.00 8.85
C ASN B 308 21.75 -19.11 7.81
N MET B 309 20.65 -19.68 7.32
CA MET B 309 20.77 -20.68 6.25
C MET B 309 21.45 -20.05 5.03
N VAL B 310 21.10 -18.81 4.70
CA VAL B 310 21.66 -18.15 3.54
C VAL B 310 23.11 -17.79 3.73
N VAL B 311 23.39 -17.09 4.83
CA VAL B 311 24.74 -16.60 5.10
C VAL B 311 25.73 -17.71 5.36
N LYS B 312 25.39 -18.73 6.14
CA LYS B 312 26.34 -19.76 6.45
C LYS B 312 26.61 -20.60 5.18
N ALA B 313 25.64 -20.70 4.29
CA ALA B 313 25.79 -21.48 3.08
C ALA B 313 26.78 -20.75 2.16
N PHE B 314 26.58 -19.45 2.02
CA PHE B 314 27.49 -18.63 1.22
C PHE B 314 28.88 -18.56 1.82
N ASP B 315 28.97 -18.42 3.14
CA ASP B 315 30.27 -18.48 3.79
C ASP B 315 30.99 -19.81 3.50
N ASN B 316 30.30 -20.94 3.68
CA ASN B 316 30.91 -22.23 3.47
C ASN B 316 31.38 -22.40 2.02
N ASN B 317 30.58 -21.97 1.06
CA ASN B 317 30.97 -22.09 -0.33
C ASN B 317 32.21 -21.28 -0.61
N LEU B 318 32.27 -20.06 -0.07
CA LEU B 318 33.39 -19.17 -0.30
C LEU B 318 34.68 -19.79 0.24
N GLU B 319 34.56 -20.44 1.40
CA GLU B 319 35.67 -21.15 1.99
C GLU B 319 36.14 -22.27 1.07
N LEU B 320 35.22 -23.07 0.53
CA LEU B 320 35.63 -24.13 -0.40
C LEU B 320 36.39 -23.49 -1.57
N VAL B 321 35.79 -22.51 -2.22
CA VAL B 321 36.30 -21.84 -3.39
C VAL B 321 37.70 -21.26 -3.14
N GLU B 322 37.92 -20.67 -1.99
CA GLU B 322 39.19 -20.05 -1.64
C GLU B 322 40.19 -21.05 -1.05
N GLY B 323 39.85 -22.32 -1.03
CA GLY B 323 40.71 -23.36 -0.51
C GLY B 323 40.87 -23.40 1.01
N LYS B 324 39.98 -22.74 1.74
CA LYS B 324 40.00 -22.74 3.19
C LYS B 324 39.20 -23.94 3.73
N GLU B 325 39.40 -24.29 4.98
CA GLU B 325 38.64 -25.35 5.63
C GLU B 325 37.20 -24.90 5.89
N ALA B 326 36.25 -25.57 5.27
CA ALA B 326 34.84 -25.18 5.37
C ALA B 326 34.33 -25.27 6.80
N GLU B 327 33.41 -24.39 7.18
CA GLU B 327 32.91 -24.46 8.55
C GLU B 327 32.15 -25.75 8.85
N THR B 328 31.26 -26.17 7.97
CA THR B 328 30.44 -27.35 8.23
C THR B 328 30.32 -28.26 7.02
N PRO B 329 31.37 -29.01 6.75
CA PRO B 329 31.46 -29.91 5.61
C PRO B 329 30.66 -31.18 5.81
N VAL B 330 30.26 -31.78 4.71
CA VAL B 330 29.58 -33.07 4.64
C VAL B 330 30.54 -34.12 4.08
N LYS B 331 30.68 -35.24 4.77
CA LYS B 331 31.48 -36.35 4.27
C LYS B 331 30.89 -36.87 2.97
N VAL B 332 31.65 -36.84 1.89
CA VAL B 332 31.18 -37.23 0.57
C VAL B 332 31.54 -38.68 0.23
N THR C 2 28.56 37.04 7.44
CA THR C 2 27.72 35.93 7.08
C THR C 2 28.19 35.48 5.70
N LYS C 3 28.69 34.25 5.62
CA LYS C 3 29.19 33.71 4.37
C LYS C 3 28.52 32.37 4.05
N ILE C 4 27.82 32.34 2.91
CA ILE C 4 27.08 31.11 2.54
C ILE C 4 27.67 30.68 1.19
N PHE C 5 28.09 29.42 1.10
CA PHE C 5 28.60 28.88 -0.15
C PHE C 5 27.59 27.89 -0.74
N ALA C 6 27.52 27.86 -2.07
CA ALA C 6 26.54 27.01 -2.74
C ALA C 6 27.17 26.11 -3.80
N TYR C 7 26.73 24.85 -3.79
CA TYR C 7 27.20 23.87 -4.76
C TYR C 7 26.18 23.66 -5.88
N ALA C 8 26.70 23.29 -7.04
CA ALA C 8 25.92 22.94 -8.21
C ALA C 8 24.80 23.93 -8.47
N ILE C 9 25.16 25.18 -8.72
CA ILE C 9 24.15 26.19 -9.04
C ILE C 9 23.92 26.25 -10.54
N ARG C 10 22.78 25.72 -10.98
CA ARG C 10 22.43 25.71 -12.39
C ARG C 10 22.09 27.10 -12.92
N GLU C 11 22.13 27.24 -14.24
CA GLU C 11 21.74 28.48 -14.90
C GLU C 11 20.30 28.84 -14.55
N ASP C 12 19.41 27.85 -14.51
CA ASP C 12 18.00 28.10 -14.20
C ASP C 12 17.79 28.53 -12.76
N GLU C 13 18.75 28.28 -11.87
CA GLU C 13 18.65 28.63 -10.46
C GLU C 13 19.12 30.05 -10.18
N LYS C 14 19.95 30.59 -11.06
CA LYS C 14 20.54 31.91 -10.87
C LYS C 14 19.57 33.01 -10.51
N PRO C 15 18.54 33.20 -11.30
CA PRO C 15 17.56 34.25 -11.10
C PRO C 15 16.98 34.26 -9.70
N PHE C 16 16.77 33.08 -9.10
CA PHE C 16 16.21 33.02 -7.75
C PHE C 16 17.29 33.28 -6.72
N LEU C 17 18.51 32.81 -7.00
CA LEU C 17 19.67 33.12 -6.16
C LEU C 17 19.81 34.64 -6.08
N LYS C 18 20.01 35.22 -7.27
CA LYS C 18 20.09 36.67 -7.40
C LYS C 18 18.99 37.33 -6.58
N GLU C 19 17.75 36.89 -6.78
CA GLU C 19 16.61 37.43 -6.04
C GLU C 19 16.79 37.32 -4.53
N TRP C 20 17.40 36.24 -4.05
CA TRP C 20 17.55 36.07 -2.60
C TRP C 20 18.51 37.11 -2.04
N GLU C 21 19.67 37.22 -2.67
CA GLU C 21 20.69 38.18 -2.29
C GLU C 21 20.12 39.60 -2.24
N ASP C 22 18.98 39.89 -2.41
CA ASP C 22 18.49 41.29 -2.35
C ASP C 22 17.49 41.49 -1.21
N ALA C 23 17.40 40.50 -0.35
CA ALA C 23 16.56 40.54 0.85
C ALA C 23 17.49 40.18 2.02
N HIS C 24 18.73 40.29 1.60
CA HIS C 24 19.88 39.97 2.39
C HIS C 24 21.07 40.65 1.66
N LYS C 25 20.71 41.90 1.18
CA LYS C 25 21.62 42.88 0.45
C LYS C 25 22.71 42.70 0.97
N ASP C 26 22.59 41.80 2.12
CA ASP C 26 23.96 42.11 2.92
C ASP C 26 24.79 40.85 3.11
N VAL C 27 24.06 39.52 3.18
CA VAL C 27 24.67 38.19 3.19
C VAL C 27 25.56 38.02 1.97
N GLU C 28 26.58 37.12 2.17
CA GLU C 28 27.51 36.79 1.10
C GLU C 28 27.17 35.48 0.41
N VAL C 29 27.02 35.60 -0.88
CA VAL C 29 26.83 34.46 -1.74
C VAL C 29 27.79 34.52 -2.84
N GLU C 30 28.64 33.52 -2.70
CA GLU C 30 29.40 32.99 -3.83
C GLU C 30 28.99 31.54 -4.05
N TYR C 31 29.15 31.06 -5.29
CA TYR C 31 28.73 29.69 -5.59
C TYR C 31 29.58 29.09 -6.70
N THR C 32 29.48 27.78 -6.85
CA THR C 32 30.12 27.09 -7.95
C THR C 32 29.11 26.19 -8.66
N ASP C 33 29.46 25.73 -9.87
CA ASP C 33 28.61 24.81 -10.60
C ASP C 33 29.08 23.39 -10.34
N LYS C 34 30.15 23.27 -9.56
CA LYS C 34 30.72 21.97 -9.23
C LYS C 34 29.95 21.30 -8.10
N LEU C 35 29.98 19.96 -8.08
CA LEU C 35 29.32 19.21 -7.01
C LEU C 35 29.90 19.63 -5.65
N LEU C 36 29.92 18.51 -4.77
CA LEU C 36 30.55 18.67 -3.47
C LEU C 36 31.13 17.38 -2.91
N THR C 37 31.93 16.74 -3.72
CA THR C 37 32.70 15.61 -3.27
C THR C 37 33.90 16.28 -2.51
N PRO C 38 34.88 15.58 -1.92
CA PRO C 38 36.09 16.26 -1.16
C PRO C 38 37.35 17.20 -1.82
N GLU C 39 37.24 18.45 -2.57
CA GLU C 39 38.43 19.49 -2.96
C GLU C 39 37.99 20.91 -3.30
N THR C 40 36.71 21.07 -3.63
CA THR C 40 36.17 22.38 -3.97
C THR C 40 35.75 23.16 -2.74
N VAL C 41 35.36 22.43 -1.70
CA VAL C 41 34.91 22.98 -0.44
C VAL C 41 35.58 24.31 -0.09
N ALA C 42 36.71 24.25 0.61
CA ALA C 42 37.73 25.01 0.93
C ALA C 42 37.14 26.22 0.34
N LEU C 43 36.50 25.86 -0.73
CA LEU C 43 35.69 26.75 -1.44
C LEU C 43 34.83 27.40 -0.38
N ALA C 44 34.41 26.53 0.51
CA ALA C 44 33.65 26.90 1.68
C ALA C 44 34.67 27.46 2.72
N LYS C 45 35.98 26.91 2.72
CA LYS C 45 37.11 27.45 3.63
C LYS C 45 36.95 28.97 3.44
N GLY C 46 35.99 29.55 4.17
CA GLY C 46 35.74 31.01 4.11
C GLY C 46 34.25 31.35 4.30
N ALA C 47 33.44 30.30 4.16
CA ALA C 47 31.97 30.36 4.29
C ALA C 47 31.58 29.92 5.68
N ASP C 48 30.38 30.26 5.99
CA ASP C 48 29.87 30.08 7.44
C ASP C 48 28.64 29.32 7.95
N GLY C 49 28.41 28.57 6.09
CA GLY C 49 27.41 27.47 5.77
C GLY C 49 27.37 27.46 4.32
N VAL C 50 26.93 26.26 3.95
CA VAL C 50 26.77 25.93 2.54
C VAL C 50 25.34 25.57 2.17
N VAL C 51 25.05 25.59 0.88
CA VAL C 51 23.75 25.18 0.36
C VAL C 51 23.99 24.25 -0.84
N VAL C 52 23.56 23.00 -0.70
CA VAL C 52 23.87 21.98 -1.68
C VAL C 52 22.67 21.40 -2.42
N TYR C 53 23.03 20.51 -3.34
CA TYR C 53 22.14 19.80 -4.22
C TYR C 53 22.95 18.79 -5.03
N GLN C 54 22.63 17.50 -4.91
CA GLN C 54 23.38 16.49 -5.64
C GLN C 54 22.99 15.08 -5.23
N GLN C 55 23.38 14.10 -6.05
CA GLN C 55 23.08 12.70 -5.79
C GLN C 55 24.32 11.95 -5.32
N LEU C 56 25.37 12.86 -5.37
CA LEU C 56 26.81 12.55 -5.21
C LEU C 56 27.03 12.24 -3.78
N ASP C 57 27.03 10.90 -3.67
CA ASP C 57 27.09 10.29 -2.23
C ASP C 57 27.66 11.45 -1.42
N TYR C 58 27.03 11.75 -0.30
CA TYR C 58 27.48 12.85 0.56
C TYR C 58 28.21 11.83 1.71
N ILE C 59 28.87 11.24 1.73
CA ILE C 59 30.01 10.49 2.22
C ILE C 59 31.02 11.37 2.95
N ALA C 60 31.46 10.89 4.11
CA ALA C 60 32.44 11.61 4.92
C ALA C 60 33.31 11.94 5.02
N GLU C 61 34.15 11.46 4.13
CA GLU C 61 35.30 12.26 3.68
C GLU C 61 34.83 13.68 3.50
N THR C 62 33.81 13.78 2.67
CA THR C 62 33.23 15.03 2.39
C THR C 62 32.72 15.67 3.68
N LEU C 63 31.93 14.89 4.42
CA LEU C 63 31.46 15.70 5.44
C LEU C 63 32.67 16.30 6.16
N GLN C 64 33.58 15.40 6.54
CA GLN C 64 34.82 15.74 7.21
C GLN C 64 35.49 16.97 6.60
N ALA C 65 35.92 16.84 5.33
CA ALA C 65 36.56 17.95 4.64
C ALA C 65 35.88 19.27 4.99
N LEU C 66 34.56 19.29 4.88
CA LEU C 66 33.77 20.47 5.20
C LEU C 66 34.12 21.00 6.59
N ALA C 67 33.93 20.15 7.59
CA ALA C 67 34.22 20.56 8.97
C ALA C 67 35.67 21.02 9.10
N ASP C 68 36.58 20.28 8.48
CA ASP C 68 38.00 20.68 8.49
C ASP C 68 38.11 22.12 7.88
N ASN C 69 37.20 22.47 6.92
CA ASN C 69 37.17 23.84 6.29
C ASN C 69 36.15 24.71 6.98
N GLY C 70 35.90 24.33 8.22
CA GLY C 70 35.03 25.10 9.12
C GLY C 70 33.64 25.07 8.92
N ILE C 71 33.34 24.05 8.11
CA ILE C 71 32.00 23.93 7.53
C ILE C 71 31.24 22.78 8.19
N THR C 72 30.34 23.13 9.10
CA THR C 72 29.57 22.13 9.82
C THR C 72 28.08 22.35 9.67
N LYS C 73 27.67 23.84 10.07
CA LYS C 73 26.12 24.28 9.80
C LYS C 73 26.00 24.29 8.04
N MET C 74 24.98 23.55 6.97
CA MET C 74 24.86 23.40 5.08
C MET C 74 23.53 23.10 4.85
N SER C 75 23.06 23.01 3.59
CA SER C 75 21.61 23.18 3.41
C SER C 75 21.14 22.64 2.05
N LEU C 76 20.35 21.59 2.11
CA LEU C 76 19.81 20.93 0.92
C LEU C 76 18.72 21.76 0.26
N ARG C 77 18.77 21.85 -1.07
CA ARG C 77 17.73 22.56 -1.82
C ARG C 77 16.63 21.56 -2.20
N ASN C 78 16.97 20.29 -2.04
CA ASN C 78 16.08 19.19 -2.35
C ASN C 78 15.48 18.55 -1.10
N VAL C 79 14.72 17.48 -1.30
CA VAL C 79 14.03 16.81 -0.21
C VAL C 79 14.92 15.75 0.45
N GLY C 80 15.35 14.86 -0.49
CA GLY C 80 16.08 13.62 -0.15
C GLY C 80 17.25 13.94 0.65
N VAL C 81 17.13 13.36 1.85
CA VAL C 81 18.24 13.33 2.80
C VAL C 81 18.57 11.90 3.19
N ASP C 82 19.10 11.13 2.25
CA ASP C 82 19.47 9.74 2.49
C ASP C 82 20.96 9.52 2.18
N ASN C 83 21.35 9.75 0.93
CA ASN C 83 22.73 9.59 0.52
C ASN C 83 23.65 10.70 1.18
N ILE C 84 23.27 11.17 2.41
CA ILE C 84 24.12 12.09 3.30
C ILE C 84 24.61 11.25 4.52
N ASP C 85 25.89 10.83 4.48
CA ASP C 85 26.55 10.01 5.57
C ASP C 85 26.16 10.56 6.96
N MET C 86 25.09 10.00 7.50
CA MET C 86 24.49 10.47 8.76
C MET C 86 25.43 10.42 9.95
N ALA C 87 25.29 9.93 11.27
CA ALA C 87 26.23 9.83 12.39
C ALA C 87 27.42 10.75 12.17
N LYS C 88 28.06 10.35 11.10
CA LYS C 88 29.19 11.21 10.78
C LYS C 88 28.84 12.68 11.03
N ALA C 89 27.70 12.98 10.69
CA ALA C 89 27.32 14.53 10.59
C ALA C 89 27.03 14.97 12.08
N LYS C 90 26.15 14.07 12.71
CA LYS C 90 25.63 14.09 14.16
C LYS C 90 27.01 13.80 15.41
N GLU C 91 27.92 13.13 14.71
CA GLU C 91 29.34 13.29 14.98
C GLU C 91 29.76 14.75 15.05
N LEU C 92 29.60 15.48 13.95
CA LEU C 92 30.48 16.60 13.62
C LEU C 92 30.03 17.89 14.30
N GLY C 93 28.97 17.82 15.09
CA GLY C 93 27.76 18.16 15.26
C GLY C 93 26.93 18.88 14.20
N PHE C 94 26.89 18.26 13.02
CA PHE C 94 26.37 18.84 11.84
C PHE C 94 24.94 19.36 11.93
N GLN C 95 24.76 20.62 11.55
CA GLN C 95 23.44 21.24 11.55
C GLN C 95 22.88 21.28 10.13
N ILE C 96 21.82 20.50 9.91
CA ILE C 96 21.19 20.44 8.59
C ILE C 96 19.66 20.57 8.70
N THR C 97 19.35 21.48 7.32
CA THR C 97 18.00 21.87 6.64
C THR C 97 17.85 21.09 5.13
N ASN C 98 16.56 20.79 4.90
CA ASN C 98 16.16 20.48 3.52
C ASN C 98 14.95 21.31 3.11
N VAL C 99 14.39 21.01 1.94
CA VAL C 99 13.21 21.72 1.44
C VAL C 99 12.18 20.68 1.04
N PRO C 100 11.36 20.28 2.00
CA PRO C 100 10.40 19.20 1.86
C PRO C 100 9.23 19.51 0.93
N VAL C 101 8.80 20.75 0.88
CA VAL C 101 7.65 21.19 0.10
C VAL C 101 8.05 22.36 -0.79
N TYR C 102 7.89 22.23 -2.11
CA TYR C 102 8.31 23.33 -2.97
C TYR C 102 7.26 23.73 -3.99
N SER C 103 6.42 22.80 -4.42
CA SER C 103 5.34 23.08 -5.35
C SER C 103 4.61 21.79 -5.70
N PRO C 104 3.52 21.50 -5.02
CA PRO C 104 2.68 20.36 -5.28
C PRO C 104 2.10 20.46 -6.68
N ASN C 105 1.78 21.70 -7.08
CA ASN C 105 1.22 21.93 -8.41
C ASN C 105 2.16 21.48 -9.51
N ALA C 106 3.47 21.64 -9.35
CA ALA C 106 4.39 21.23 -10.40
C ALA C 106 4.10 19.78 -10.80
N ILE C 107 4.00 18.96 -9.74
CA ILE C 107 3.80 17.53 -9.91
C ILE C 107 2.39 17.18 -10.35
N ALA C 108 1.37 17.76 -9.77
CA ALA C 108 -0.01 17.50 -10.15
C ALA C 108 -0.23 17.97 -11.59
N GLU C 109 0.33 19.14 -11.93
CA GLU C 109 0.13 19.65 -13.29
C GLU C 109 0.69 18.67 -14.30
N HIS C 110 1.88 18.13 -13.99
CA HIS C 110 2.52 17.21 -14.92
C HIS C 110 1.67 15.97 -15.18
N ALA C 111 1.14 15.42 -14.08
CA ALA C 111 0.25 14.26 -14.18
C ALA C 111 -0.98 14.57 -15.02
N ALA C 112 -1.60 15.73 -14.82
CA ALA C 112 -2.79 16.07 -15.57
C ALA C 112 -2.50 16.23 -17.05
N ILE C 113 -1.43 16.93 -17.39
CA ILE C 113 -1.05 17.16 -18.77
C ILE C 113 -0.79 15.84 -19.47
N GLN C 114 -0.03 14.95 -18.83
CA GLN C 114 0.33 13.69 -19.48
C GLN C 114 -0.91 12.82 -19.68
N ALA C 115 -1.79 12.86 -18.70
CA ALA C 115 -3.06 12.12 -18.79
C ALA C 115 -3.88 12.62 -19.98
N ALA C 116 -4.05 13.93 -20.07
CA ALA C 116 -4.83 14.54 -21.13
C ALA C 116 -4.24 14.23 -22.49
N ARG C 117 -2.93 14.27 -22.63
CA ARG C 117 -2.25 13.92 -23.87
C ARG C 117 -2.47 12.45 -24.25
N ILE C 118 -2.39 11.57 -23.26
CA ILE C 118 -2.58 10.15 -23.54
C ILE C 118 -3.98 9.92 -24.11
N LEU C 119 -4.96 10.48 -23.44
CA LEU C 119 -6.36 10.43 -23.80
C LEU C 119 -6.61 10.98 -25.21
N ARG C 120 -5.93 12.06 -25.54
CA ARG C 120 -6.08 12.70 -26.86
C ARG C 120 -5.40 11.93 -27.98
N GLN C 121 -4.46 11.04 -27.70
CA GLN C 121 -3.59 10.37 -28.63
C GLN C 121 -2.70 11.42 -29.33
N ASP C 122 -2.25 12.42 -28.54
CA ASP C 122 -1.52 13.53 -29.08
C ASP C 122 -0.19 13.10 -29.64
N LYS C 123 0.44 12.11 -29.00
CA LYS C 123 1.71 11.59 -29.45
C LYS C 123 1.55 10.87 -30.78
N ALA C 124 0.47 10.13 -30.97
CA ALA C 124 0.25 9.49 -32.26
C ALA C 124 0.02 10.56 -33.34
N MET C 125 -0.72 11.61 -33.01
CA MET C 125 -0.94 12.70 -33.97
C MET C 125 0.37 13.38 -34.33
N ASP C 126 1.19 13.71 -33.31
CA ASP C 126 2.44 14.40 -33.57
C ASP C 126 3.35 13.59 -34.47
N GLU C 127 3.43 12.28 -34.29
CA GLU C 127 4.29 11.43 -35.07
C GLU C 127 3.89 11.41 -36.54
N LYS C 128 2.59 11.41 -36.80
CA LYS C 128 2.03 11.45 -38.14
C LYS C 128 2.37 12.79 -38.82
N VAL C 129 2.09 13.84 -38.07
CA VAL C 129 2.31 15.21 -38.57
C VAL C 129 3.77 15.44 -38.86
N ALA C 130 4.67 15.00 -37.98
CA ALA C 130 6.10 15.19 -38.18
C ALA C 130 6.59 14.53 -39.46
N ARG C 131 5.94 13.44 -39.87
CA ARG C 131 6.25 12.71 -41.08
C ARG C 131 5.39 13.22 -42.25
N HIS C 132 4.59 14.24 -42.01
CA HIS C 132 3.79 14.93 -43.00
C HIS C 132 2.53 14.20 -43.45
N ASP C 133 2.06 13.29 -42.60
CA ASP C 133 0.72 12.74 -42.83
C ASP C 133 -0.23 13.68 -42.09
N LEU C 134 -0.94 14.54 -42.81
CA LEU C 134 -1.77 15.55 -42.16
C LEU C 134 -3.24 15.23 -42.14
N ARG C 135 -3.57 13.95 -42.26
CA ARG C 135 -4.95 13.47 -42.14
C ARG C 135 -5.30 13.32 -40.65
N TRP C 136 -6.42 13.86 -40.22
CA TRP C 136 -6.85 13.72 -38.83
C TRP C 136 -7.30 12.29 -38.49
N ALA C 137 -8.10 11.66 -39.34
CA ALA C 137 -8.52 10.27 -39.05
C ALA C 137 -7.38 9.29 -39.25
N PRO C 138 -7.34 8.23 -38.48
CA PRO C 138 -8.33 7.82 -37.49
C PRO C 138 -7.86 8.04 -36.06
N THR C 139 -7.02 9.05 -35.86
CA THR C 139 -6.46 9.38 -34.57
C THR C 139 -7.35 10.24 -33.70
N ILE C 140 -8.46 9.66 -33.25
CA ILE C 140 -9.50 10.35 -32.51
C ILE C 140 -9.16 10.50 -31.04
N GLY C 141 -9.51 11.64 -30.45
CA GLY C 141 -9.16 11.88 -29.04
C GLY C 141 -10.36 11.59 -28.13
N ARG C 142 -10.02 11.28 -26.89
CA ARG C 142 -10.99 11.12 -25.80
C ARG C 142 -10.91 12.38 -24.94
N GLU C 143 -12.01 13.06 -24.73
CA GLU C 143 -12.08 14.25 -23.91
C GLU C 143 -11.94 13.89 -22.43
N VAL C 144 -11.22 14.74 -21.72
CA VAL C 144 -11.01 14.61 -20.29
C VAL C 144 -12.35 14.65 -19.56
N ARG C 145 -13.24 15.51 -20.02
CA ARG C 145 -14.54 15.62 -19.36
C ARG C 145 -15.40 14.37 -19.51
N ASP C 146 -15.06 13.46 -20.42
CA ASP C 146 -15.89 12.27 -20.59
C ASP C 146 -15.41 11.12 -19.70
N GLN C 147 -14.37 11.37 -18.90
CA GLN C 147 -13.75 10.33 -18.10
C GLN C 147 -14.16 10.33 -16.64
N VAL C 148 -14.02 9.15 -16.03
CA VAL C 148 -14.08 8.98 -14.59
C VAL C 148 -12.60 8.86 -14.16
N VAL C 149 -12.12 9.83 -13.39
CA VAL C 149 -10.71 9.90 -13.04
C VAL C 149 -10.53 9.48 -11.58
N GLY C 150 -9.78 8.40 -11.41
CA GLY C 150 -9.53 7.86 -10.07
C GLY C 150 -8.19 8.30 -9.52
N VAL C 151 -8.24 8.98 -8.38
CA VAL C 151 -7.04 9.46 -7.73
C VAL C 151 -6.66 8.64 -6.49
N VAL C 152 -5.51 7.99 -6.55
CA VAL C 152 -5.02 7.17 -5.45
C VAL C 152 -4.05 8.01 -4.61
N GLY C 153 -4.52 8.49 -3.47
CA GLY C 153 -3.71 9.31 -2.58
C GLY C 153 -4.30 10.74 -2.60
N THR C 154 -4.80 11.20 -1.46
CA THR C 154 -5.34 12.54 -1.34
C THR C 154 -4.53 13.46 -0.43
N GLY C 155 -3.21 13.43 -0.57
CA GLY C 155 -2.32 14.40 0.07
C GLY C 155 -2.39 15.72 -0.71
N HIS C 156 -1.40 16.58 -0.55
CA HIS C 156 -1.34 17.87 -1.23
C HIS C 156 -1.36 17.74 -2.76
N ILE C 157 -0.50 16.88 -3.29
CA ILE C 157 -0.41 16.65 -4.73
C ILE C 157 -1.70 16.04 -5.27
N GLY C 158 -2.21 14.97 -4.67
CA GLY C 158 -3.45 14.36 -5.12
C GLY C 158 -4.63 15.31 -5.10
N GLN C 159 -4.68 16.23 -4.14
CA GLN C 159 -5.75 17.22 -4.08
C GLN C 159 -5.69 18.23 -5.23
N VAL C 160 -4.48 18.65 -5.60
CA VAL C 160 -4.36 19.57 -6.73
C VAL C 160 -4.75 18.84 -8.01
N PHE C 161 -4.31 17.59 -8.19
CA PHE C 161 -4.72 16.80 -9.33
C PHE C 161 -6.24 16.74 -9.45
N MET C 162 -6.93 16.43 -8.36
CA MET C 162 -8.39 16.39 -8.32
C MET C 162 -9.01 17.69 -8.82
N GLN C 163 -8.49 18.80 -8.35
CA GLN C 163 -8.96 20.13 -8.73
C GLN C 163 -8.81 20.36 -10.24
N ILE C 164 -7.64 20.05 -10.78
CA ILE C 164 -7.40 20.22 -12.21
C ILE C 164 -8.35 19.36 -13.03
N MET C 165 -8.52 18.10 -12.66
CA MET C 165 -9.36 17.18 -13.43
C MET C 165 -10.82 17.56 -13.34
N GLU C 166 -11.21 18.04 -12.17
CA GLU C 166 -12.55 18.56 -11.99
C GLU C 166 -12.76 19.83 -12.81
N GLY C 167 -11.75 20.65 -12.96
CA GLY C 167 -11.81 21.83 -13.80
C GLY C 167 -12.07 21.52 -15.27
N PHE C 168 -11.61 20.36 -15.74
CA PHE C 168 -11.90 19.89 -17.09
C PHE C 168 -13.33 19.39 -17.25
N GLY C 169 -14.01 19.09 -16.15
CA GLY C 169 -15.37 18.56 -16.19
C GLY C 169 -15.44 17.06 -15.96
N ALA C 170 -14.33 16.44 -15.57
CA ALA C 170 -14.36 15.00 -15.34
C ALA C 170 -15.04 14.70 -14.00
N LYS C 171 -15.62 13.52 -13.92
CA LYS C 171 -16.09 12.98 -12.64
C LYS C 171 -14.84 12.50 -11.88
N VAL C 172 -14.59 13.08 -10.72
CA VAL C 172 -13.40 12.68 -9.97
C VAL C 172 -13.78 11.82 -8.75
N ILE C 173 -13.11 10.70 -8.61
CA ILE C 173 -13.25 9.81 -7.46
C ILE C 173 -11.88 9.52 -6.86
N THR C 174 -11.89 9.17 -5.57
CA THR C 174 -10.64 9.00 -4.87
C THR C 174 -10.61 7.81 -3.90
N TYR C 175 -9.39 7.37 -3.62
CA TYR C 175 -9.16 6.36 -2.59
C TYR C 175 -7.94 6.72 -1.74
N ASP C 176 -8.18 6.85 -0.43
CA ASP C 176 -7.08 7.04 0.51
C ASP C 176 -7.45 6.37 1.83
N ILE C 177 -6.52 5.66 2.46
CA ILE C 177 -6.87 5.00 3.74
C ILE C 177 -7.16 6.05 4.80
N PHE C 178 -6.47 7.17 4.73
CA PHE C 178 -6.65 8.29 5.65
C PHE C 178 -7.40 9.42 4.93
N ARG C 179 -8.71 9.43 5.07
CA ARG C 179 -9.54 10.37 4.34
C ARG C 179 -9.41 11.80 4.82
N ASN C 180 -9.35 12.71 3.85
CA ASN C 180 -9.45 14.14 4.19
C ASN C 180 -10.91 14.42 4.49
N PRO C 181 -11.20 14.96 5.66
CA PRO C 181 -12.55 15.25 6.13
C PRO C 181 -13.38 16.10 5.19
N GLU C 182 -12.81 17.13 4.58
CA GLU C 182 -13.58 17.96 3.64
C GLU C 182 -13.92 17.19 2.37
N LEU C 183 -12.93 16.49 1.82
CA LEU C 183 -13.20 15.66 0.64
C LEU C 183 -14.22 14.56 0.95
N GLU C 184 -14.18 14.00 2.16
CA GLU C 184 -15.13 12.93 2.50
C GLU C 184 -16.55 13.45 2.55
N LYS C 185 -16.77 14.63 3.12
CA LYS C 185 -18.11 15.22 3.15
C LYS C 185 -18.61 15.48 1.73
N LYS C 186 -17.72 15.92 0.85
CA LYS C 186 -18.10 16.20 -0.53
C LYS C 186 -18.33 14.94 -1.34
N GLY C 187 -18.10 13.77 -0.77
CA GLY C 187 -18.40 12.50 -1.40
C GLY C 187 -17.46 11.94 -2.43
N TYR C 188 -16.20 12.34 -2.48
CA TYR C 188 -15.24 11.83 -3.46
C TYR C 188 -14.77 10.41 -3.24
N TYR C 189 -14.79 9.92 -2.00
CA TYR C 189 -14.12 8.65 -1.74
C TYR C 189 -14.92 7.40 -2.08
N VAL C 190 -14.23 6.40 -2.63
CA VAL C 190 -14.80 5.06 -2.77
C VAL C 190 -14.27 4.22 -1.60
N ASP C 191 -14.93 3.11 -1.29
CA ASP C 191 -14.62 2.33 -0.09
C ASP C 191 -13.43 1.41 -0.22
N SER C 192 -13.04 1.10 -1.45
CA SER C 192 -11.88 0.26 -1.70
C SER C 192 -11.17 0.63 -3.00
N LEU C 193 -9.95 0.12 -3.13
CA LEU C 193 -9.15 0.29 -4.34
C LEU C 193 -9.79 -0.50 -5.49
N ASP C 194 -10.40 -1.63 -5.12
CA ASP C 194 -11.18 -2.42 -6.07
C ASP C 194 -12.33 -1.61 -6.63
N ASP C 195 -12.97 -0.75 -5.83
CA ASP C 195 -14.06 0.07 -6.31
C ASP C 195 -13.54 1.13 -7.28
N LEU C 196 -12.31 1.58 -7.05
CA LEU C 196 -11.71 2.60 -7.93
C LEU C 196 -11.37 1.97 -9.26
N TYR C 197 -10.78 0.78 -9.19
CA TYR C 197 -10.36 0.06 -10.38
C TYR C 197 -11.58 -0.27 -11.25
N LYS C 198 -12.68 -0.59 -10.58
CA LYS C 198 -13.95 -0.85 -11.23
C LYS C 198 -14.47 0.34 -12.04
N GLN C 199 -14.45 1.54 -11.43
CA GLN C 199 -15.10 2.63 -12.13
C GLN C 199 -14.16 3.60 -12.81
N ALA C 200 -12.85 3.55 -12.59
CA ALA C 200 -12.04 4.63 -13.18
C ALA C 200 -11.65 4.40 -14.63
N ASP C 201 -11.64 5.51 -15.39
CA ASP C 201 -11.17 5.45 -16.78
C ASP C 201 -9.69 5.86 -16.82
N VAL C 202 -9.35 6.69 -15.84
CA VAL C 202 -7.99 7.18 -15.66
C VAL C 202 -7.55 6.97 -14.20
N ILE C 203 -6.35 6.45 -14.03
CA ILE C 203 -5.83 6.23 -12.69
C ILE C 203 -4.51 6.99 -12.53
N SER C 204 -4.46 7.83 -11.51
CA SER C 204 -3.24 8.56 -11.21
C SER C 204 -2.80 8.29 -9.76
N LEU C 205 -1.53 7.94 -9.63
CA LEU C 205 -0.96 7.54 -8.34
C LEU C 205 -0.23 8.66 -7.61
N HIS C 206 -0.69 8.96 -6.40
CA HIS C 206 -0.12 10.01 -5.58
C HIS C 206 0.09 9.55 -4.15
N VAL C 207 0.67 8.37 -3.99
CA VAL C 207 1.00 7.78 -2.69
C VAL C 207 2.46 7.34 -2.65
N PRO C 208 3.02 7.22 -1.46
CA PRO C 208 4.36 6.73 -1.23
C PRO C 208 4.43 5.23 -1.48
N ASP C 209 5.62 4.75 -1.84
CA ASP C 209 5.85 3.33 -2.05
C ASP C 209 6.28 2.68 -0.72
N VAL C 210 5.41 2.77 0.27
CA VAL C 210 5.58 1.98 1.50
C VAL C 210 5.44 0.53 1.06
N PRO C 211 5.81 -0.44 1.87
CA PRO C 211 5.89 -1.83 1.43
C PRO C 211 4.65 -2.37 0.80
N ALA C 212 3.46 -2.12 1.38
CA ALA C 212 2.24 -2.69 0.85
C ALA C 212 1.89 -2.12 -0.54
N ASN C 213 2.48 -1.01 -0.93
CA ASN C 213 2.13 -0.32 -2.17
C ASN C 213 3.09 -0.64 -3.29
N VAL C 214 4.14 -1.37 -2.95
CA VAL C 214 5.14 -1.80 -3.93
C VAL C 214 4.53 -2.75 -4.93
N HIS C 215 4.58 -2.38 -6.22
CA HIS C 215 3.97 -3.16 -7.28
C HIS C 215 2.47 -3.29 -7.08
N MET C 216 1.80 -2.24 -6.63
CA MET C 216 0.36 -2.25 -6.50
C MET C 216 -0.29 -2.31 -7.89
N ILE C 217 0.41 -1.79 -8.89
CA ILE C 217 0.02 -1.88 -10.29
C ILE C 217 0.73 -3.11 -10.89
N ASN C 218 -0.06 -4.16 -11.04
CA ASN C 218 0.43 -5.47 -11.45
C ASN C 218 -0.64 -6.19 -12.25
N ASP C 219 -0.37 -7.40 -12.72
CA ASP C 219 -1.36 -8.14 -13.52
C ASP C 219 -2.73 -8.24 -12.87
N GLU C 220 -2.82 -8.37 -11.55
CA GLU C 220 -4.13 -8.47 -10.91
C GLU C 220 -4.94 -7.18 -10.87
N SER C 221 -4.31 -6.06 -10.49
CA SER C 221 -5.07 -4.81 -10.48
C SER C 221 -5.43 -4.39 -11.90
N ILE C 222 -4.54 -4.62 -12.85
CA ILE C 222 -4.83 -4.29 -14.24
C ILE C 222 -5.97 -5.14 -14.78
N ALA C 223 -6.13 -6.38 -14.33
CA ALA C 223 -7.27 -7.20 -14.77
C ALA C 223 -8.57 -6.65 -14.18
N LYS C 224 -8.48 -6.03 -13.00
CA LYS C 224 -9.62 -5.39 -12.37
C LYS C 224 -9.96 -4.06 -13.04
N MET C 225 -8.97 -3.46 -13.67
CA MET C 225 -9.16 -2.16 -14.32
C MET C 225 -10.14 -2.19 -15.47
N LYS C 226 -10.66 -1.02 -15.85
CA LYS C 226 -11.55 -0.89 -16.99
C LYS C 226 -10.84 -1.02 -18.33
N GLN C 227 -11.53 -1.53 -19.34
CA GLN C 227 -10.98 -1.59 -20.69
C GLN C 227 -10.62 -0.15 -21.13
N ASP C 228 -9.47 0.03 -21.73
CA ASP C 228 -8.98 1.31 -22.23
C ASP C 228 -8.51 2.24 -21.13
N VAL C 229 -8.26 1.71 -19.93
CA VAL C 229 -7.80 2.56 -18.84
C VAL C 229 -6.49 3.26 -19.20
N VAL C 230 -6.35 4.47 -18.66
CA VAL C 230 -5.12 5.24 -18.78
C VAL C 230 -4.49 5.33 -17.39
N ILE C 231 -3.26 4.88 -17.26
CA ILE C 231 -2.51 4.87 -16.03
C ILE C 231 -1.39 5.92 -16.06
N VAL C 232 -1.33 6.68 -14.97
CA VAL C 232 -0.31 7.69 -14.76
C VAL C 232 0.40 7.46 -13.43
N ASN C 233 1.71 7.51 -13.45
CA ASN C 233 2.57 7.46 -12.28
C ASN C 233 3.67 8.53 -12.35
N VAL C 234 3.50 9.57 -11.52
CA VAL C 234 4.55 10.57 -11.35
C VAL C 234 4.98 10.61 -9.88
N SER C 235 4.67 9.54 -9.15
CA SER C 235 4.99 9.50 -7.71
C SER C 235 6.25 8.72 -7.42
N ARG C 236 6.15 7.39 -7.44
CA ARG C 236 7.30 6.55 -7.13
C ARG C 236 7.38 5.33 -8.05
N GLY C 237 8.57 5.06 -8.53
CA GLY C 237 8.87 4.02 -9.48
C GLY C 237 8.42 2.63 -9.08
N PRO C 238 8.70 2.25 -7.85
CA PRO C 238 8.38 0.91 -7.33
C PRO C 238 6.90 0.66 -7.15
N LEU C 239 6.01 1.65 -7.32
CA LEU C 239 4.58 1.42 -7.26
C LEU C 239 4.08 0.56 -8.42
N VAL C 240 4.81 0.54 -9.52
CA VAL C 240 4.41 -0.10 -10.76
C VAL C 240 5.33 -1.25 -11.15
N ASP C 241 4.67 -2.39 -11.39
CA ASP C 241 5.37 -3.53 -11.96
C ASP C 241 5.43 -3.27 -13.46
N THR C 242 6.58 -2.86 -13.96
CA THR C 242 6.64 -2.44 -15.37
C THR C 242 6.23 -3.52 -16.33
N ASP C 243 6.76 -4.73 -16.15
CA ASP C 243 6.41 -5.81 -17.09
C ASP C 243 4.91 -6.02 -17.15
N ALA C 244 4.20 -5.84 -16.05
CA ALA C 244 2.75 -6.00 -16.04
C ALA C 244 2.08 -4.90 -16.85
N VAL C 245 2.67 -3.68 -16.79
CA VAL C 245 2.06 -2.60 -17.57
C VAL C 245 2.27 -2.88 -19.05
N ILE C 246 3.47 -3.31 -19.43
CA ILE C 246 3.74 -3.63 -20.83
C ILE C 246 2.77 -4.71 -21.31
N ARG C 247 2.62 -5.78 -20.52
CA ARG C 247 1.63 -6.79 -20.88
C ARG C 247 0.24 -6.23 -21.15
N GLY C 248 -0.18 -5.27 -20.35
CA GLY C 248 -1.48 -4.63 -20.50
C GLY C 248 -1.54 -3.74 -21.75
N LEU C 249 -0.42 -3.12 -22.07
CA LEU C 249 -0.32 -2.28 -23.27
C LEU C 249 -0.34 -3.16 -24.51
N ASP C 250 0.43 -4.24 -24.46
CA ASP C 250 0.52 -5.21 -25.54
C ASP C 250 -0.82 -5.85 -25.88
N SER C 251 -1.63 -6.17 -24.89
CA SER C 251 -2.93 -6.80 -25.14
C SER C 251 -3.98 -5.80 -25.59
N GLY C 252 -3.76 -4.51 -25.29
CA GLY C 252 -4.73 -3.49 -25.62
C GLY C 252 -5.71 -3.24 -24.49
N LYS C 253 -5.46 -3.83 -23.31
CA LYS C 253 -6.32 -3.56 -22.16
C LYS C 253 -6.04 -2.16 -21.61
N ILE C 254 -4.78 -1.77 -21.60
CA ILE C 254 -4.38 -0.42 -21.16
C ILE C 254 -4.26 0.47 -22.40
N PHE C 255 -4.96 1.58 -22.46
CA PHE C 255 -4.93 2.49 -23.60
C PHE C 255 -3.61 3.24 -23.74
N GLY C 256 -3.00 3.60 -22.60
CA GLY C 256 -1.70 4.25 -22.64
C GLY C 256 -1.17 4.43 -21.22
N TYR C 257 0.07 4.90 -21.12
CA TYR C 257 0.74 5.02 -19.84
C TYR C 257 1.67 6.23 -19.75
N ALA C 258 1.49 7.06 -18.73
CA ALA C 258 2.41 8.19 -18.53
C ALA C 258 3.25 7.89 -17.29
N MET C 259 4.55 7.85 -17.45
CA MET C 259 5.48 7.59 -16.36
C MET C 259 6.57 8.66 -16.26
N ASP C 260 6.64 9.30 -15.11
CA ASP C 260 7.72 10.22 -14.80
C ASP C 260 8.74 9.55 -13.87
N VAL C 261 8.38 8.37 -13.37
CA VAL C 261 9.22 7.61 -12.46
C VAL C 261 9.34 6.17 -12.94
N TYR C 262 10.43 5.49 -12.61
CA TYR C 262 10.71 4.14 -13.10
C TYR C 262 11.62 3.37 -12.15
N GLU C 263 11.23 2.14 -11.82
CA GLU C 263 12.11 1.27 -11.02
C GLU C 263 13.26 0.87 -11.94
N GLY C 264 14.48 1.25 -11.63
CA GLY C 264 15.60 1.04 -12.57
C GLY C 264 15.99 2.37 -13.22
N GLU C 265 15.40 3.46 -12.72
CA GLU C 265 15.71 4.79 -13.23
C GLU C 265 17.03 5.30 -12.64
N VAL C 266 17.38 4.83 -11.44
CA VAL C 266 18.59 5.29 -10.78
C VAL C 266 19.82 4.96 -11.61
N GLY C 267 20.62 5.99 -11.91
CA GLY C 267 21.81 5.81 -12.72
C GLY C 267 21.48 5.83 -14.21
N ILE C 268 20.21 5.98 -14.57
CA ILE C 268 19.81 6.02 -15.97
C ILE C 268 19.24 7.40 -16.31
N PHE C 269 18.24 7.78 -15.54
CA PHE C 269 17.61 9.08 -15.62
C PHE C 269 18.63 10.17 -15.28
N ASN C 270 18.56 11.31 -15.95
CA ASN C 270 19.47 12.43 -15.70
C ASN C 270 20.90 12.16 -16.17
N GLU C 271 21.04 11.30 -17.16
CA GLU C 271 22.29 11.06 -17.85
C GLU C 271 22.04 11.11 -19.36
N ASP C 272 23.06 11.48 -20.11
CA ASP C 272 23.02 11.53 -21.55
C ASP C 272 23.53 10.22 -22.16
N TRP C 273 22.66 9.48 -22.84
CA TRP C 273 23.06 8.22 -23.44
C TRP C 273 23.06 8.28 -24.97
N GLU C 274 22.99 9.49 -25.55
CA GLU C 274 22.98 9.54 -27.01
C GLU C 274 24.35 9.13 -27.57
N GLY C 275 24.32 8.24 -28.55
CA GLY C 275 25.55 7.77 -29.17
C GLY C 275 26.13 6.58 -28.43
N LYS C 276 25.48 6.17 -27.34
CA LYS C 276 25.98 5.10 -26.49
C LYS C 276 24.97 3.96 -26.48
N GLU C 277 25.42 2.80 -26.01
CA GLU C 277 24.54 1.66 -25.81
C GLU C 277 23.60 2.01 -24.65
N PHE C 278 22.30 1.89 -24.88
CA PHE C 278 21.33 2.21 -23.85
C PHE C 278 21.33 1.05 -22.87
N PRO C 279 21.38 1.36 -21.58
CA PRO C 279 21.51 0.40 -20.52
C PRO C 279 20.26 -0.42 -20.23
N ASP C 280 19.09 0.02 -20.71
CA ASP C 280 17.84 -0.64 -20.35
C ASP C 280 16.87 -0.73 -21.53
N ALA C 281 16.83 -1.90 -22.16
CA ALA C 281 16.01 -2.14 -23.32
C ALA C 281 14.52 -1.98 -23.05
N ARG C 282 14.06 -2.32 -21.85
CA ARG C 282 12.65 -2.13 -21.53
C ARG C 282 12.28 -0.65 -21.54
N LEU C 283 13.13 0.19 -20.96
CA LEU C 283 12.90 1.63 -20.96
C LEU C 283 12.93 2.21 -22.37
N ALA C 284 13.88 1.83 -23.22
CA ALA C 284 13.94 2.35 -24.58
C ALA C 284 12.66 2.06 -25.36
N ASP C 285 12.10 0.87 -25.17
CA ASP C 285 10.86 0.46 -25.79
C ASP C 285 9.71 1.33 -25.31
N LEU C 286 9.65 1.56 -24.00
CA LEU C 286 8.61 2.42 -23.44
C LEU C 286 8.73 3.84 -23.98
N ILE C 287 9.93 4.38 -24.06
CA ILE C 287 10.14 5.74 -24.58
C ILE C 287 9.58 5.92 -25.98
N ALA C 288 9.79 4.95 -26.86
CA ALA C 288 9.36 5.03 -28.24
C ALA C 288 7.90 4.66 -28.51
N ARG C 289 7.17 4.04 -27.59
CA ARG C 289 5.78 3.69 -27.84
C ARG C 289 4.92 4.93 -28.10
N PRO C 290 3.95 4.83 -28.98
CA PRO C 290 3.08 5.93 -29.38
C PRO C 290 2.06 6.27 -28.32
N ASN C 291 1.82 5.33 -27.40
CA ASN C 291 0.83 5.53 -26.35
C ASN C 291 1.49 5.54 -24.97
N VAL C 292 2.78 5.84 -24.95
CA VAL C 292 3.53 5.99 -23.71
C VAL C 292 4.23 7.34 -23.66
N LEU C 293 4.23 7.97 -22.50
CA LEU C 293 4.96 9.23 -22.34
C LEU C 293 5.95 9.08 -21.18
N VAL C 294 7.21 8.95 -21.54
CA VAL C 294 8.26 8.86 -20.51
C VAL C 294 8.94 10.21 -20.30
N THR C 295 9.06 10.62 -19.05
CA THR C 295 9.85 11.79 -18.65
C THR C 295 10.73 11.39 -17.47
N PRO C 296 11.98 11.80 -17.46
CA PRO C 296 13.01 11.36 -16.53
C PRO C 296 13.00 12.05 -15.19
N LYS C 297 11.92 11.88 -14.46
CA LYS C 297 11.65 12.48 -13.18
C LYS C 297 11.76 14.01 -13.17
N THR C 298 10.95 14.64 -14.00
CA THR C 298 10.90 16.08 -14.21
C THR C 298 9.60 16.71 -13.75
N ALA C 299 8.72 15.95 -13.08
CA ALA C 299 7.49 16.53 -12.57
C ALA C 299 7.77 17.75 -11.70
N PHE C 300 8.86 17.74 -10.94
CA PHE C 300 9.18 18.83 -10.04
C PHE C 300 9.73 20.07 -10.74
N TYR C 301 10.29 19.88 -11.93
CA TYR C 301 11.14 20.89 -12.56
C TYR C 301 10.35 22.02 -13.23
N THR C 302 9.91 22.97 -12.43
CA THR C 302 9.24 24.18 -12.89
C THR C 302 9.91 25.39 -12.23
N THR C 303 9.69 26.59 -12.78
CA THR C 303 10.28 27.79 -12.18
C THR C 303 9.73 28.07 -10.79
N HIS C 304 8.47 27.75 -10.54
CA HIS C 304 7.94 27.96 -9.18
C HIS C 304 8.67 27.08 -8.17
N ALA C 305 8.80 25.79 -8.50
CA ALA C 305 9.46 24.83 -7.62
C ALA C 305 10.90 25.21 -7.38
N VAL C 306 11.64 25.42 -8.47
CA VAL C 306 13.06 25.73 -8.38
C VAL C 306 13.28 27.00 -7.59
N ARG C 307 12.39 27.98 -7.72
CA ARG C 307 12.52 29.23 -6.98
C ARG C 307 12.38 28.99 -5.48
N ASN C 308 11.41 28.18 -5.10
CA ASN C 308 11.21 27.79 -3.72
C ASN C 308 12.39 26.97 -3.20
N MET C 309 12.94 26.10 -4.04
CA MET C 309 14.09 25.29 -3.65
C MET C 309 15.26 26.18 -3.23
N VAL C 310 15.56 27.18 -4.05
CA VAL C 310 16.67 28.08 -3.77
C VAL C 310 16.44 28.91 -2.52
N VAL C 311 15.47 29.81 -2.56
CA VAL C 311 15.14 30.70 -1.46
C VAL C 311 14.94 29.98 -0.13
N LYS C 312 14.05 29.01 -0.09
CA LYS C 312 13.80 28.27 1.15
C LYS C 312 15.11 27.71 1.71
N ALA C 313 15.98 27.20 0.85
CA ALA C 313 17.25 26.64 1.29
C ALA C 313 18.11 27.74 1.93
N PHE C 314 18.31 28.82 1.19
CA PHE C 314 19.08 29.96 1.71
C PHE C 314 18.51 30.49 3.00
N ASP C 315 17.17 30.55 3.07
CA ASP C 315 16.48 30.99 4.27
C ASP C 315 16.82 30.08 5.46
N ASN C 316 16.96 28.78 5.19
CA ASN C 316 17.27 27.82 6.23
C ASN C 316 18.74 27.85 6.61
N ASN C 317 19.54 28.45 5.75
CA ASN C 317 20.97 28.64 5.99
C ASN C 317 21.17 29.96 6.73
N LEU C 318 20.55 31.02 6.21
CA LEU C 318 20.56 32.33 6.83
C LEU C 318 20.12 32.27 8.29
N GLU C 319 19.15 31.41 8.58
CA GLU C 319 18.71 31.17 9.94
C GLU C 319 19.85 30.50 10.71
N LEU C 320 20.20 29.29 10.30
CA LEU C 320 21.26 28.50 10.91
C LEU C 320 22.50 29.33 11.24
N VAL C 321 22.93 30.17 10.31
CA VAL C 321 24.12 30.99 10.47
C VAL C 321 24.11 31.69 11.83
N GLU C 322 22.98 32.24 12.21
CA GLU C 322 22.82 32.98 13.46
C GLU C 322 21.98 32.23 14.48
N GLY C 323 22.10 30.91 14.49
CA GLY C 323 21.38 30.06 15.43
C GLY C 323 19.95 30.51 15.69
N LYS C 324 19.16 30.53 14.62
CA LYS C 324 17.75 30.90 14.72
C LYS C 324 16.85 29.70 14.44
N GLU C 325 15.53 29.90 14.59
CA GLU C 325 15.01 28.45 14.55
C GLU C 325 14.69 28.09 13.14
N ALA C 326 15.38 27.06 12.66
CA ALA C 326 15.33 26.74 11.23
C ALA C 326 13.88 26.61 10.80
N GLU C 327 13.64 26.72 9.50
CA GLU C 327 12.27 26.56 9.01
C GLU C 327 11.96 25.07 8.89
N THR C 328 12.86 24.33 8.25
CA THR C 328 12.67 22.90 8.02
C THR C 328 13.96 22.13 8.24
N PRO C 329 14.30 21.94 9.50
CA PRO C 329 15.49 21.26 9.95
C PRO C 329 15.49 19.76 9.68
N VAL C 330 16.69 19.22 9.57
CA VAL C 330 16.89 17.79 9.39
C VAL C 330 17.43 17.21 10.70
N LYS C 331 17.09 15.95 10.96
CA LYS C 331 17.51 15.31 12.20
C LYS C 331 18.62 14.30 11.94
N VAL C 332 19.71 14.40 12.71
CA VAL C 332 20.81 13.46 12.58
C VAL C 332 21.13 12.78 13.91
N THR D 2 -39.49 2.93 -43.19
CA THR D 2 -38.67 4.16 -43.02
C THR D 2 -37.19 3.81 -43.13
N LYS D 3 -36.51 4.42 -44.09
CA LYS D 3 -35.12 4.09 -44.35
C LYS D 3 -34.23 5.32 -44.54
N ILE D 4 -33.04 5.27 -43.96
CA ILE D 4 -32.07 6.37 -44.10
C ILE D 4 -30.79 5.73 -44.61
N PHE D 5 -30.09 6.38 -45.54
CA PHE D 5 -28.85 5.87 -46.10
C PHE D 5 -27.72 6.87 -45.83
N ALA D 6 -26.56 6.42 -45.36
CA ALA D 6 -25.48 7.34 -45.03
C ALA D 6 -24.27 7.18 -45.95
N TYR D 7 -23.63 8.32 -46.20
CA TYR D 7 -22.44 8.36 -47.05
C TYR D 7 -21.19 8.70 -46.24
N ALA D 8 -20.03 8.29 -46.74
CA ALA D 8 -18.73 8.62 -46.19
C ALA D 8 -18.56 8.22 -44.73
N ILE D 9 -19.23 7.14 -44.32
CA ILE D 9 -19.09 6.64 -42.96
C ILE D 9 -17.71 6.11 -42.65
N ARG D 10 -17.09 6.64 -41.59
CA ARG D 10 -15.76 6.23 -41.17
C ARG D 10 -15.87 5.15 -40.09
N GLU D 11 -14.81 4.41 -39.81
CA GLU D 11 -14.81 3.45 -38.70
C GLU D 11 -15.17 4.09 -37.37
N ASP D 12 -14.59 5.27 -37.10
CA ASP D 12 -14.82 5.96 -35.83
C ASP D 12 -16.26 6.41 -35.66
N GLU D 13 -17.03 6.50 -36.74
CA GLU D 13 -18.44 6.87 -36.60
C GLU D 13 -19.31 5.62 -36.36
N LYS D 14 -18.82 4.44 -36.70
CA LYS D 14 -19.62 3.22 -36.66
C LYS D 14 -20.34 2.94 -35.36
N PRO D 15 -19.68 3.10 -34.22
CA PRO D 15 -20.25 2.81 -32.92
C PRO D 15 -21.44 3.71 -32.63
N PHE D 16 -21.41 4.95 -33.13
CA PHE D 16 -22.51 5.87 -32.84
C PHE D 16 -23.68 5.67 -33.78
N LEU D 17 -23.39 5.17 -34.99
CA LEU D 17 -24.48 4.84 -35.91
C LEU D 17 -25.28 3.69 -35.28
N LYS D 18 -24.54 2.67 -34.86
CA LYS D 18 -25.13 1.51 -34.17
C LYS D 18 -25.96 1.96 -32.98
N GLU D 19 -25.41 2.88 -32.19
CA GLU D 19 -26.16 3.39 -31.03
C GLU D 19 -27.45 4.03 -31.51
N TRP D 20 -27.41 4.77 -32.62
CA TRP D 20 -28.63 5.41 -33.11
C TRP D 20 -29.64 4.34 -33.55
N GLU D 21 -29.13 3.36 -34.29
CA GLU D 21 -29.97 2.27 -34.75
C GLU D 21 -30.72 1.63 -33.58
N ASP D 22 -29.97 1.20 -32.56
CA ASP D 22 -30.55 0.53 -31.41
C ASP D 22 -31.65 1.32 -30.73
N ALA D 23 -31.65 2.64 -30.86
CA ALA D 23 -32.76 3.44 -30.32
C ALA D 23 -33.84 3.68 -31.37
N HIS D 24 -33.69 3.12 -32.56
CA HIS D 24 -34.65 3.30 -33.64
C HIS D 24 -34.76 2.03 -34.49
N LYS D 25 -35.22 0.97 -33.85
CA LYS D 25 -35.32 -0.35 -34.44
C LYS D 25 -36.33 -0.38 -35.57
N ASP D 26 -37.33 0.50 -35.51
CA ASP D 26 -38.31 0.63 -36.57
C ASP D 26 -37.84 1.49 -37.74
N VAL D 27 -36.56 1.82 -37.78
CA VAL D 27 -35.97 2.58 -38.88
C VAL D 27 -34.80 1.78 -39.45
N GLU D 28 -34.78 1.55 -40.77
CA GLU D 28 -33.69 0.78 -41.36
C GLU D 28 -32.54 1.72 -41.78
N VAL D 29 -31.32 1.32 -41.45
CA VAL D 29 -30.17 2.14 -41.79
C VAL D 29 -29.19 1.33 -42.61
N GLU D 30 -28.76 1.91 -43.72
CA GLU D 30 -27.74 1.31 -44.58
C GLU D 30 -26.73 2.39 -44.90
N TYR D 31 -25.48 2.05 -45.22
CA TYR D 31 -24.49 3.11 -45.45
C TYR D 31 -23.33 2.58 -46.27
N THR D 32 -22.50 3.51 -46.74
CA THR D 32 -21.28 3.20 -47.46
C THR D 32 -20.17 4.11 -46.96
N ASP D 33 -18.92 3.77 -47.26
CA ASP D 33 -17.79 4.62 -46.91
C ASP D 33 -17.43 5.53 -48.09
N LYS D 34 -18.23 5.43 -49.15
CA LYS D 34 -18.04 6.26 -50.34
C LYS D 34 -18.69 7.63 -50.21
N LEU D 35 -18.18 8.59 -50.97
CA LEU D 35 -18.75 9.94 -51.02
C LEU D 35 -20.01 9.97 -51.85
N LEU D 36 -20.85 10.98 -51.67
CA LEU D 36 -22.04 11.14 -52.52
C LEU D 36 -21.65 11.84 -53.83
N THR D 37 -21.91 11.19 -54.95
CA THR D 37 -21.74 11.71 -56.29
C THR D 37 -22.98 11.35 -57.11
N PRO D 38 -23.04 11.82 -58.35
CA PRO D 38 -24.15 11.52 -59.25
C PRO D 38 -24.26 10.01 -59.45
N GLU D 39 -23.12 9.33 -59.47
CA GLU D 39 -23.06 7.89 -59.64
C GLU D 39 -23.42 7.08 -58.40
N THR D 40 -23.07 7.55 -57.20
CA THR D 40 -23.34 6.79 -55.98
C THR D 40 -24.68 7.18 -55.37
N VAL D 41 -25.33 8.14 -55.99
CA VAL D 41 -26.65 8.58 -55.59
C VAL D 41 -27.64 7.41 -55.69
N ALA D 42 -27.40 6.54 -56.65
CA ALA D 42 -28.26 5.38 -56.87
C ALA D 42 -28.31 4.50 -55.63
N LEU D 43 -27.18 4.43 -54.92
CA LEU D 43 -27.07 3.65 -53.70
C LEU D 43 -28.18 3.99 -52.73
N ALA D 44 -28.63 5.24 -52.69
CA ALA D 44 -29.71 5.62 -51.78
C ALA D 44 -31.10 5.29 -52.30
N LYS D 45 -31.22 4.76 -53.52
CA LYS D 45 -32.55 4.50 -54.05
C LYS D 45 -33.29 3.56 -53.10
N GLY D 46 -34.46 3.96 -52.65
CA GLY D 46 -35.24 3.15 -51.73
C GLY D 46 -35.41 3.85 -50.38
N ALA D 47 -34.39 4.63 -50.00
CA ALA D 47 -34.41 5.32 -48.72
C ALA D 47 -35.34 6.53 -48.75
N ASP D 48 -35.59 7.10 -47.59
CA ASP D 48 -36.39 8.30 -47.43
C ASP D 48 -35.56 9.56 -47.20
N GLY D 49 -34.30 9.39 -46.84
CA GLY D 49 -33.39 10.51 -46.61
C GLY D 49 -31.93 10.04 -46.65
N VAL D 50 -31.01 11.01 -46.76
CA VAL D 50 -29.59 10.67 -46.78
C VAL D 50 -28.83 11.52 -45.75
N VAL D 51 -27.77 10.91 -45.24
CA VAL D 51 -26.93 11.49 -44.20
C VAL D 51 -25.52 11.55 -44.78
N VAL D 52 -24.95 12.75 -44.78
CA VAL D 52 -23.71 12.97 -45.52
C VAL D 52 -22.70 13.83 -44.77
N TYR D 53 -21.47 13.77 -45.26
CA TYR D 53 -20.36 14.54 -44.72
C TYR D 53 -19.21 14.43 -45.72
N GLN D 54 -18.96 15.53 -46.44
CA GLN D 54 -17.86 15.50 -47.40
C GLN D 54 -17.50 16.91 -47.88
N GLN D 55 -16.25 17.04 -48.31
CA GLN D 55 -15.78 18.28 -48.93
C GLN D 55 -16.10 18.34 -50.42
N LEU D 56 -16.14 17.21 -51.09
CA LEU D 56 -16.53 17.13 -52.51
C LEU D 56 -17.88 17.80 -52.73
N ASP D 57 -17.97 18.70 -53.72
CA ASP D 57 -19.16 19.52 -53.88
C ASP D 57 -20.44 18.72 -54.12
N TYR D 58 -21.54 19.19 -53.55
CA TYR D 58 -22.88 18.72 -53.81
C TYR D 58 -23.47 19.59 -54.95
N ILE D 59 -23.02 19.27 -56.15
CA ILE D 59 -23.42 19.95 -57.37
C ILE D 59 -24.87 19.73 -57.76
N ALA D 60 -25.26 20.46 -58.80
CA ALA D 60 -26.58 20.36 -59.40
C ALA D 60 -26.85 18.92 -59.84
N GLU D 61 -25.88 18.37 -60.55
CA GLU D 61 -25.92 17.01 -61.05
C GLU D 61 -26.08 16.01 -59.90
N THR D 62 -25.43 16.29 -58.78
CA THR D 62 -25.46 15.33 -57.68
C THR D 62 -26.83 15.39 -57.01
N LEU D 63 -27.31 16.61 -56.84
CA LEU D 63 -28.61 16.88 -56.25
C LEU D 63 -29.75 16.37 -57.14
N GLN D 64 -29.60 16.54 -58.45
CA GLN D 64 -30.60 16.06 -59.39
C GLN D 64 -30.76 14.54 -59.27
N ALA D 65 -29.63 13.86 -59.21
CA ALA D 65 -29.57 12.41 -59.13
C ALA D 65 -30.18 11.91 -57.84
N LEU D 66 -29.93 12.59 -56.72
CA LEU D 66 -30.59 12.22 -55.47
C LEU D 66 -32.10 12.31 -55.69
N ALA D 67 -32.53 13.46 -56.23
CA ALA D 67 -33.95 13.69 -56.49
C ALA D 67 -34.52 12.62 -57.42
N ASP D 68 -33.73 12.16 -58.38
CA ASP D 68 -34.16 11.16 -59.33
C ASP D 68 -34.25 9.78 -58.69
N ASN D 69 -33.70 9.64 -57.49
CA ASN D 69 -33.71 8.37 -56.77
C ASN D 69 -34.61 8.45 -55.54
N GLY D 70 -35.40 9.52 -55.50
CA GLY D 70 -36.39 9.69 -54.45
C GLY D 70 -35.97 10.53 -53.27
N ILE D 71 -34.80 11.16 -53.28
CA ILE D 71 -34.33 11.91 -52.11
C ILE D 71 -34.31 13.42 -52.21
N THR D 72 -34.99 14.12 -51.29
CA THR D 72 -34.96 15.56 -51.21
C THR D 72 -34.78 16.03 -49.77
N LYS D 73 -34.30 15.09 -48.95
CA LYS D 73 -34.03 15.33 -47.54
C LYS D 73 -32.60 14.90 -47.21
N MET D 74 -31.74 15.90 -46.99
CA MET D 74 -30.31 15.69 -46.80
C MET D 74 -29.84 16.30 -45.49
N SER D 75 -29.18 15.48 -44.68
CA SER D 75 -28.72 15.89 -43.35
C SER D 75 -27.21 15.77 -43.23
N LEU D 76 -26.50 16.90 -43.11
CA LEU D 76 -25.05 16.81 -43.04
C LEU D 76 -24.65 16.48 -41.59
N ARG D 77 -23.51 15.80 -41.43
CA ARG D 77 -22.97 15.57 -40.10
C ARG D 77 -22.03 16.69 -39.64
N ASN D 78 -21.65 17.54 -40.58
CA ASN D 78 -20.74 18.65 -40.30
C ASN D 78 -21.43 20.00 -40.30
N VAL D 79 -20.65 21.07 -40.13
CA VAL D 79 -21.16 22.43 -40.09
C VAL D 79 -21.31 23.10 -41.46
N GLY D 80 -20.27 23.10 -42.26
CA GLY D 80 -20.27 23.89 -43.50
C GLY D 80 -21.29 23.49 -44.54
N VAL D 81 -21.89 24.48 -45.19
CA VAL D 81 -22.83 24.29 -46.28
C VAL D 81 -22.41 25.05 -47.54
N ASP D 82 -21.19 25.56 -47.54
CA ASP D 82 -20.67 26.37 -48.62
C ASP D 82 -20.45 25.56 -49.90
N ASN D 83 -20.44 24.24 -49.85
CA ASN D 83 -20.17 23.38 -50.97
C ASN D 83 -21.42 22.72 -51.55
N ILE D 84 -22.58 23.31 -51.31
CA ILE D 84 -23.86 22.88 -51.83
C ILE D 84 -24.43 23.88 -52.82
N ASP D 85 -24.82 23.40 -54.00
CA ASP D 85 -25.50 24.27 -54.97
C ASP D 85 -26.92 24.52 -54.49
N MET D 86 -27.10 25.63 -53.79
CA MET D 86 -28.37 25.99 -53.18
C MET D 86 -29.46 26.39 -54.16
N ALA D 87 -29.05 26.90 -55.33
CA ALA D 87 -30.08 27.27 -56.31
C ALA D 87 -30.72 25.99 -56.84
N LYS D 88 -29.93 24.96 -57.10
CA LYS D 88 -30.53 23.70 -57.53
C LYS D 88 -31.36 23.12 -56.38
N ALA D 89 -30.74 23.02 -55.19
CA ALA D 89 -31.41 22.39 -54.06
C ALA D 89 -32.84 22.93 -53.91
N LYS D 90 -32.94 24.25 -53.87
CA LYS D 90 -34.21 24.93 -53.79
C LYS D 90 -35.08 24.59 -54.99
N GLU D 91 -34.49 24.55 -56.18
CA GLU D 91 -35.23 24.19 -57.39
C GLU D 91 -35.84 22.80 -57.24
N LEU D 92 -35.08 21.89 -56.64
CA LEU D 92 -35.55 20.53 -56.43
C LEU D 92 -36.35 20.35 -55.15
N GLY D 93 -36.64 21.41 -54.42
CA GLY D 93 -37.44 21.31 -53.21
C GLY D 93 -36.70 20.62 -52.07
N PHE D 94 -35.37 20.67 -52.08
CA PHE D 94 -34.61 20.05 -51.01
C PHE D 94 -34.88 20.65 -49.64
N GLN D 95 -34.72 19.77 -48.66
CA GLN D 95 -34.77 20.13 -47.25
C GLN D 95 -33.41 19.71 -46.67
N ILE D 96 -32.71 20.66 -46.07
CA ILE D 96 -31.34 20.38 -45.62
C ILE D 96 -31.14 20.78 -44.17
N THR D 97 -30.35 19.96 -43.47
CA THR D 97 -29.94 20.26 -42.10
C THR D 97 -28.44 20.05 -41.97
N ASN D 98 -27.90 20.58 -40.87
CA ASN D 98 -26.51 20.32 -40.54
C ASN D 98 -26.34 20.08 -39.04
N VAL D 99 -25.08 20.12 -38.60
CA VAL D 99 -24.81 20.00 -37.15
C VAL D 99 -23.84 21.12 -36.76
N PRO D 100 -24.37 22.23 -36.30
CA PRO D 100 -23.65 23.43 -35.99
C PRO D 100 -22.81 23.31 -34.71
N VAL D 101 -23.28 22.52 -33.76
CA VAL D 101 -22.62 22.34 -32.48
C VAL D 101 -22.44 20.84 -32.16
N TYR D 102 -21.25 20.42 -31.74
CA TYR D 102 -21.05 19.01 -31.40
C TYR D 102 -20.29 18.78 -30.11
N SER D 103 -19.33 19.65 -29.78
CA SER D 103 -18.62 19.59 -28.51
C SER D 103 -17.64 20.76 -28.40
N PRO D 104 -18.04 21.79 -27.70
CA PRO D 104 -17.23 22.95 -27.41
C PRO D 104 -16.01 22.55 -26.60
N ASN D 105 -16.21 21.54 -25.74
CA ASN D 105 -15.13 21.01 -24.91
C ASN D 105 -14.02 20.40 -25.76
N ALA D 106 -14.37 19.80 -26.90
CA ALA D 106 -13.33 19.24 -27.76
C ALA D 106 -12.28 20.32 -28.08
N ILE D 107 -12.77 21.50 -28.41
CA ILE D 107 -11.91 22.58 -28.92
C ILE D 107 -11.21 23.28 -27.78
N ALA D 108 -11.91 23.56 -26.69
CA ALA D 108 -11.33 24.19 -25.52
C ALA D 108 -10.27 23.32 -24.86
N GLU D 109 -10.51 22.02 -24.74
CA GLU D 109 -9.52 21.12 -24.17
C GLU D 109 -8.25 21.01 -25.01
N HIS D 110 -8.39 21.06 -26.33
CA HIS D 110 -7.23 21.06 -27.20
C HIS D 110 -6.37 22.29 -26.93
N ALA D 111 -6.99 23.47 -26.87
CA ALA D 111 -6.32 24.74 -26.57
C ALA D 111 -5.58 24.59 -25.23
N ALA D 112 -6.30 24.15 -24.20
CA ALA D 112 -5.72 24.06 -22.87
C ALA D 112 -4.50 23.13 -22.85
N ILE D 113 -4.62 21.94 -23.44
CA ILE D 113 -3.55 20.97 -23.45
C ILE D 113 -2.32 21.53 -24.18
N GLN D 114 -2.53 22.09 -25.37
CA GLN D 114 -1.38 22.62 -26.13
C GLN D 114 -0.71 23.75 -25.39
N ALA D 115 -1.50 24.62 -24.78
CA ALA D 115 -0.93 25.75 -24.03
C ALA D 115 -0.03 25.23 -22.91
N ALA D 116 -0.62 24.29 -22.15
CA ALA D 116 0.13 23.74 -21.00
C ALA D 116 1.44 23.13 -21.48
N ARG D 117 1.38 22.37 -22.58
CA ARG D 117 2.58 21.74 -23.11
C ARG D 117 3.61 22.77 -23.52
N ILE D 118 3.20 23.84 -24.18
CA ILE D 118 4.18 24.85 -24.62
C ILE D 118 4.86 25.46 -23.39
N LEU D 119 4.07 25.78 -22.36
CA LEU D 119 4.55 26.34 -21.11
C LEU D 119 5.54 25.39 -20.44
N ARG D 120 5.28 24.08 -20.52
CA ARG D 120 6.16 23.11 -19.86
C ARG D 120 7.42 22.78 -20.60
N GLN D 121 7.51 23.22 -21.87
CA GLN D 121 8.56 22.89 -22.80
C GLN D 121 8.64 21.37 -23.01
N ASP D 122 7.48 20.71 -23.03
CA ASP D 122 7.31 19.31 -23.18
C ASP D 122 7.85 18.81 -24.51
N LYS D 123 7.77 19.55 -25.61
CA LYS D 123 8.29 19.07 -26.88
C LYS D 123 9.80 18.96 -26.86
N ALA D 124 10.45 20.00 -26.31
CA ALA D 124 11.90 19.95 -26.19
C ALA D 124 12.28 18.78 -25.26
N MET D 125 11.52 18.53 -24.20
CA MET D 125 11.87 17.41 -23.31
C MET D 125 11.74 16.09 -24.04
N ASP D 126 10.62 15.90 -24.74
CA ASP D 126 10.38 14.66 -25.50
C ASP D 126 11.43 14.45 -26.58
N GLU D 127 11.89 15.50 -27.25
CA GLU D 127 12.89 15.41 -28.29
C GLU D 127 14.22 14.90 -27.74
N LYS D 128 14.61 15.39 -26.57
CA LYS D 128 15.83 14.88 -25.92
C LYS D 128 15.70 13.42 -25.53
N VAL D 129 14.62 13.09 -24.82
CA VAL D 129 14.35 11.74 -24.36
C VAL D 129 14.30 10.72 -25.47
N ALA D 130 13.69 11.07 -26.60
CA ALA D 130 13.60 10.17 -27.74
C ALA D 130 15.00 9.79 -28.25
N ARG D 131 15.96 10.68 -28.12
CA ARG D 131 17.33 10.45 -28.53
C ARG D 131 18.18 9.88 -27.39
N HIS D 132 17.58 9.69 -26.22
CA HIS D 132 18.24 9.10 -25.07
C HIS D 132 19.12 10.04 -24.26
N ASP D 133 18.89 11.34 -24.40
CA ASP D 133 19.48 12.34 -23.52
C ASP D 133 18.47 12.54 -22.40
N LEU D 134 18.71 11.93 -21.25
CA LEU D 134 17.76 11.94 -20.15
C LEU D 134 18.04 12.99 -19.10
N ARG D 135 18.88 13.98 -19.40
CA ARG D 135 19.12 15.06 -18.44
C ARG D 135 17.94 16.04 -18.46
N TRP D 136 17.41 16.46 -17.31
CA TRP D 136 16.28 17.39 -17.43
C TRP D 136 16.76 18.81 -17.74
N ALA D 137 17.81 19.26 -17.05
CA ALA D 137 18.27 20.64 -17.25
C ALA D 137 18.66 20.79 -18.71
N PRO D 138 18.49 21.95 -19.28
CA PRO D 138 17.93 23.16 -18.68
C PRO D 138 16.49 23.39 -19.08
N THR D 139 15.82 22.30 -19.43
CA THR D 139 14.46 22.33 -19.97
C THR D 139 13.38 22.52 -18.93
N ILE D 140 13.39 23.65 -18.26
CA ILE D 140 12.50 23.90 -17.12
C ILE D 140 11.10 24.27 -17.54
N GLY D 141 10.10 23.77 -16.81
CA GLY D 141 8.72 24.11 -17.03
C GLY D 141 8.18 25.36 -16.37
N ARG D 142 7.15 25.94 -17.00
CA ARG D 142 6.35 27.00 -16.40
C ARG D 142 4.99 26.43 -16.00
N GLU D 143 4.57 26.58 -14.76
CA GLU D 143 3.26 26.09 -14.32
C GLU D 143 2.13 26.96 -14.86
N VAL D 144 1.02 26.34 -15.21
CA VAL D 144 -0.17 27.02 -15.66
C VAL D 144 -0.69 27.93 -14.55
N ARG D 145 -0.59 27.47 -13.30
CA ARG D 145 -1.11 28.26 -12.20
C ARG D 145 -0.35 29.58 -12.03
N ASP D 146 0.87 29.68 -12.55
CA ASP D 146 1.69 30.88 -12.40
C ASP D 146 1.35 31.93 -13.46
N GLN D 147 0.53 31.59 -14.44
CA GLN D 147 0.24 32.50 -15.54
C GLN D 147 -1.02 33.33 -15.38
N VAL D 148 -1.02 34.45 -16.13
CA VAL D 148 -2.25 35.20 -16.35
C VAL D 148 -2.67 34.79 -17.77
N VAL D 149 -3.86 34.25 -17.90
CA VAL D 149 -4.36 33.73 -19.18
C VAL D 149 -5.45 34.64 -19.75
N GLY D 150 -5.16 35.14 -20.96
CA GLY D 150 -6.04 36.03 -21.70
C GLY D 150 -6.90 35.29 -22.71
N VAL D 151 -8.22 35.33 -22.55
CA VAL D 151 -9.11 34.60 -23.45
C VAL D 151 -9.84 35.59 -24.37
N VAL D 152 -9.59 35.46 -25.67
CA VAL D 152 -10.18 36.40 -26.64
C VAL D 152 -11.46 35.82 -27.20
N GLY D 153 -12.61 36.23 -26.70
CA GLY D 153 -13.87 35.60 -27.06
C GLY D 153 -14.41 34.74 -25.91
N THR D 154 -15.59 35.14 -25.45
CA THR D 154 -16.24 34.46 -24.34
C THR D 154 -17.58 33.84 -24.76
N GLY D 155 -17.55 33.14 -25.89
CA GLY D 155 -18.63 32.30 -26.35
C GLY D 155 -18.54 30.95 -25.62
N HIS D 156 -19.22 29.96 -26.13
CA HIS D 156 -19.27 28.66 -25.46
C HIS D 156 -17.87 28.08 -25.29
N ILE D 157 -17.11 28.01 -26.39
CA ILE D 157 -15.76 27.50 -26.35
C ILE D 157 -14.86 28.29 -25.42
N GLY D 158 -14.81 29.61 -25.56
CA GLY D 158 -14.04 30.47 -24.68
C GLY D 158 -14.29 30.15 -23.20
N GLN D 159 -15.55 30.08 -22.82
CA GLN D 159 -15.96 29.86 -21.44
C GLN D 159 -15.51 28.51 -20.90
N VAL D 160 -15.55 27.48 -21.72
CA VAL D 160 -15.00 26.19 -21.27
C VAL D 160 -13.50 26.36 -21.04
N PHE D 161 -12.82 27.06 -21.96
CA PHE D 161 -11.37 27.23 -21.80
C PHE D 161 -11.07 28.04 -20.55
N MET D 162 -11.92 29.00 -20.21
CA MET D 162 -11.77 29.75 -18.96
C MET D 162 -11.88 28.85 -17.73
N GLN D 163 -12.84 27.94 -17.74
CA GLN D 163 -13.08 27.03 -16.63
C GLN D 163 -11.88 26.11 -16.41
N ILE D 164 -11.30 25.59 -17.49
CA ILE D 164 -10.15 24.71 -17.40
C ILE D 164 -8.94 25.43 -16.83
N MET D 165 -8.64 26.61 -17.39
CA MET D 165 -7.48 27.35 -16.90
C MET D 165 -7.63 27.75 -15.44
N GLU D 166 -8.83 28.12 -15.04
CA GLU D 166 -9.13 28.44 -13.65
C GLU D 166 -8.95 27.21 -12.76
N GLY D 167 -9.34 26.04 -13.25
CA GLY D 167 -9.15 24.80 -12.51
C GLY D 167 -7.68 24.52 -12.26
N PHE D 168 -6.79 24.99 -13.13
CA PHE D 168 -5.37 24.85 -12.89
C PHE D 168 -4.94 25.86 -11.83
N GLY D 169 -5.70 26.90 -11.58
CA GLY D 169 -5.30 27.95 -10.64
C GLY D 169 -4.73 29.18 -11.32
N ALA D 170 -4.83 29.31 -12.64
CA ALA D 170 -4.36 30.54 -13.29
C ALA D 170 -5.33 31.69 -13.05
N LYS D 171 -4.85 32.90 -13.17
CA LYS D 171 -5.73 34.09 -13.16
C LYS D 171 -6.24 34.26 -14.59
N VAL D 172 -7.53 34.31 -14.80
CA VAL D 172 -8.11 34.37 -16.14
C VAL D 172 -8.68 35.77 -16.39
N ILE D 173 -8.29 36.35 -17.53
CA ILE D 173 -8.85 37.61 -17.98
C ILE D 173 -9.42 37.42 -19.38
N THR D 174 -10.34 38.31 -19.79
CA THR D 174 -10.98 38.07 -21.07
C THR D 174 -11.35 39.35 -21.81
N TYR D 175 -11.55 39.18 -23.10
CA TYR D 175 -11.98 40.27 -23.99
C TYR D 175 -13.05 39.74 -24.94
N ASP D 176 -14.16 40.47 -25.02
CA ASP D 176 -15.23 40.12 -25.94
C ASP D 176 -15.98 41.43 -26.24
N ILE D 177 -16.29 41.70 -27.50
CA ILE D 177 -16.96 42.98 -27.81
C ILE D 177 -18.35 43.05 -27.20
N PHE D 178 -18.99 41.90 -27.04
CA PHE D 178 -20.28 41.74 -26.39
C PHE D 178 -20.08 40.90 -25.10
N ARG D 179 -19.97 41.63 -23.98
CA ARG D 179 -19.68 40.95 -22.72
C ARG D 179 -20.80 40.08 -22.17
N ASN D 180 -20.49 38.87 -21.73
CA ASN D 180 -21.44 38.01 -21.04
C ASN D 180 -21.73 38.64 -19.67
N PRO D 181 -22.99 38.87 -19.37
CA PRO D 181 -23.44 39.61 -18.21
C PRO D 181 -22.92 39.05 -16.89
N GLU D 182 -22.98 37.74 -16.71
CA GLU D 182 -22.45 37.08 -15.52
C GLU D 182 -20.93 37.16 -15.44
N LEU D 183 -20.23 37.02 -16.57
CA LEU D 183 -18.78 37.13 -16.57
C LEU D 183 -18.36 38.55 -16.24
N GLU D 184 -19.12 39.52 -16.74
CA GLU D 184 -18.82 40.92 -16.47
C GLU D 184 -19.01 41.19 -14.97
N LYS D 185 -20.07 40.64 -14.39
CA LYS D 185 -20.31 40.83 -12.96
C LYS D 185 -19.11 40.31 -12.16
N LYS D 186 -18.60 39.16 -12.56
CA LYS D 186 -17.43 38.58 -11.89
C LYS D 186 -16.11 39.28 -12.19
N GLY D 187 -16.08 40.27 -13.06
CA GLY D 187 -14.90 41.07 -13.30
C GLY D 187 -13.86 40.49 -14.23
N TYR D 188 -14.18 39.57 -15.13
CA TYR D 188 -13.17 39.00 -16.02
C TYR D 188 -12.70 39.92 -17.14
N TYR D 189 -13.58 40.80 -17.61
CA TYR D 189 -13.27 41.59 -18.79
C TYR D 189 -12.29 42.73 -18.60
N VAL D 190 -11.40 42.87 -19.58
CA VAL D 190 -10.57 44.05 -19.70
C VAL D 190 -11.20 44.95 -20.76
N ASP D 191 -10.93 46.25 -20.74
CA ASP D 191 -11.57 47.19 -21.66
C ASP D 191 -11.10 47.10 -23.10
N SER D 192 -9.82 46.78 -23.34
CA SER D 192 -9.36 46.64 -24.71
C SER D 192 -8.46 45.43 -24.92
N LEU D 193 -8.26 45.09 -26.19
CA LEU D 193 -7.31 44.04 -26.56
C LEU D 193 -5.92 44.43 -26.08
N ASP D 194 -5.56 45.71 -26.24
CA ASP D 194 -4.25 46.17 -25.80
C ASP D 194 -4.04 45.89 -24.30
N ASP D 195 -5.05 46.07 -23.47
CA ASP D 195 -4.98 45.73 -22.06
C ASP D 195 -4.77 44.22 -21.84
N LEU D 196 -5.39 43.40 -22.67
CA LEU D 196 -5.22 41.95 -22.58
C LEU D 196 -3.79 41.57 -22.91
N TYR D 197 -3.25 42.14 -23.98
CA TYR D 197 -1.88 41.93 -24.41
C TYR D 197 -0.87 42.35 -23.36
N LYS D 198 -1.12 43.49 -22.74
CA LYS D 198 -0.25 44.01 -21.69
C LYS D 198 -0.14 43.03 -20.52
N GLN D 199 -1.26 42.44 -20.13
CA GLN D 199 -1.32 41.61 -18.93
C GLN D 199 -1.10 40.12 -19.11
N ALA D 200 -1.36 39.59 -20.29
CA ALA D 200 -1.41 38.13 -20.48
C ALA D 200 -0.10 37.45 -20.80
N ASP D 201 0.13 36.34 -20.10
CA ASP D 201 1.27 35.45 -20.35
C ASP D 201 0.91 34.41 -21.41
N VAL D 202 -0.35 34.02 -21.42
CA VAL D 202 -0.95 33.12 -22.37
C VAL D 202 -2.16 33.78 -23.05
N ILE D 203 -2.20 33.69 -24.38
CA ILE D 203 -3.33 34.27 -25.12
C ILE D 203 -3.95 33.19 -25.99
N SER D 204 -5.24 32.93 -25.79
CA SER D 204 -5.86 31.89 -26.61
C SER D 204 -7.04 32.49 -27.37
N LEU D 205 -7.15 32.21 -28.66
CA LEU D 205 -8.17 32.87 -29.49
C LEU D 205 -9.39 31.99 -29.69
N HIS D 206 -10.56 32.52 -29.38
CA HIS D 206 -11.84 31.83 -29.44
C HIS D 206 -12.93 32.72 -30.00
N VAL D 207 -12.53 33.41 -31.08
CA VAL D 207 -13.42 34.30 -31.84
C VAL D 207 -13.47 33.84 -33.29
N PRO D 208 -14.53 34.15 -34.02
CA PRO D 208 -14.67 33.92 -35.43
C PRO D 208 -13.81 34.89 -36.23
N ASP D 209 -13.40 34.50 -37.43
CA ASP D 209 -12.55 35.36 -38.26
C ASP D 209 -13.41 36.35 -39.06
N VAL D 210 -14.29 37.05 -38.36
CA VAL D 210 -15.01 38.13 -39.07
C VAL D 210 -13.95 39.16 -39.40
N PRO D 211 -14.25 40.09 -40.30
CA PRO D 211 -13.30 41.05 -40.82
C PRO D 211 -12.53 41.83 -39.80
N ALA D 212 -13.17 42.26 -38.71
CA ALA D 212 -12.52 42.98 -37.64
C ALA D 212 -11.40 42.18 -36.98
N ASN D 213 -11.46 40.84 -37.04
CA ASN D 213 -10.49 39.98 -36.38
C ASN D 213 -9.45 39.40 -37.32
N VAL D 214 -9.50 39.72 -38.62
CA VAL D 214 -8.50 39.16 -39.54
C VAL D 214 -7.13 39.74 -39.29
N HIS D 215 -6.16 38.84 -39.12
CA HIS D 215 -4.79 39.21 -38.80
C HIS D 215 -4.72 40.07 -37.54
N MET D 216 -5.56 39.75 -36.55
CA MET D 216 -5.50 40.46 -35.27
C MET D 216 -4.16 40.26 -34.58
N ILE D 217 -3.56 39.10 -34.80
CA ILE D 217 -2.23 38.82 -34.29
C ILE D 217 -1.22 39.22 -35.38
N ASN D 218 -0.51 40.32 -35.15
CA ASN D 218 0.39 40.86 -36.17
C ASN D 218 1.62 41.46 -35.52
N ASP D 219 2.52 42.05 -36.31
CA ASP D 219 3.70 42.65 -35.70
C ASP D 219 3.37 43.64 -34.60
N GLU D 220 2.37 44.50 -34.78
CA GLU D 220 2.06 45.52 -33.79
C GLU D 220 1.52 44.87 -32.51
N SER D 221 0.58 43.94 -32.65
CA SER D 221 -0.03 43.35 -31.45
C SER D 221 0.99 42.51 -30.68
N ILE D 222 1.82 41.77 -31.40
CA ILE D 222 2.87 40.98 -30.75
C ILE D 222 3.82 41.90 -29.99
N ALA D 223 4.11 43.08 -30.54
CA ALA D 223 5.00 44.00 -29.83
C ALA D 223 4.41 44.43 -28.50
N LYS D 224 3.10 44.55 -28.39
CA LYS D 224 2.42 44.95 -27.17
C LYS D 224 2.30 43.81 -26.14
N MET D 225 2.47 42.59 -26.60
CA MET D 225 2.36 41.42 -25.72
C MET D 225 3.53 41.34 -24.74
N LYS D 226 3.36 40.56 -23.69
CA LYS D 226 4.39 40.33 -22.69
C LYS D 226 5.52 39.47 -23.23
N GLN D 227 6.71 39.72 -22.71
CA GLN D 227 7.88 38.86 -22.97
C GLN D 227 7.53 37.43 -22.55
N ASP D 228 7.90 36.45 -23.35
CA ASP D 228 7.60 35.05 -23.08
C ASP D 228 6.15 34.63 -23.23
N VAL D 229 5.36 35.41 -23.92
CA VAL D 229 3.96 35.11 -24.20
C VAL D 229 3.87 33.79 -24.98
N VAL D 230 2.84 33.04 -24.65
CA VAL D 230 2.43 31.82 -25.36
C VAL D 230 1.12 32.12 -26.07
N ILE D 231 1.14 31.93 -27.39
CA ILE D 231 0.01 32.17 -28.26
C ILE D 231 -0.59 30.84 -28.73
N VAL D 232 -1.90 30.72 -28.61
CA VAL D 232 -2.66 29.57 -29.04
C VAL D 232 -3.82 29.98 -29.95
N ASN D 233 -3.92 29.32 -31.10
CA ASN D 233 -5.02 29.53 -32.02
C ASN D 233 -5.60 28.21 -32.51
N VAL D 234 -6.68 27.76 -31.90
CA VAL D 234 -7.39 26.58 -32.44
C VAL D 234 -8.69 26.98 -33.13
N SER D 235 -8.87 28.26 -33.38
CA SER D 235 -10.10 28.80 -33.94
C SER D 235 -10.08 28.95 -35.45
N ARG D 236 -9.35 29.91 -36.00
CA ARG D 236 -9.40 30.19 -37.43
C ARG D 236 -8.07 30.72 -37.95
N GLY D 237 -7.63 30.13 -39.06
CA GLY D 237 -6.38 30.48 -39.71
C GLY D 237 -6.14 31.96 -39.94
N PRO D 238 -7.09 32.67 -40.52
CA PRO D 238 -6.94 34.07 -40.86
C PRO D 238 -6.89 35.01 -39.68
N LEU D 239 -7.05 34.52 -38.43
CA LEU D 239 -6.89 35.37 -37.26
C LEU D 239 -5.44 35.79 -37.07
N VAL D 240 -4.53 34.98 -37.56
CA VAL D 240 -3.11 35.16 -37.36
C VAL D 240 -2.32 35.39 -38.66
N ASP D 241 -1.49 36.42 -38.59
CA ASP D 241 -0.49 36.65 -39.66
C ASP D 241 0.67 35.72 -39.33
N THR D 242 0.75 34.58 -39.99
CA THR D 242 1.75 33.57 -39.65
C THR D 242 3.16 34.15 -39.57
N ASP D 243 3.55 34.95 -40.55
CA ASP D 243 4.89 35.52 -40.56
C ASP D 243 5.18 36.38 -39.35
N ALA D 244 4.18 37.12 -38.87
CA ALA D 244 4.36 37.94 -37.69
C ALA D 244 4.73 37.04 -36.49
N VAL D 245 4.01 35.93 -36.36
CA VAL D 245 4.29 34.99 -35.28
C VAL D 245 5.68 34.40 -35.45
N ILE D 246 6.10 34.04 -36.66
CA ILE D 246 7.47 33.53 -36.82
C ILE D 246 8.53 34.57 -36.44
N ARG D 247 8.28 35.84 -36.80
CA ARG D 247 9.20 36.89 -36.37
C ARG D 247 9.27 36.97 -34.86
N GLY D 248 8.13 36.85 -34.18
CA GLY D 248 8.08 36.84 -32.73
C GLY D 248 8.83 35.66 -32.13
N LEU D 249 8.68 34.48 -32.72
CA LEU D 249 9.42 33.30 -32.25
C LEU D 249 10.93 33.49 -32.48
N ASP D 250 11.29 33.96 -33.66
CA ASP D 250 12.68 34.19 -34.04
C ASP D 250 13.40 35.21 -33.18
N SER D 251 12.71 36.26 -32.76
CA SER D 251 13.31 37.31 -31.93
C SER D 251 13.39 36.91 -30.46
N GLY D 252 12.65 35.87 -30.08
CA GLY D 252 12.65 35.39 -28.71
C GLY D 252 11.56 36.01 -27.87
N LYS D 253 10.71 36.85 -28.46
CA LYS D 253 9.60 37.46 -27.76
C LYS D 253 8.53 36.44 -27.39
N ILE D 254 8.13 35.65 -28.36
CA ILE D 254 7.11 34.62 -28.23
C ILE D 254 7.78 33.32 -27.78
N PHE D 255 7.37 32.83 -26.62
CA PHE D 255 7.90 31.62 -26.03
C PHE D 255 7.51 30.37 -26.82
N GLY D 256 6.33 30.39 -27.40
CA GLY D 256 5.85 29.27 -28.21
C GLY D 256 4.46 29.57 -28.77
N TYR D 257 4.08 28.74 -29.73
CA TYR D 257 2.86 28.94 -30.48
C TYR D 257 2.19 27.60 -30.79
N ALA D 258 0.91 27.46 -30.42
CA ALA D 258 0.16 26.25 -30.77
C ALA D 258 -0.86 26.68 -31.83
N MET D 259 -0.81 26.00 -32.98
CA MET D 259 -1.73 26.27 -34.08
C MET D 259 -2.42 25.01 -34.59
N ASP D 260 -3.74 24.97 -34.57
CA ASP D 260 -4.55 23.90 -35.09
C ASP D 260 -5.12 24.32 -36.46
N VAL D 261 -4.79 25.55 -36.83
CA VAL D 261 -5.29 26.16 -38.06
C VAL D 261 -4.19 27.00 -38.73
N TYR D 262 -4.31 27.19 -40.02
CA TYR D 262 -3.22 27.82 -40.81
C TYR D 262 -3.79 28.38 -42.10
N GLU D 263 -3.52 29.65 -42.38
CA GLU D 263 -4.12 30.31 -43.55
C GLU D 263 -3.60 29.80 -44.87
N GLY D 264 -2.58 28.97 -44.94
CA GLY D 264 -2.24 28.26 -46.18
C GLY D 264 -2.61 26.79 -46.19
N GLU D 265 -3.53 26.34 -45.34
CA GLU D 265 -3.84 24.93 -45.19
C GLU D 265 -4.67 24.28 -46.26
N VAL D 266 -5.39 25.07 -47.08
CA VAL D 266 -6.22 24.47 -48.12
C VAL D 266 -5.40 23.62 -49.08
N GLY D 267 -5.82 22.38 -49.24
CA GLY D 267 -5.18 21.42 -50.11
C GLY D 267 -3.91 20.82 -49.53
N ILE D 268 -3.56 21.18 -48.30
CA ILE D 268 -2.39 20.67 -47.60
C ILE D 268 -2.78 19.92 -46.32
N PHE D 269 -3.51 20.52 -45.41
CA PHE D 269 -4.09 19.87 -44.26
C PHE D 269 -5.05 18.79 -44.76
N ASN D 270 -5.08 17.66 -44.07
CA ASN D 270 -5.92 16.51 -44.35
C ASN D 270 -5.54 15.77 -45.61
N GLU D 271 -4.27 15.79 -45.97
CA GLU D 271 -3.70 15.03 -47.07
C GLU D 271 -2.44 14.34 -46.53
N ASP D 272 -2.13 13.20 -47.10
CA ASP D 272 -0.95 12.45 -46.71
C ASP D 272 0.22 12.79 -47.62
N TRP D 273 1.22 13.49 -47.07
CA TRP D 273 2.41 13.83 -47.84
C TRP D 273 3.60 12.95 -47.47
N GLU D 274 3.34 11.91 -46.70
CA GLU D 274 4.44 11.05 -46.26
C GLU D 274 5.17 10.42 -47.43
N GLY D 275 6.47 10.64 -47.53
CA GLY D 275 7.27 10.05 -48.60
C GLY D 275 7.11 10.81 -49.90
N LYS D 276 6.53 12.00 -49.81
CA LYS D 276 6.36 12.85 -50.97
C LYS D 276 7.07 14.18 -50.73
N GLU D 277 7.16 14.99 -51.77
CA GLU D 277 7.66 16.35 -51.65
C GLU D 277 6.59 17.21 -50.98
N PHE D 278 6.95 17.86 -49.89
CA PHE D 278 6.00 18.71 -49.15
C PHE D 278 5.85 20.06 -49.83
N PRO D 279 4.62 20.50 -50.01
CA PRO D 279 4.27 21.68 -50.77
C PRO D 279 4.65 23.01 -50.14
N ASP D 280 4.82 23.10 -48.83
CA ASP D 280 4.97 24.36 -48.13
C ASP D 280 6.10 24.31 -47.11
N ALA D 281 7.21 24.95 -47.46
CA ALA D 281 8.41 24.93 -46.65
C ALA D 281 8.22 25.67 -45.33
N ARG D 282 7.35 26.68 -45.33
CA ARG D 282 7.06 27.43 -44.11
C ARG D 282 6.34 26.53 -43.10
N LEU D 283 5.34 25.81 -43.59
CA LEU D 283 4.60 24.90 -42.73
C LEU D 283 5.49 23.76 -42.26
N ALA D 284 6.32 23.22 -43.13
CA ALA D 284 7.21 22.11 -42.74
C ALA D 284 8.09 22.62 -41.59
N ASP D 285 8.53 23.87 -41.72
CA ASP D 285 9.40 24.46 -40.71
C ASP D 285 8.66 24.65 -39.38
N LEU D 286 7.43 25.14 -39.42
CA LEU D 286 6.62 25.32 -38.22
C LEU D 286 6.38 23.98 -37.53
N ILE D 287 6.10 22.93 -38.28
CA ILE D 287 5.88 21.60 -37.73
C ILE D 287 7.09 21.14 -36.92
N ALA D 288 8.29 21.42 -37.45
CA ALA D 288 9.51 20.94 -36.81
C ALA D 288 10.13 21.81 -35.75
N ARG D 289 9.66 23.00 -35.46
CA ARG D 289 10.24 23.89 -34.45
C ARG D 289 9.97 23.31 -33.06
N PRO D 290 10.91 23.44 -32.15
CA PRO D 290 10.86 22.93 -30.81
C PRO D 290 9.79 23.58 -29.95
N ASN D 291 9.40 24.81 -30.29
CA ASN D 291 8.41 25.51 -29.48
C ASN D 291 7.15 25.87 -30.26
N VAL D 292 6.83 25.09 -31.28
CA VAL D 292 5.59 25.21 -32.02
C VAL D 292 4.93 23.82 -32.04
N LEU D 293 3.62 23.80 -31.84
CA LEU D 293 2.86 22.56 -31.86
C LEU D 293 1.82 22.73 -32.98
N VAL D 294 2.06 22.07 -34.11
CA VAL D 294 1.15 22.10 -35.24
C VAL D 294 0.21 20.89 -35.24
N THR D 295 -1.09 21.17 -35.32
CA THR D 295 -2.03 20.02 -35.53
C THR D 295 -2.86 20.39 -36.73
N PRO D 296 -3.40 19.43 -37.47
CA PRO D 296 -4.06 19.70 -38.75
C PRO D 296 -5.56 19.85 -38.67
N LYS D 297 -6.05 20.87 -37.97
CA LYS D 297 -7.46 21.11 -37.77
C LYS D 297 -8.14 19.91 -37.10
N THR D 298 -7.56 19.49 -35.97
CA THR D 298 -8.07 18.36 -35.22
C THR D 298 -8.68 18.73 -33.87
N ALA D 299 -8.90 19.99 -33.56
CA ALA D 299 -9.49 20.43 -32.30
C ALA D 299 -10.88 19.83 -32.07
N PHE D 300 -11.63 19.69 -33.16
CA PHE D 300 -12.93 19.07 -33.10
C PHE D 300 -12.92 17.57 -32.88
N TYR D 301 -11.86 16.84 -33.16
CA TYR D 301 -11.89 15.41 -33.41
C TYR D 301 -11.73 14.51 -32.19
N THR D 302 -12.86 14.40 -31.49
CA THR D 302 -12.99 13.60 -30.30
C THR D 302 -14.24 12.71 -30.37
N THR D 303 -14.23 11.64 -29.56
CA THR D 303 -15.35 10.70 -29.57
C THR D 303 -16.64 11.38 -29.16
N HIS D 304 -16.60 12.36 -28.26
CA HIS D 304 -17.81 13.07 -27.88
C HIS D 304 -18.34 13.86 -29.08
N ALA D 305 -17.43 14.55 -29.77
CA ALA D 305 -17.85 15.37 -30.90
C ALA D 305 -18.50 14.53 -32.00
N VAL D 306 -17.80 13.49 -32.41
CA VAL D 306 -18.23 12.61 -33.48
C VAL D 306 -19.52 11.88 -33.14
N ARG D 307 -19.68 11.51 -31.87
CA ARG D 307 -20.92 10.86 -31.46
C ARG D 307 -22.08 11.82 -31.69
N ASN D 308 -21.86 13.10 -31.41
CA ASN D 308 -22.86 14.12 -31.60
C ASN D 308 -23.13 14.44 -33.07
N MET D 309 -22.10 14.38 -33.89
CA MET D 309 -22.24 14.63 -35.33
C MET D 309 -23.16 13.60 -35.96
N VAL D 310 -22.96 12.34 -35.60
CA VAL D 310 -23.72 11.22 -36.09
C VAL D 310 -25.17 11.21 -35.57
N VAL D 311 -25.33 11.27 -34.25
CA VAL D 311 -26.67 11.22 -33.65
C VAL D 311 -27.51 12.42 -34.04
N LYS D 312 -26.93 13.63 -33.99
CA LYS D 312 -27.66 14.83 -34.38
C LYS D 312 -27.99 14.83 -35.88
N ALA D 313 -27.15 14.30 -36.75
CA ALA D 313 -27.48 14.23 -38.17
C ALA D 313 -28.65 13.28 -38.41
N PHE D 314 -28.59 12.09 -37.82
CA PHE D 314 -29.67 11.11 -37.92
C PHE D 314 -30.93 11.60 -37.26
N ASP D 315 -30.88 12.30 -36.13
CA ASP D 315 -32.06 12.87 -35.51
C ASP D 315 -32.70 13.92 -36.43
N ASN D 316 -31.86 14.70 -37.12
CA ASN D 316 -32.39 15.70 -38.03
C ASN D 316 -33.03 15.05 -39.25
N ASN D 317 -32.38 14.03 -39.83
CA ASN D 317 -32.95 13.41 -41.00
C ASN D 317 -34.31 12.79 -40.68
N LEU D 318 -34.41 12.05 -39.57
CA LEU D 318 -35.67 11.45 -39.15
C LEU D 318 -36.77 12.47 -38.95
N GLU D 319 -36.45 13.65 -38.43
CA GLU D 319 -37.43 14.70 -38.28
C GLU D 319 -37.92 15.16 -39.65
N LEU D 320 -37.01 15.15 -40.62
CA LEU D 320 -37.38 15.61 -41.96
C LEU D 320 -38.39 14.61 -42.53
N VAL D 321 -37.97 13.36 -42.56
CA VAL D 321 -38.78 12.26 -43.07
C VAL D 321 -40.13 12.19 -42.36
N GLU D 322 -40.18 12.35 -41.05
CA GLU D 322 -41.42 12.25 -40.31
C GLU D 322 -42.26 13.51 -40.38
N GLY D 323 -41.82 14.53 -41.10
CA GLY D 323 -42.58 15.76 -41.26
C GLY D 323 -42.57 16.60 -39.99
N LYS D 324 -41.70 16.24 -39.04
CA LYS D 324 -41.58 16.99 -37.80
C LYS D 324 -40.47 18.03 -37.92
N GLU D 325 -40.55 19.11 -37.16
CA GLU D 325 -39.56 20.17 -37.28
C GLU D 325 -38.14 19.69 -36.96
N ALA D 326 -37.23 19.97 -37.87
CA ALA D 326 -35.83 19.60 -37.72
C ALA D 326 -35.18 20.50 -36.68
N GLU D 327 -34.31 19.96 -35.84
CA GLU D 327 -33.66 20.75 -34.81
C GLU D 327 -32.73 21.82 -35.38
N THR D 328 -31.95 21.51 -36.40
CA THR D 328 -30.98 22.51 -36.91
C THR D 328 -30.95 22.51 -38.43
N PRO D 329 -32.02 23.00 -39.03
CA PRO D 329 -32.16 23.07 -40.47
C PRO D 329 -31.28 24.18 -41.01
N VAL D 330 -31.04 24.14 -42.31
CA VAL D 330 -30.30 25.19 -43.01
C VAL D 330 -31.19 25.84 -44.07
N LYS D 331 -31.12 27.16 -44.21
CA LYS D 331 -31.88 27.88 -45.23
C LYS D 331 -31.43 27.49 -46.62
N VAL D 332 -32.34 26.99 -47.44
CA VAL D 332 -31.98 26.53 -48.78
C VAL D 332 -32.30 27.56 -49.85
N GLY D 333 -31.25 28.18 -50.38
CA GLY D 333 -31.43 29.22 -51.40
C GLY D 333 -32.32 30.32 -50.85
#